data_6K5T
#
_entry.id   6K5T
#
loop_
_entity.id
_entity.type
_entity.pdbx_description
1 polymer 'Small ubiquitin-related modifier 1'
2 polymer '12-mer from Viral transcription factor IE2'
#
loop_
_entity_poly.entity_id
_entity_poly.type
_entity_poly.pdbx_seq_one_letter_code
_entity_poly.pdbx_strand_id
1 'polypeptide(L)' YIKLKVIGQDSSEIHFKVKMTTHLKKLKESYCQRQGVPMNSLRFLFEGQRIADNHTPKELGMEEEDVIEVYQEQTGG A
2 'polypeptide(L)' DTAGCIVI(SEP)D(SEP)E B
#
# COMPACT_ATOMS: atom_id res chain seq x y z
N TYR A 1 -14.13 7.25 -0.54
CA TYR A 1 -13.01 6.37 -0.24
C TYR A 1 -12.48 5.71 -1.49
N ILE A 2 -11.17 5.53 -1.54
CA ILE A 2 -10.53 4.88 -2.67
C ILE A 2 -10.08 3.47 -2.26
N LYS A 3 -10.72 2.45 -2.83
CA LYS A 3 -10.38 1.08 -2.49
C LYS A 3 -9.37 0.53 -3.46
N LEU A 4 -8.16 0.30 -2.96
CA LEU A 4 -7.08 -0.24 -3.77
C LEU A 4 -7.04 -1.76 -3.65
N LYS A 5 -6.53 -2.41 -4.69
CA LYS A 5 -6.44 -3.87 -4.70
C LYS A 5 -5.05 -4.30 -4.28
N VAL A 6 -4.95 -4.82 -3.07
CA VAL A 6 -3.69 -5.30 -2.53
C VAL A 6 -3.65 -6.83 -2.57
N ILE A 7 -3.29 -7.37 -3.73
CA ILE A 7 -3.22 -8.81 -3.90
C ILE A 7 -1.82 -9.32 -3.58
N GLY A 8 -1.72 -10.12 -2.54
CA GLY A 8 -0.44 -10.65 -2.14
C GLY A 8 0.04 -11.76 -3.06
N GLN A 9 1.34 -12.03 -3.02
CA GLN A 9 1.96 -13.07 -3.83
C GLN A 9 1.35 -14.44 -3.51
N ASP A 10 0.83 -14.55 -2.30
CA ASP A 10 0.21 -15.78 -1.81
C ASP A 10 -1.26 -15.86 -2.20
N SER A 11 -1.69 -14.97 -3.08
CA SER A 11 -3.07 -14.92 -3.56
C SER A 11 -4.04 -14.58 -2.43
N SER A 12 -3.83 -13.42 -1.83
CA SER A 12 -4.67 -12.92 -0.75
C SER A 12 -5.39 -11.66 -1.22
N GLU A 13 -6.68 -11.53 -0.89
CA GLU A 13 -7.45 -10.36 -1.29
C GLU A 13 -7.56 -9.37 -0.15
N ILE A 14 -6.71 -8.35 -0.19
CA ILE A 14 -6.71 -7.32 0.84
C ILE A 14 -7.26 -6.02 0.28
N HIS A 15 -8.31 -5.53 0.90
CA HIS A 15 -8.96 -4.29 0.48
C HIS A 15 -8.50 -3.11 1.33
N PHE A 16 -7.64 -2.29 0.76
CA PHE A 16 -7.14 -1.13 1.48
C PHE A 16 -7.84 0.12 0.96
N LYS A 17 -8.71 0.68 1.80
CA LYS A 17 -9.45 1.87 1.41
C LYS A 17 -8.80 3.12 2.01
N VAL A 18 -8.38 4.01 1.13
CA VAL A 18 -7.73 5.25 1.52
C VAL A 18 -8.55 6.45 1.10
N LYS A 19 -8.02 7.64 1.36
CA LYS A 19 -8.69 8.87 1.01
C LYS A 19 -7.79 9.72 0.13
N MET A 20 -8.24 10.92 -0.21
CA MET A 20 -7.46 11.81 -1.04
C MET A 20 -6.58 12.74 -0.19
N THR A 21 -7.04 13.02 1.03
CA THR A 21 -6.31 13.90 1.94
C THR A 21 -5.16 13.19 2.63
N THR A 22 -5.28 11.89 2.76
CA THR A 22 -4.29 11.09 3.45
C THR A 22 -2.94 11.11 2.74
N HIS A 23 -1.88 11.06 3.52
CA HIS A 23 -0.53 11.04 2.98
C HIS A 23 -0.12 9.58 2.75
N LEU A 24 0.67 9.32 1.71
CA LEU A 24 1.10 7.95 1.45
C LEU A 24 2.18 7.56 2.45
N LYS A 25 2.65 8.57 3.19
CA LYS A 25 3.67 8.37 4.21
C LYS A 25 3.16 7.41 5.29
N LYS A 26 1.98 7.70 5.83
CA LYS A 26 1.39 6.87 6.87
C LYS A 26 0.87 5.57 6.29
N LEU A 27 0.55 5.58 5.00
CA LEU A 27 0.05 4.40 4.32
C LEU A 27 1.08 3.27 4.35
N LYS A 28 2.34 3.65 4.20
CA LYS A 28 3.42 2.68 4.19
C LYS A 28 3.62 2.04 5.55
N GLU A 29 3.69 2.85 6.61
CA GLU A 29 3.90 2.31 7.95
C GLU A 29 2.69 1.50 8.41
N SER A 30 1.49 1.90 8.01
CA SER A 30 0.28 1.20 8.38
C SER A 30 0.30 -0.24 7.85
N TYR A 31 0.80 -0.41 6.64
CA TYR A 31 0.88 -1.73 6.04
C TYR A 31 1.91 -2.58 6.78
N CYS A 32 2.99 -1.94 7.20
CA CYS A 32 4.04 -2.63 7.94
C CYS A 32 3.49 -3.12 9.28
N GLN A 33 2.72 -2.28 9.93
CA GLN A 33 2.13 -2.61 11.22
C GLN A 33 1.10 -3.74 11.06
N ARG A 34 0.41 -3.72 9.92
CA ARG A 34 -0.61 -4.73 9.64
C ARG A 34 0.03 -6.12 9.45
N GLN A 35 1.20 -6.14 8.81
CA GLN A 35 1.91 -7.39 8.57
C GLN A 35 2.79 -7.76 9.76
N GLY A 36 3.03 -6.79 10.64
CA GLY A 36 3.86 -7.02 11.80
C GLY A 36 5.33 -7.01 11.44
N VAL A 37 5.73 -6.06 10.60
CA VAL A 37 7.11 -5.94 10.17
C VAL A 37 7.59 -4.50 10.29
N PRO A 38 8.91 -4.29 10.43
CA PRO A 38 9.50 -2.94 10.54
C PRO A 38 9.23 -2.11 9.29
N MET A 39 9.37 -0.81 9.40
CA MET A 39 9.13 0.07 8.26
C MET A 39 10.28 -0.01 7.26
N ASN A 40 9.94 0.18 5.98
CA ASN A 40 10.90 0.16 4.87
C ASN A 40 11.41 -1.25 4.57
N SER A 41 10.69 -2.25 5.05
CA SER A 41 11.06 -3.64 4.81
C SER A 41 10.40 -4.14 3.54
N LEU A 42 9.35 -3.44 3.12
CA LEU A 42 8.61 -3.78 1.93
C LEU A 42 8.61 -2.62 0.95
N ARG A 43 8.63 -2.92 -0.34
CA ARG A 43 8.62 -1.88 -1.35
C ARG A 43 7.38 -2.01 -2.22
N PHE A 44 6.67 -0.90 -2.37
CA PHE A 44 5.45 -0.87 -3.16
C PHE A 44 5.78 -0.49 -4.60
N LEU A 45 5.32 -1.31 -5.53
CA LEU A 45 5.59 -1.08 -6.94
C LEU A 45 4.32 -0.75 -7.71
N PHE A 46 4.29 0.44 -8.27
CA PHE A 46 3.16 0.91 -9.04
C PHE A 46 3.63 1.27 -10.45
N GLU A 47 3.19 0.48 -11.43
CA GLU A 47 3.55 0.68 -12.83
C GLU A 47 5.07 0.60 -13.00
N GLY A 48 5.70 -0.25 -12.21
CA GLY A 48 7.14 -0.42 -12.29
C GLY A 48 7.89 0.47 -11.31
N GLN A 49 7.33 1.64 -11.05
CA GLN A 49 7.96 2.60 -10.15
C GLN A 49 7.68 2.26 -8.69
N ARG A 50 8.56 2.67 -7.80
CA ARG A 50 8.39 2.40 -6.39
C ARG A 50 7.76 3.61 -5.69
N ILE A 51 6.84 3.35 -4.77
CA ILE A 51 6.17 4.42 -4.05
C ILE A 51 7.08 5.01 -2.96
N ALA A 52 7.25 6.32 -3.02
CA ALA A 52 8.08 7.02 -2.06
C ALA A 52 7.25 7.47 -0.85
N ASP A 53 7.94 7.85 0.21
CA ASP A 53 7.29 8.30 1.43
C ASP A 53 6.70 9.70 1.27
N ASN A 54 7.11 10.38 0.21
CA ASN A 54 6.63 11.72 -0.07
C ASN A 54 5.71 11.73 -1.27
N HIS A 55 5.15 10.58 -1.59
CA HIS A 55 4.23 10.44 -2.72
C HIS A 55 2.79 10.70 -2.26
N THR A 56 1.92 10.99 -3.20
CA THR A 56 0.52 11.24 -2.89
C THR A 56 -0.38 10.40 -3.80
N PRO A 57 -1.58 10.02 -3.33
CA PRO A 57 -2.52 9.21 -4.13
C PRO A 57 -3.07 9.98 -5.33
N LYS A 58 -2.81 11.29 -5.35
CA LYS A 58 -3.27 12.15 -6.43
C LYS A 58 -2.36 12.03 -7.66
N GLU A 59 -1.06 11.96 -7.43
CA GLU A 59 -0.10 11.84 -8.52
C GLU A 59 -0.05 10.42 -9.05
N LEU A 60 0.66 10.24 -10.17
CA LEU A 60 0.82 8.93 -10.84
C LEU A 60 -0.47 8.50 -11.54
N GLY A 61 -1.57 8.45 -10.80
CA GLY A 61 -2.84 8.06 -11.38
C GLY A 61 -3.44 6.85 -10.72
N MET A 62 -3.87 7.01 -9.48
CA MET A 62 -4.47 5.91 -8.72
C MET A 62 -5.98 6.07 -8.67
N GLU A 63 -6.70 5.02 -9.04
CA GLU A 63 -8.16 5.04 -9.06
C GLU A 63 -8.74 3.90 -8.22
N GLU A 64 -10.04 3.68 -8.37
CA GLU A 64 -10.72 2.61 -7.64
C GLU A 64 -10.37 1.26 -8.23
N GLU A 65 -10.20 0.26 -7.36
CA GLU A 65 -9.86 -1.11 -7.78
C GLU A 65 -8.47 -1.13 -8.42
N ASP A 66 -7.65 -0.16 -8.06
CA ASP A 66 -6.30 -0.03 -8.60
C ASP A 66 -5.41 -1.13 -8.06
N VAL A 67 -4.74 -1.84 -8.97
CA VAL A 67 -3.87 -2.94 -8.59
C VAL A 67 -2.45 -2.45 -8.33
N ILE A 68 -1.92 -2.80 -7.16
CA ILE A 68 -0.57 -2.41 -6.77
C ILE A 68 0.15 -3.61 -6.15
N GLU A 69 1.47 -3.70 -6.36
CA GLU A 69 2.23 -4.82 -5.82
C GLU A 69 3.17 -4.35 -4.71
N VAL A 70 3.51 -5.27 -3.82
CA VAL A 70 4.42 -4.99 -2.72
C VAL A 70 5.29 -6.21 -2.45
N TYR A 71 6.60 -6.02 -2.50
CA TYR A 71 7.52 -7.12 -2.28
C TYR A 71 8.54 -6.77 -1.20
N GLN A 72 9.15 -7.79 -0.62
CA GLN A 72 10.14 -7.60 0.44
C GLN A 72 11.43 -7.04 -0.13
N GLU A 73 12.00 -6.09 0.60
CA GLU A 73 13.25 -5.45 0.20
C GLU A 73 14.44 -6.35 0.53
N GLN A 74 15.64 -5.82 0.31
CA GLN A 74 16.85 -6.57 0.61
C GLN A 74 17.52 -6.00 1.86
N THR A 75 17.11 -4.80 2.24
CA THR A 75 17.65 -4.12 3.40
C THR A 75 17.28 -4.84 4.70
N GLY A 76 16.07 -5.35 4.77
CA GLY A 76 15.62 -6.04 5.97
C GLY A 76 14.89 -5.13 6.92
N GLY A 77 14.69 -3.89 6.51
CA GLY A 77 14.01 -2.92 7.34
C GLY A 77 14.95 -1.86 7.87
N ASP B 1 -11.74 -18.44 2.33
CA ASP B 1 -10.69 -17.72 1.63
C ASP B 1 -10.15 -16.60 2.49
N THR B 2 -9.35 -15.69 1.92
CA THR B 2 -8.79 -14.62 2.71
C THR B 2 -9.23 -13.26 2.21
N ALA B 3 -9.88 -12.53 3.11
CA ALA B 3 -10.33 -11.18 2.84
C ALA B 3 -9.84 -10.26 3.95
N GLY B 4 -9.17 -9.19 3.58
CA GLY B 4 -8.70 -8.26 4.58
C GLY B 4 -9.18 -6.86 4.35
N CYS B 5 -9.76 -6.24 5.35
CA CYS B 5 -10.24 -4.86 5.20
C CYS B 5 -9.56 -3.96 6.22
N ILE B 6 -8.86 -2.95 5.73
CA ILE B 6 -8.17 -1.99 6.59
C ILE B 6 -8.53 -0.56 6.20
N VAL B 7 -8.88 0.27 7.19
CA VAL B 7 -9.20 1.67 6.92
C VAL B 7 -8.21 2.58 7.65
N ILE B 8 -7.63 3.52 6.91
CA ILE B 8 -6.63 4.41 7.47
C ILE B 8 -7.07 5.87 7.34
N ASP B 10 -5.73 9.63 7.48
CA ASP B 10 -4.59 10.51 7.46
C ASP B 10 -4.97 11.88 6.91
N GLU B 12 -3.53 15.90 5.89
CA GLU B 12 -2.40 16.79 5.61
C GLU B 12 -2.04 17.66 6.82
N TYR A 1 -13.27 8.26 -1.18
CA TYR A 1 -12.67 7.02 -0.73
C TYR A 1 -12.36 6.11 -1.91
N ILE A 2 -11.10 5.72 -2.03
CA ILE A 2 -10.64 4.85 -3.10
C ILE A 2 -10.10 3.55 -2.53
N LYS A 3 -10.56 2.43 -3.06
CA LYS A 3 -10.11 1.14 -2.59
C LYS A 3 -9.01 0.59 -3.49
N LEU A 4 -7.85 0.37 -2.91
CA LEU A 4 -6.72 -0.16 -3.63
C LEU A 4 -6.59 -1.66 -3.37
N LYS A 5 -6.44 -2.44 -4.43
CA LYS A 5 -6.31 -3.88 -4.30
C LYS A 5 -4.86 -4.27 -4.12
N VAL A 6 -4.49 -4.58 -2.89
CA VAL A 6 -3.15 -4.99 -2.57
C VAL A 6 -3.03 -6.51 -2.68
N ILE A 7 -2.24 -6.96 -3.63
CA ILE A 7 -2.05 -8.39 -3.85
C ILE A 7 -0.76 -8.86 -3.20
N GLY A 8 -0.91 -9.69 -2.16
CA GLY A 8 0.26 -10.21 -1.48
C GLY A 8 0.88 -11.37 -2.23
N GLN A 9 2.11 -11.72 -1.87
CA GLN A 9 2.83 -12.81 -2.54
C GLN A 9 2.14 -14.15 -2.29
N ASP A 10 1.39 -14.25 -1.20
CA ASP A 10 0.69 -15.48 -0.87
C ASP A 10 -0.73 -15.48 -1.43
N SER A 11 -0.93 -14.68 -2.48
CA SER A 11 -2.22 -14.56 -3.16
C SER A 11 -3.30 -14.00 -2.24
N SER A 12 -2.94 -13.01 -1.45
CA SER A 12 -3.88 -12.39 -0.52
C SER A 12 -4.55 -11.17 -1.19
N GLU A 13 -5.85 -11.04 -0.99
CA GLU A 13 -6.61 -9.93 -1.54
C GLU A 13 -6.95 -8.93 -0.45
N ILE A 14 -6.06 -7.99 -0.20
CA ILE A 14 -6.27 -6.99 0.82
C ILE A 14 -6.90 -5.74 0.22
N HIS A 15 -7.95 -5.25 0.85
CA HIS A 15 -8.64 -4.06 0.39
C HIS A 15 -8.27 -2.86 1.25
N PHE A 16 -7.36 -2.05 0.76
CA PHE A 16 -6.93 -0.87 1.48
C PHE A 16 -7.68 0.35 0.94
N LYS A 17 -8.56 0.91 1.75
CA LYS A 17 -9.34 2.06 1.33
C LYS A 17 -8.71 3.34 1.84
N VAL A 18 -8.36 4.22 0.91
CA VAL A 18 -7.73 5.49 1.25
C VAL A 18 -8.67 6.66 0.96
N LYS A 19 -8.38 7.78 1.59
CA LYS A 19 -9.17 8.99 1.42
C LYS A 19 -8.31 10.03 0.70
N MET A 20 -8.94 10.95 -0.03
CA MET A 20 -8.18 11.97 -0.74
C MET A 20 -7.69 13.05 0.22
N THR A 21 -6.74 12.66 1.06
CA THR A 21 -6.14 13.54 2.06
C THR A 21 -5.07 12.77 2.79
N THR A 22 -5.29 11.46 2.89
CA THR A 22 -4.40 10.57 3.58
C THR A 22 -3.01 10.55 2.96
N HIS A 23 -2.07 11.18 3.67
CA HIS A 23 -0.70 11.23 3.22
C HIS A 23 -0.17 9.79 3.12
N LEU A 24 0.42 9.43 1.98
CA LEU A 24 0.91 8.08 1.77
C LEU A 24 2.06 7.72 2.72
N LYS A 25 2.58 8.71 3.44
CA LYS A 25 3.66 8.48 4.40
C LYS A 25 3.19 7.50 5.48
N LYS A 26 1.97 7.71 5.97
CA LYS A 26 1.40 6.87 7.00
C LYS A 26 0.93 5.54 6.39
N LEU A 27 0.61 5.57 5.11
CA LEU A 27 0.14 4.38 4.40
C LEU A 27 1.21 3.27 4.42
N LYS A 28 2.45 3.65 4.16
CA LYS A 28 3.55 2.71 4.11
C LYS A 28 3.78 2.02 5.46
N GLU A 29 3.81 2.79 6.54
CA GLU A 29 4.05 2.23 7.86
C GLU A 29 2.85 1.44 8.38
N SER A 30 1.64 1.95 8.16
CA SER A 30 0.43 1.29 8.64
C SER A 30 0.28 -0.10 8.01
N TYR A 31 0.72 -0.25 6.76
CA TYR A 31 0.63 -1.54 6.08
C TYR A 31 1.60 -2.53 6.73
N CYS A 32 2.74 -2.02 7.15
CA CYS A 32 3.77 -2.84 7.80
C CYS A 32 3.25 -3.35 9.13
N GLN A 33 2.45 -2.53 9.80
CA GLN A 33 1.87 -2.89 11.08
C GLN A 33 0.92 -4.07 10.93
N ARG A 34 0.16 -4.05 9.83
CA ARG A 34 -0.80 -5.11 9.54
C ARG A 34 -0.09 -6.44 9.25
N GLN A 35 1.09 -6.34 8.64
CA GLN A 35 1.88 -7.52 8.31
C GLN A 35 2.77 -7.93 9.48
N GLY A 36 2.84 -7.07 10.50
CA GLY A 36 3.66 -7.37 11.66
C GLY A 36 5.14 -7.30 11.37
N VAL A 37 5.54 -6.33 10.55
CA VAL A 37 6.94 -6.17 10.17
C VAL A 37 7.36 -4.70 10.27
N PRO A 38 8.67 -4.43 10.38
CA PRO A 38 9.20 -3.07 10.46
C PRO A 38 8.97 -2.29 9.17
N MET A 39 9.19 -0.99 9.22
CA MET A 39 9.00 -0.14 8.04
C MET A 39 10.15 -0.30 7.05
N ASN A 40 9.86 -0.06 5.77
CA ASN A 40 10.85 -0.14 4.68
C ASN A 40 11.18 -1.59 4.34
N SER A 41 10.52 -2.54 5.01
CA SER A 41 10.76 -3.95 4.74
C SER A 41 10.04 -4.38 3.46
N LEU A 42 8.85 -3.84 3.26
CA LEU A 42 8.06 -4.15 2.08
C LEU A 42 8.04 -2.96 1.14
N ARG A 43 8.34 -3.22 -0.13
CA ARG A 43 8.33 -2.16 -1.14
C ARG A 43 7.03 -2.18 -1.90
N PHE A 44 6.59 -1.02 -2.34
CA PHE A 44 5.34 -0.91 -3.08
C PHE A 44 5.64 -0.50 -4.52
N LEU A 45 5.25 -1.35 -5.46
CA LEU A 45 5.50 -1.09 -6.87
C LEU A 45 4.19 -0.81 -7.61
N PHE A 46 4.16 0.33 -8.30
CA PHE A 46 3.00 0.73 -9.06
C PHE A 46 3.43 1.19 -10.45
N GLU A 47 3.02 0.45 -11.47
CA GLU A 47 3.35 0.76 -12.86
C GLU A 47 4.85 0.69 -13.12
N GLY A 48 5.53 -0.16 -12.35
CA GLY A 48 6.96 -0.33 -12.51
C GLY A 48 7.76 0.64 -11.68
N GLN A 49 7.08 1.51 -10.94
CA GLN A 49 7.75 2.50 -10.12
C GLN A 49 7.43 2.27 -8.64
N ARG A 50 8.44 2.42 -7.78
CA ARG A 50 8.25 2.22 -6.35
C ARG A 50 7.74 3.49 -5.69
N ILE A 51 6.79 3.31 -4.78
CA ILE A 51 6.17 4.43 -4.08
C ILE A 51 7.15 5.06 -3.08
N ALA A 52 7.32 6.36 -3.21
CA ALA A 52 8.22 7.12 -2.34
C ALA A 52 7.52 7.43 -1.02
N ASP A 53 8.23 8.09 -0.12
CA ASP A 53 7.67 8.44 1.18
C ASP A 53 6.98 9.80 1.16
N ASN A 54 7.00 10.44 0.00
CA ASN A 54 6.37 11.76 -0.16
C ASN A 54 5.33 11.73 -1.28
N HIS A 55 4.99 10.53 -1.73
CA HIS A 55 4.01 10.36 -2.80
C HIS A 55 2.60 10.65 -2.31
N THR A 56 1.73 11.03 -3.23
CA THR A 56 0.34 11.33 -2.90
C THR A 56 -0.60 10.61 -3.87
N PRO A 57 -1.83 10.28 -3.44
CA PRO A 57 -2.80 9.58 -4.29
C PRO A 57 -3.37 10.48 -5.38
N LYS A 58 -2.90 11.72 -5.43
CA LYS A 58 -3.35 12.69 -6.43
C LYS A 58 -2.42 12.70 -7.64
N GLU A 59 -1.37 11.91 -7.57
CA GLU A 59 -0.40 11.83 -8.67
C GLU A 59 -0.27 10.39 -9.14
N LEU A 60 0.53 10.18 -10.19
CA LEU A 60 0.78 8.86 -10.79
C LEU A 60 -0.44 8.34 -11.55
N GLY A 61 -1.58 8.31 -10.90
CA GLY A 61 -2.79 7.83 -11.54
C GLY A 61 -3.44 6.71 -10.77
N MET A 62 -3.87 7.01 -9.55
CA MET A 62 -4.51 6.00 -8.71
C MET A 62 -6.04 6.16 -8.76
N GLU A 63 -6.73 5.06 -9.00
CA GLU A 63 -8.18 5.08 -9.09
C GLU A 63 -8.79 3.87 -8.39
N GLU A 64 -10.11 3.79 -8.41
CA GLU A 64 -10.81 2.68 -7.77
C GLU A 64 -10.49 1.37 -8.47
N GLU A 65 -10.43 0.28 -7.69
CA GLU A 65 -10.12 -1.05 -8.21
C GLU A 65 -8.72 -1.11 -8.78
N ASP A 66 -7.83 -0.28 -8.25
CA ASP A 66 -6.44 -0.21 -8.71
C ASP A 66 -5.66 -1.38 -8.13
N VAL A 67 -4.59 -1.77 -8.81
CA VAL A 67 -3.76 -2.88 -8.36
C VAL A 67 -2.34 -2.40 -8.07
N ILE A 68 -1.80 -2.82 -6.92
CA ILE A 68 -0.45 -2.44 -6.53
C ILE A 68 0.31 -3.67 -6.04
N GLU A 69 1.58 -3.76 -6.42
CA GLU A 69 2.42 -4.89 -6.03
C GLU A 69 3.23 -4.57 -4.78
N VAL A 70 3.46 -5.59 -3.97
CA VAL A 70 4.23 -5.43 -2.74
C VAL A 70 5.12 -6.65 -2.49
N TYR A 71 6.42 -6.42 -2.42
CA TYR A 71 7.39 -7.49 -2.19
C TYR A 71 8.37 -7.08 -1.09
N GLN A 72 9.11 -8.05 -0.56
CA GLN A 72 10.08 -7.76 0.48
C GLN A 72 11.37 -7.23 -0.13
N GLU A 73 11.90 -6.18 0.49
CA GLU A 73 13.13 -5.55 0.03
C GLU A 73 14.35 -6.40 0.39
N GLN A 74 15.50 -6.05 -0.17
CA GLN A 74 16.74 -6.75 0.11
C GLN A 74 17.23 -6.42 1.51
N THR A 75 16.96 -5.19 1.94
CA THR A 75 17.36 -4.74 3.26
C THR A 75 16.63 -5.52 4.35
N GLY A 76 15.32 -5.62 4.19
CA GLY A 76 14.51 -6.35 5.17
C GLY A 76 13.95 -5.42 6.23
N GLY A 77 14.23 -4.13 6.10
CA GLY A 77 13.76 -3.15 7.04
C GLY A 77 14.39 -1.80 6.84
N ASP B 1 -13.56 -17.40 1.41
CA ASP B 1 -12.12 -17.23 1.51
C ASP B 1 -11.83 -16.16 2.55
N THR B 2 -10.65 -15.55 2.49
CA THR B 2 -10.31 -14.53 3.47
C THR B 2 -10.09 -13.17 2.81
N ALA B 3 -10.82 -12.19 3.27
CA ALA B 3 -10.73 -10.83 2.78
C ALA B 3 -10.42 -9.86 3.91
N GLY B 4 -9.46 -8.99 3.71
CA GLY B 4 -9.15 -8.04 4.74
C GLY B 4 -9.32 -6.61 4.25
N CYS B 5 -10.08 -5.82 4.97
CA CYS B 5 -10.30 -4.44 4.59
C CYS B 5 -9.76 -3.53 5.69
N ILE B 6 -8.88 -2.63 5.31
CA ILE B 6 -8.27 -1.69 6.24
C ILE B 6 -8.47 -0.24 5.79
N VAL B 7 -8.86 0.61 6.71
CA VAL B 7 -9.05 2.02 6.41
C VAL B 7 -8.08 2.86 7.24
N ILE B 8 -7.40 3.78 6.59
CA ILE B 8 -6.42 4.63 7.26
C ILE B 8 -6.78 6.11 7.08
N ASP B 10 -5.30 9.92 7.52
CA ASP B 10 -4.23 10.87 7.77
C ASP B 10 -4.55 12.14 6.99
N GLU B 12 -3.70 16.41 6.30
CA GLU B 12 -2.82 17.56 6.49
C GLU B 12 -3.23 18.41 7.71
N TYR A 1 -14.02 7.32 -0.58
CA TYR A 1 -12.79 6.61 -0.24
C TYR A 1 -12.32 5.76 -1.41
N ILE A 2 -11.07 5.92 -1.79
CA ILE A 2 -10.51 5.15 -2.89
C ILE A 2 -10.07 3.78 -2.37
N LYS A 3 -10.72 2.74 -2.87
CA LYS A 3 -10.43 1.39 -2.45
C LYS A 3 -9.47 0.72 -3.42
N LEU A 4 -8.23 0.53 -2.97
CA LEU A 4 -7.21 -0.12 -3.76
C LEU A 4 -7.11 -1.58 -3.38
N LYS A 5 -6.45 -2.38 -4.20
CA LYS A 5 -6.29 -3.79 -3.90
C LYS A 5 -4.82 -4.18 -3.91
N VAL A 6 -4.32 -4.52 -2.74
CA VAL A 6 -2.94 -4.93 -2.59
C VAL A 6 -2.84 -6.44 -2.78
N ILE A 7 -2.13 -6.84 -3.81
CA ILE A 7 -1.96 -8.26 -4.10
C ILE A 7 -0.78 -8.84 -3.34
N GLY A 8 -1.07 -9.74 -2.42
CA GLY A 8 -0.01 -10.37 -1.64
C GLY A 8 0.62 -11.53 -2.38
N GLN A 9 1.81 -11.93 -1.94
CA GLN A 9 2.54 -13.03 -2.56
C GLN A 9 1.74 -14.33 -2.47
N ASP A 10 0.91 -14.46 -1.44
CA ASP A 10 0.10 -15.66 -1.24
C ASP A 10 -1.30 -15.48 -1.87
N SER A 11 -1.39 -14.59 -2.85
CA SER A 11 -2.63 -14.31 -3.55
C SER A 11 -3.68 -13.72 -2.60
N SER A 12 -3.21 -12.96 -1.62
CA SER A 12 -4.09 -12.33 -0.66
C SER A 12 -4.66 -11.04 -1.25
N GLU A 13 -5.98 -10.90 -1.18
CA GLU A 13 -6.65 -9.72 -1.70
C GLU A 13 -6.94 -8.75 -0.57
N ILE A 14 -6.00 -7.83 -0.35
CA ILE A 14 -6.16 -6.84 0.71
C ILE A 14 -6.85 -5.58 0.18
N HIS A 15 -8.02 -5.28 0.73
CA HIS A 15 -8.77 -4.10 0.32
C HIS A 15 -8.34 -2.90 1.16
N PHE A 16 -7.51 -2.05 0.56
CA PHE A 16 -7.00 -0.88 1.24
C PHE A 16 -7.77 0.36 0.78
N LYS A 17 -8.59 0.91 1.66
CA LYS A 17 -9.37 2.09 1.33
C LYS A 17 -8.79 3.34 1.98
N VAL A 18 -8.49 4.34 1.16
CA VAL A 18 -7.92 5.58 1.65
C VAL A 18 -8.67 6.79 1.13
N LYS A 19 -8.87 7.79 1.99
CA LYS A 19 -9.56 9.01 1.62
C LYS A 19 -8.55 10.03 1.08
N MET A 20 -8.93 10.77 0.05
CA MET A 20 -8.05 11.78 -0.54
C MET A 20 -7.86 12.94 0.44
N THR A 21 -6.78 12.85 1.21
CA THR A 21 -6.42 13.84 2.23
C THR A 21 -5.22 13.34 2.99
N THR A 22 -5.28 12.08 3.35
CA THR A 22 -4.24 11.43 4.11
C THR A 22 -2.93 11.41 3.32
N HIS A 23 -1.82 11.63 4.01
CA HIS A 23 -0.53 11.61 3.34
C HIS A 23 -0.05 10.16 3.28
N LEU A 24 0.49 9.76 2.13
CA LEU A 24 0.93 8.37 1.91
C LEU A 24 2.06 7.94 2.86
N LYS A 25 2.54 8.84 3.69
CA LYS A 25 3.61 8.52 4.64
C LYS A 25 3.14 7.44 5.61
N LYS A 26 1.99 7.68 6.24
CA LYS A 26 1.43 6.75 7.21
C LYS A 26 0.89 5.50 6.51
N LEU A 27 0.59 5.63 5.22
CA LEU A 27 0.07 4.51 4.45
C LEU A 27 1.06 3.35 4.45
N LYS A 28 2.34 3.67 4.35
CA LYS A 28 3.38 2.65 4.34
C LYS A 28 3.44 1.90 5.66
N GLU A 29 3.55 2.64 6.76
CA GLU A 29 3.63 2.03 8.08
C GLU A 29 2.33 1.29 8.44
N SER A 30 1.21 1.77 7.91
CA SER A 30 -0.08 1.15 8.17
C SER A 30 -0.08 -0.31 7.70
N TYR A 31 0.49 -0.55 6.52
CA TYR A 31 0.55 -1.90 5.98
C TYR A 31 1.61 -2.71 6.71
N CYS A 32 2.67 -2.04 7.14
CA CYS A 32 3.76 -2.71 7.86
C CYS A 32 3.23 -3.27 9.19
N GLN A 33 2.46 -2.45 9.90
CA GLN A 33 1.88 -2.86 11.18
C GLN A 33 0.77 -3.89 10.96
N ARG A 34 0.25 -3.91 9.74
CA ARG A 34 -0.80 -4.85 9.38
C ARG A 34 -0.23 -6.25 9.19
N GLN A 35 0.93 -6.31 8.55
CA GLN A 35 1.59 -7.59 8.29
C GLN A 35 2.39 -8.06 9.50
N GLY A 36 3.02 -7.11 10.18
CA GLY A 36 3.81 -7.45 11.34
C GLY A 36 5.29 -7.33 11.05
N VAL A 37 5.64 -6.35 10.24
CA VAL A 37 7.03 -6.10 9.86
C VAL A 37 7.37 -4.64 10.07
N PRO A 38 8.65 -4.31 10.28
CA PRO A 38 9.10 -2.93 10.47
C PRO A 38 8.92 -2.10 9.20
N MET A 39 8.96 -0.78 9.35
CA MET A 39 8.80 0.10 8.21
C MET A 39 10.01 0.03 7.28
N ASN A 40 9.74 0.19 5.98
CA ASN A 40 10.78 0.18 4.93
C ASN A 40 11.24 -1.24 4.60
N SER A 41 10.54 -2.23 5.10
CA SER A 41 10.90 -3.62 4.85
C SER A 41 10.28 -4.12 3.55
N LEU A 42 9.12 -3.57 3.23
CA LEU A 42 8.40 -3.94 2.02
C LEU A 42 8.39 -2.81 1.00
N ARG A 43 8.56 -3.15 -0.26
CA ARG A 43 8.57 -2.16 -1.32
C ARG A 43 7.25 -2.21 -2.09
N PHE A 44 6.59 -1.06 -2.19
CA PHE A 44 5.33 -0.95 -2.91
C PHE A 44 5.60 -0.59 -4.35
N LEU A 45 5.12 -1.42 -5.26
CA LEU A 45 5.33 -1.21 -6.69
C LEU A 45 4.04 -0.81 -7.39
N PHE A 46 4.12 0.29 -8.12
CA PHE A 46 3.00 0.81 -8.87
C PHE A 46 3.49 1.25 -10.24
N GLU A 47 3.03 0.57 -11.28
CA GLU A 47 3.42 0.87 -12.66
C GLU A 47 4.92 0.61 -12.86
N GLY A 48 5.45 -0.33 -12.08
CA GLY A 48 6.85 -0.68 -12.18
C GLY A 48 7.75 0.23 -11.36
N GLN A 49 7.18 1.29 -10.81
CA GLN A 49 7.95 2.22 -10.01
C GLN A 49 7.64 2.03 -8.52
N ARG A 50 8.61 2.34 -7.68
CA ARG A 50 8.44 2.18 -6.24
C ARG A 50 7.82 3.45 -5.65
N ILE A 51 6.87 3.26 -4.75
CA ILE A 51 6.18 4.36 -4.08
C ILE A 51 7.12 5.06 -3.12
N ALA A 52 7.18 6.38 -3.22
CA ALA A 52 8.03 7.18 -2.36
C ALA A 52 7.32 7.51 -1.06
N ASP A 53 8.08 7.84 -0.03
CA ASP A 53 7.53 8.17 1.28
C ASP A 53 6.79 9.50 1.26
N ASN A 54 6.92 10.24 0.18
CA ASN A 54 6.26 11.54 0.05
C ASN A 54 5.32 11.55 -1.15
N HIS A 55 4.93 10.37 -1.60
CA HIS A 55 4.03 10.26 -2.74
C HIS A 55 2.59 10.59 -2.35
N THR A 56 1.76 10.80 -3.36
CA THR A 56 0.36 11.12 -3.16
C THR A 56 -0.49 10.35 -4.18
N PRO A 57 -1.72 9.94 -3.83
CA PRO A 57 -2.59 9.19 -4.75
C PRO A 57 -3.03 10.03 -5.95
N LYS A 58 -2.78 11.34 -5.86
CA LYS A 58 -3.13 12.27 -6.92
C LYS A 58 -2.23 12.05 -8.13
N GLU A 59 -0.94 11.86 -7.87
CA GLU A 59 0.03 11.63 -8.93
C GLU A 59 0.06 10.15 -9.29
N LEU A 60 0.70 9.81 -10.41
CA LEU A 60 0.82 8.43 -10.90
C LEU A 60 -0.50 7.95 -11.51
N GLY A 61 -1.61 8.43 -10.96
CA GLY A 61 -2.91 8.04 -11.46
C GLY A 61 -3.43 6.79 -10.77
N MET A 62 -3.96 6.96 -9.57
CA MET A 62 -4.50 5.84 -8.81
C MET A 62 -6.02 5.87 -8.83
N GLU A 63 -6.61 4.82 -9.40
CA GLU A 63 -8.06 4.73 -9.50
C GLU A 63 -8.59 3.66 -8.55
N GLU A 64 -9.91 3.55 -8.47
CA GLU A 64 -10.54 2.56 -7.63
C GLU A 64 -10.28 1.17 -8.21
N GLU A 65 -9.97 0.21 -7.33
CA GLU A 65 -9.69 -1.17 -7.73
C GLU A 65 -8.38 -1.28 -8.51
N ASP A 66 -7.47 -0.33 -8.28
CA ASP A 66 -6.16 -0.35 -8.95
C ASP A 66 -5.31 -1.48 -8.41
N VAL A 67 -4.36 -1.95 -9.22
CA VAL A 67 -3.50 -3.05 -8.83
C VAL A 67 -2.13 -2.56 -8.37
N ILE A 68 -1.79 -2.91 -7.14
CA ILE A 68 -0.50 -2.54 -6.56
C ILE A 68 0.19 -3.79 -6.00
N GLU A 69 1.49 -3.89 -6.23
CA GLU A 69 2.25 -5.05 -5.76
C GLU A 69 3.15 -4.65 -4.59
N VAL A 70 3.51 -5.64 -3.78
CA VAL A 70 4.36 -5.40 -2.62
C VAL A 70 5.26 -6.62 -2.36
N TYR A 71 6.55 -6.38 -2.25
CA TYR A 71 7.52 -7.45 -2.00
C TYR A 71 8.52 -7.03 -0.94
N GLN A 72 9.19 -8.01 -0.34
CA GLN A 72 10.18 -7.74 0.69
C GLN A 72 11.45 -7.18 0.07
N GLU A 73 11.98 -6.12 0.67
CA GLU A 73 13.18 -5.47 0.18
C GLU A 73 14.43 -6.28 0.51
N GLN A 74 15.46 -6.10 -0.31
CA GLN A 74 16.73 -6.79 -0.12
C GLN A 74 17.47 -6.20 1.07
N THR A 75 17.08 -4.98 1.46
CA THR A 75 17.69 -4.30 2.59
C THR A 75 17.22 -4.89 3.92
N GLY A 76 16.11 -5.61 3.88
CA GLY A 76 15.58 -6.22 5.08
C GLY A 76 14.56 -5.33 5.77
N GLY A 77 14.93 -4.08 5.98
CA GLY A 77 14.05 -3.13 6.63
C GLY A 77 14.79 -2.15 7.50
N ASP B 1 -13.01 -17.85 1.65
CA ASP B 1 -11.79 -17.09 1.44
C ASP B 1 -11.66 -16.02 2.51
N THR B 2 -10.61 -15.22 2.43
CA THR B 2 -10.40 -14.18 3.41
C THR B 2 -10.39 -12.80 2.76
N ALA B 3 -11.23 -11.90 3.26
CA ALA B 3 -11.27 -10.55 2.75
C ALA B 3 -10.97 -9.58 3.87
N GLY B 4 -9.99 -8.73 3.66
CA GLY B 4 -9.62 -7.77 4.67
C GLY B 4 -9.70 -6.34 4.18
N CYS B 5 -10.38 -5.49 4.92
CA CYS B 5 -10.48 -4.09 4.54
C CYS B 5 -9.86 -3.25 5.64
N ILE B 6 -8.93 -2.41 5.26
CA ILE B 6 -8.23 -1.57 6.22
C ILE B 6 -8.39 -0.08 5.89
N VAL B 7 -8.78 0.70 6.88
CA VAL B 7 -8.96 2.12 6.71
C VAL B 7 -8.04 2.91 7.63
N ILE B 8 -7.34 3.86 7.05
CA ILE B 8 -6.42 4.72 7.76
C ILE B 8 -6.86 6.15 7.61
N ASP B 10 -5.78 10.03 8.02
CA ASP B 10 -4.75 11.02 8.25
C ASP B 10 -5.12 12.37 7.65
N GLU B 12 -3.86 16.42 6.90
CA GLU B 12 -2.79 17.42 6.90
C GLU B 12 -3.33 18.80 7.29
N TYR A 1 -13.83 7.08 -0.61
CA TYR A 1 -12.65 6.26 -0.32
C TYR A 1 -12.27 5.41 -1.53
N ILE A 2 -10.99 5.36 -1.84
CA ILE A 2 -10.49 4.58 -2.95
C ILE A 2 -9.95 3.25 -2.44
N LYS A 3 -10.52 2.16 -2.91
CA LYS A 3 -10.10 0.85 -2.48
C LYS A 3 -9.11 0.25 -3.46
N LEU A 4 -7.88 0.08 -3.00
CA LEU A 4 -6.81 -0.48 -3.81
C LEU A 4 -6.71 -1.97 -3.54
N LYS A 5 -6.41 -2.75 -4.57
CA LYS A 5 -6.30 -4.18 -4.42
C LYS A 5 -4.84 -4.60 -4.33
N VAL A 6 -4.39 -4.87 -3.12
CA VAL A 6 -3.01 -5.30 -2.90
C VAL A 6 -2.92 -6.80 -3.14
N ILE A 7 -2.32 -7.18 -4.25
CA ILE A 7 -2.18 -8.58 -4.61
C ILE A 7 -0.93 -9.20 -3.98
N GLY A 8 -1.14 -10.08 -3.01
CA GLY A 8 -0.02 -10.73 -2.36
C GLY A 8 0.52 -11.88 -3.17
N GLN A 9 1.76 -12.28 -2.90
CA GLN A 9 2.41 -13.38 -3.60
C GLN A 9 1.68 -14.70 -3.35
N ASP A 10 1.05 -14.79 -2.19
CA ASP A 10 0.32 -15.99 -1.80
C ASP A 10 -1.16 -15.90 -2.16
N SER A 11 -1.49 -15.04 -3.12
CA SER A 11 -2.86 -14.85 -3.61
C SER A 11 -3.79 -14.17 -2.60
N SER A 12 -3.21 -13.51 -1.60
CA SER A 12 -3.98 -12.80 -0.59
C SER A 12 -4.38 -11.42 -1.13
N GLU A 13 -5.66 -11.10 -1.12
CA GLU A 13 -6.11 -9.81 -1.61
C GLU A 13 -6.40 -8.86 -0.45
N ILE A 14 -5.63 -7.80 -0.37
CA ILE A 14 -5.80 -6.81 0.68
C ILE A 14 -6.59 -5.62 0.17
N HIS A 15 -7.65 -5.27 0.89
CA HIS A 15 -8.50 -4.13 0.52
C HIS A 15 -8.01 -2.89 1.24
N PHE A 16 -7.16 -2.13 0.57
CA PHE A 16 -6.63 -0.91 1.14
C PHE A 16 -7.48 0.28 0.73
N LYS A 17 -8.29 0.77 1.66
CA LYS A 17 -9.14 1.91 1.37
C LYS A 17 -8.50 3.21 1.84
N VAL A 18 -8.16 4.05 0.87
CA VAL A 18 -7.51 5.32 1.16
C VAL A 18 -8.45 6.49 0.89
N LYS A 19 -8.05 7.68 1.32
CA LYS A 19 -8.85 8.88 1.11
C LYS A 19 -7.98 10.02 0.61
N MET A 20 -8.52 10.78 -0.35
CA MET A 20 -7.81 11.91 -0.93
C MET A 20 -7.65 13.04 0.09
N THR A 21 -6.50 13.04 0.74
CA THR A 21 -6.15 14.04 1.76
C THR A 21 -5.02 13.48 2.61
N THR A 22 -4.95 12.16 2.63
CA THR A 22 -3.96 11.45 3.41
C THR A 22 -2.60 11.42 2.72
N HIS A 23 -1.54 11.48 3.51
CA HIS A 23 -0.18 11.42 2.98
C HIS A 23 0.18 9.94 2.81
N LEU A 24 0.90 9.59 1.73
CA LEU A 24 1.27 8.19 1.53
C LEU A 24 2.36 7.77 2.51
N LYS A 25 2.92 8.74 3.23
CA LYS A 25 3.95 8.48 4.23
C LYS A 25 3.41 7.56 5.31
N LYS A 26 2.23 7.88 5.80
CA LYS A 26 1.57 7.10 6.84
C LYS A 26 1.01 5.81 6.25
N LEU A 27 0.74 5.83 4.95
CA LEU A 27 0.19 4.67 4.25
C LEU A 27 1.17 3.50 4.30
N LYS A 28 2.42 3.77 3.99
CA LYS A 28 3.46 2.75 3.96
C LYS A 28 3.68 2.10 5.34
N GLU A 29 3.69 2.90 6.40
CA GLU A 29 3.90 2.36 7.74
C GLU A 29 2.68 1.61 8.26
N SER A 30 1.48 2.14 7.97
CA SER A 30 0.25 1.50 8.44
C SER A 30 0.12 0.07 7.90
N TYR A 31 0.57 -0.15 6.68
CA TYR A 31 0.51 -1.49 6.09
C TYR A 31 1.43 -2.42 6.85
N CYS A 32 2.65 -1.95 7.11
CA CYS A 32 3.63 -2.74 7.84
C CYS A 32 3.13 -3.09 9.24
N GLN A 33 2.40 -2.14 9.84
CA GLN A 33 1.85 -2.34 11.18
C GLN A 33 0.86 -3.50 11.19
N ARG A 34 0.12 -3.66 10.11
CA ARG A 34 -0.85 -4.75 10.01
C ARG A 34 -0.13 -6.07 9.72
N GLN A 35 0.93 -5.99 8.93
CA GLN A 35 1.71 -7.18 8.57
C GLN A 35 2.48 -7.68 9.79
N GLY A 36 3.02 -6.76 10.57
CA GLY A 36 3.77 -7.13 11.75
C GLY A 36 5.24 -6.79 11.63
N VAL A 37 5.66 -6.48 10.40
CA VAL A 37 7.05 -6.14 10.14
C VAL A 37 7.28 -4.64 10.29
N PRO A 38 8.54 -4.22 10.53
CA PRO A 38 8.88 -2.80 10.67
C PRO A 38 8.79 -2.06 9.34
N MET A 39 9.05 -0.77 9.37
CA MET A 39 8.97 0.03 8.15
C MET A 39 10.22 -0.15 7.29
N ASN A 40 10.07 0.12 5.99
CA ASN A 40 11.16 0.00 5.02
C ASN A 40 11.49 -1.46 4.74
N SER A 41 10.61 -2.34 5.14
CA SER A 41 10.80 -3.77 4.92
C SER A 41 10.12 -4.19 3.63
N LEU A 42 8.99 -3.53 3.36
CA LEU A 42 8.21 -3.83 2.17
C LEU A 42 8.22 -2.66 1.20
N ARG A 43 8.35 -2.97 -0.08
CA ARG A 43 8.36 -1.96 -1.13
C ARG A 43 7.06 -2.04 -1.92
N PHE A 44 6.44 -0.90 -2.13
CA PHE A 44 5.19 -0.84 -2.87
C PHE A 44 5.48 -0.46 -4.32
N LEU A 45 5.02 -1.29 -5.23
CA LEU A 45 5.23 -1.06 -6.65
C LEU A 45 3.92 -0.72 -7.34
N PHE A 46 3.91 0.43 -8.00
CA PHE A 46 2.74 0.90 -8.72
C PHE A 46 3.13 1.25 -10.14
N GLU A 47 2.63 0.45 -11.09
CA GLU A 47 2.91 0.66 -12.52
C GLU A 47 4.40 0.55 -12.81
N GLY A 48 5.09 -0.29 -12.04
CA GLY A 48 6.51 -0.48 -12.22
C GLY A 48 7.34 0.46 -11.37
N GLN A 49 6.76 1.56 -10.97
CA GLN A 49 7.45 2.54 -10.14
C GLN A 49 7.26 2.23 -8.67
N ARG A 50 8.18 2.67 -7.83
CA ARG A 50 8.08 2.43 -6.40
C ARG A 50 7.50 3.65 -5.70
N ILE A 51 6.61 3.40 -4.76
CA ILE A 51 5.95 4.46 -4.01
C ILE A 51 6.91 5.10 -3.01
N ALA A 52 7.12 6.41 -3.16
CA ALA A 52 8.00 7.15 -2.28
C ALA A 52 7.25 7.57 -1.02
N ASP A 53 8.01 7.89 0.03
CA ASP A 53 7.43 8.31 1.30
C ASP A 53 6.86 9.72 1.23
N ASN A 54 7.09 10.38 0.10
CA ASN A 54 6.62 11.74 -0.11
C ASN A 54 5.58 11.79 -1.24
N HIS A 55 5.11 10.62 -1.65
CA HIS A 55 4.11 10.54 -2.72
C HIS A 55 2.71 10.74 -2.17
N THR A 56 1.77 11.02 -3.04
CA THR A 56 0.38 11.22 -2.66
C THR A 56 -0.54 10.54 -3.67
N PRO A 57 -1.76 10.16 -3.27
CA PRO A 57 -2.72 9.51 -4.17
C PRO A 57 -3.23 10.45 -5.27
N LYS A 58 -2.87 11.72 -5.15
CA LYS A 58 -3.27 12.74 -6.12
C LYS A 58 -2.44 12.61 -7.40
N GLU A 59 -1.18 12.25 -7.23
CA GLU A 59 -0.28 12.09 -8.37
C GLU A 59 -0.23 10.63 -8.81
N LEU A 60 0.60 10.35 -9.82
CA LEU A 60 0.77 9.00 -10.36
C LEU A 60 -0.47 8.55 -11.14
N GLY A 61 -1.62 8.56 -10.50
CA GLY A 61 -2.86 8.15 -11.15
C GLY A 61 -3.44 6.90 -10.54
N MET A 62 -4.08 7.04 -9.39
CA MET A 62 -4.68 5.91 -8.69
C MET A 62 -6.20 5.95 -8.80
N GLU A 63 -6.81 4.80 -9.08
CA GLU A 63 -8.26 4.72 -9.20
C GLU A 63 -8.80 3.57 -8.36
N GLU A 64 -10.11 3.39 -8.39
CA GLU A 64 -10.77 2.33 -7.64
C GLU A 64 -10.49 0.98 -8.29
N GLU A 65 -10.28 -0.05 -7.46
CA GLU A 65 -9.98 -1.41 -7.94
C GLU A 65 -8.62 -1.45 -8.61
N ASP A 66 -7.76 -0.51 -8.25
CA ASP A 66 -6.41 -0.42 -8.80
C ASP A 66 -5.55 -1.53 -8.24
N VAL A 67 -4.56 -1.97 -9.00
CA VAL A 67 -3.68 -3.05 -8.59
C VAL A 67 -2.32 -2.51 -8.13
N ILE A 68 -1.90 -2.93 -6.94
CA ILE A 68 -0.61 -2.51 -6.41
C ILE A 68 0.13 -3.72 -5.86
N GLU A 69 1.43 -3.78 -6.08
CA GLU A 69 2.25 -4.89 -5.62
C GLU A 69 3.08 -4.49 -4.42
N VAL A 70 3.38 -5.46 -3.57
CA VAL A 70 4.19 -5.23 -2.38
C VAL A 70 5.17 -6.40 -2.21
N TYR A 71 6.46 -6.08 -2.16
CA TYR A 71 7.48 -7.10 -2.01
C TYR A 71 8.44 -6.75 -0.88
N GLN A 72 9.16 -7.73 -0.39
CA GLN A 72 10.12 -7.51 0.68
C GLN A 72 11.45 -7.01 0.11
N GLU A 73 11.96 -5.94 0.68
CA GLU A 73 13.23 -5.37 0.25
C GLU A 73 14.38 -6.26 0.67
N GLN A 74 15.50 -6.17 -0.05
CA GLN A 74 16.68 -6.97 0.25
C GLN A 74 17.25 -6.57 1.61
N THR A 75 16.92 -5.36 2.04
CA THR A 75 17.36 -4.83 3.31
C THR A 75 16.65 -5.52 4.48
N GLY A 76 15.43 -5.99 4.20
CA GLY A 76 14.66 -6.66 5.23
C GLY A 76 13.93 -5.69 6.14
N GLY A 77 14.35 -4.43 6.11
CA GLY A 77 13.75 -3.42 6.93
C GLY A 77 14.61 -2.18 7.02
N ASP B 1 -11.64 -17.42 0.28
CA ASP B 1 -10.39 -16.70 0.07
C ASP B 1 -10.10 -15.79 1.24
N THR B 2 -9.09 -14.95 1.12
CA THR B 2 -8.77 -14.05 2.19
C THR B 2 -8.88 -12.60 1.77
N ALA B 3 -9.74 -11.88 2.47
CA ALA B 3 -9.94 -10.47 2.22
C ALA B 3 -9.75 -9.69 3.50
N GLY B 4 -8.85 -8.73 3.45
CA GLY B 4 -8.58 -7.91 4.61
C GLY B 4 -8.80 -6.46 4.27
N CYS B 5 -9.54 -5.73 5.10
CA CYS B 5 -9.77 -4.33 4.81
C CYS B 5 -9.11 -3.47 5.87
N ILE B 6 -8.27 -2.56 5.41
CA ILE B 6 -7.53 -1.67 6.29
C ILE B 6 -7.84 -0.21 5.96
N VAL B 7 -8.19 0.57 6.98
CA VAL B 7 -8.51 1.98 6.77
C VAL B 7 -7.55 2.85 7.58
N ILE B 8 -6.97 3.84 6.91
CA ILE B 8 -6.02 4.75 7.50
C ILE B 8 -6.47 6.20 7.38
N ASP B 10 -5.23 10.06 7.54
CA ASP B 10 -4.10 10.97 7.50
C ASP B 10 -4.49 12.37 7.02
N GLU B 12 -3.18 16.34 5.87
CA GLU B 12 -2.11 17.26 5.51
C GLU B 12 -2.02 18.39 6.54
N TYR A 1 -13.18 7.69 -0.38
CA TYR A 1 -12.06 6.79 -0.18
C TYR A 1 -11.80 5.97 -1.44
N ILE A 2 -10.53 5.70 -1.70
CA ILE A 2 -10.13 4.91 -2.86
C ILE A 2 -9.66 3.54 -2.39
N LYS A 3 -10.39 2.51 -2.77
CA LYS A 3 -10.06 1.15 -2.38
C LYS A 3 -9.07 0.54 -3.37
N LEU A 4 -7.83 0.36 -2.93
CA LEU A 4 -6.79 -0.24 -3.75
C LEU A 4 -6.65 -1.72 -3.45
N LYS A 5 -6.44 -2.52 -4.49
CA LYS A 5 -6.28 -3.95 -4.34
C LYS A 5 -4.81 -4.32 -4.19
N VAL A 6 -4.43 -4.72 -2.99
CA VAL A 6 -3.06 -5.10 -2.72
C VAL A 6 -2.91 -6.61 -2.85
N ILE A 7 -2.09 -7.03 -3.81
CA ILE A 7 -1.87 -8.46 -4.05
C ILE A 7 -0.57 -8.92 -3.39
N GLY A 8 -0.70 -9.80 -2.40
CA GLY A 8 0.45 -10.33 -1.71
C GLY A 8 1.11 -11.47 -2.46
N GLN A 9 2.25 -11.94 -1.96
CA GLN A 9 2.98 -13.04 -2.61
C GLN A 9 2.26 -14.36 -2.39
N ASP A 10 1.33 -14.39 -1.46
CA ASP A 10 0.56 -15.60 -1.19
C ASP A 10 -0.80 -15.51 -1.88
N SER A 11 -0.88 -14.60 -2.85
CA SER A 11 -2.09 -14.38 -3.64
C SER A 11 -3.28 -13.98 -2.77
N SER A 12 -3.03 -13.09 -1.83
CA SER A 12 -4.08 -12.60 -0.94
C SER A 12 -4.62 -11.28 -1.46
N GLU A 13 -5.94 -11.08 -1.36
CA GLU A 13 -6.56 -9.86 -1.82
C GLU A 13 -6.87 -8.94 -0.65
N ILE A 14 -6.01 -7.95 -0.43
CA ILE A 14 -6.20 -7.01 0.65
C ILE A 14 -6.75 -5.70 0.08
N HIS A 15 -7.77 -5.16 0.73
CA HIS A 15 -8.39 -3.93 0.28
C HIS A 15 -7.95 -2.76 1.15
N PHE A 16 -7.13 -1.89 0.59
CA PHE A 16 -6.68 -0.72 1.32
C PHE A 16 -7.44 0.50 0.85
N LYS A 17 -8.30 1.02 1.70
CA LYS A 17 -9.09 2.19 1.36
C LYS A 17 -8.38 3.45 1.82
N VAL A 18 -7.75 4.12 0.86
CA VAL A 18 -7.02 5.34 1.13
C VAL A 18 -7.92 6.55 0.95
N LYS A 19 -7.62 7.63 1.65
CA LYS A 19 -8.41 8.83 1.54
C LYS A 19 -7.69 9.86 0.69
N MET A 20 -8.45 10.67 -0.04
CA MET A 20 -7.86 11.69 -0.90
C MET A 20 -7.40 12.88 -0.05
N THR A 21 -6.39 12.63 0.78
CA THR A 21 -5.83 13.65 1.66
C THR A 21 -4.70 13.06 2.49
N THR A 22 -4.75 11.75 2.68
CA THR A 22 -3.77 11.06 3.49
C THR A 22 -2.43 11.01 2.77
N HIS A 23 -1.36 11.23 3.52
CA HIS A 23 -0.03 11.18 2.95
C HIS A 23 0.39 9.72 2.83
N LEU A 24 1.02 9.35 1.73
CA LEU A 24 1.42 7.96 1.53
C LEU A 24 2.48 7.53 2.54
N LYS A 25 2.98 8.47 3.32
CA LYS A 25 3.97 8.19 4.35
C LYS A 25 3.37 7.25 5.40
N LYS A 26 2.21 7.64 5.94
CA LYS A 26 1.53 6.85 6.96
C LYS A 26 0.92 5.59 6.34
N LEU A 27 0.64 5.65 5.06
CA LEU A 27 0.08 4.51 4.34
C LEU A 27 1.00 3.30 4.45
N LYS A 28 2.28 3.55 4.15
CA LYS A 28 3.28 2.51 4.20
C LYS A 28 3.44 1.98 5.63
N GLU A 29 3.39 2.88 6.60
CA GLU A 29 3.53 2.51 8.00
C GLU A 29 2.36 1.63 8.46
N SER A 30 1.15 2.05 8.13
CA SER A 30 -0.05 1.31 8.51
C SER A 30 -0.05 -0.11 7.94
N TYR A 31 0.47 -0.25 6.72
CA TYR A 31 0.55 -1.55 6.08
C TYR A 31 1.52 -2.47 6.82
N CYS A 32 2.66 -1.91 7.22
CA CYS A 32 3.68 -2.68 7.93
C CYS A 32 3.12 -3.25 9.23
N GLN A 33 2.27 -2.46 9.90
CA GLN A 33 1.66 -2.88 11.15
C GLN A 33 0.68 -4.02 10.92
N ARG A 34 0.08 -4.06 9.74
CA ARG A 34 -0.89 -5.09 9.39
C ARG A 34 -0.18 -6.42 9.13
N GLN A 35 1.03 -6.35 8.60
CA GLN A 35 1.81 -7.54 8.30
C GLN A 35 2.71 -7.93 9.47
N GLY A 36 2.70 -7.11 10.52
CA GLY A 36 3.51 -7.37 11.69
C GLY A 36 4.99 -7.26 11.40
N VAL A 37 5.36 -6.28 10.59
CA VAL A 37 6.74 -6.06 10.22
C VAL A 37 7.12 -4.59 10.39
N PRO A 38 8.42 -4.29 10.55
CA PRO A 38 8.90 -2.91 10.70
C PRO A 38 8.77 -2.16 9.37
N MET A 39 8.89 -0.85 9.42
CA MET A 39 8.78 -0.04 8.22
C MET A 39 10.02 -0.23 7.33
N ASN A 40 9.86 0.04 6.04
CA ASN A 40 10.94 -0.09 5.06
C ASN A 40 11.31 -1.55 4.81
N SER A 41 10.40 -2.45 5.16
CA SER A 41 10.64 -3.87 4.96
C SER A 41 10.10 -4.30 3.61
N LEU A 42 8.97 -3.74 3.25
CA LEU A 42 8.32 -4.07 1.99
C LEU A 42 8.21 -2.82 1.11
N ARG A 43 8.20 -3.05 -0.19
CA ARG A 43 8.09 -1.97 -1.16
C ARG A 43 6.81 -2.11 -1.98
N PHE A 44 6.18 -0.98 -2.26
CA PHE A 44 4.93 -0.97 -3.02
C PHE A 44 5.24 -0.61 -4.47
N LEU A 45 4.87 -1.49 -5.37
CA LEU A 45 5.13 -1.27 -6.79
C LEU A 45 3.85 -0.96 -7.54
N PHE A 46 3.88 0.15 -8.27
CA PHE A 46 2.77 0.59 -9.08
C PHE A 46 3.28 1.07 -10.43
N GLU A 47 2.91 0.36 -11.49
CA GLU A 47 3.34 0.69 -12.85
C GLU A 47 4.85 0.54 -13.00
N GLY A 48 5.45 -0.25 -12.11
CA GLY A 48 6.88 -0.46 -12.14
C GLY A 48 7.62 0.50 -11.23
N GLN A 49 6.93 1.53 -10.78
CA GLN A 49 7.52 2.53 -9.91
C GLN A 49 7.26 2.18 -8.46
N ARG A 50 8.20 2.50 -7.59
CA ARG A 50 8.07 2.22 -6.18
C ARG A 50 7.53 3.45 -5.46
N ILE A 51 6.43 3.26 -4.74
CA ILE A 51 5.77 4.34 -4.01
C ILE A 51 6.71 4.96 -2.98
N ALA A 52 6.90 6.26 -3.10
CA ALA A 52 7.76 7.01 -2.20
C ALA A 52 6.98 7.45 -0.97
N ASP A 53 7.71 7.85 0.06
CA ASP A 53 7.10 8.29 1.32
C ASP A 53 6.47 9.66 1.18
N ASN A 54 6.94 10.43 0.20
CA ASN A 54 6.44 11.78 -0.03
C ASN A 54 5.48 11.82 -1.20
N HIS A 55 4.99 10.67 -1.62
CA HIS A 55 4.06 10.60 -2.75
C HIS A 55 2.62 10.83 -2.28
N THR A 56 1.75 11.15 -3.22
CA THR A 56 0.35 11.39 -2.93
C THR A 56 -0.54 10.43 -3.74
N PRO A 57 -1.73 10.09 -3.23
CA PRO A 57 -2.65 9.17 -3.93
C PRO A 57 -3.30 9.78 -5.17
N LYS A 58 -3.08 11.08 -5.39
CA LYS A 58 -3.66 11.75 -6.54
C LYS A 58 -2.71 11.70 -7.75
N GLU A 59 -1.41 11.56 -7.50
CA GLU A 59 -0.44 11.51 -8.58
C GLU A 59 -0.25 10.09 -9.11
N LEU A 60 0.59 9.96 -10.14
CA LEU A 60 0.92 8.69 -10.77
C LEU A 60 -0.26 8.16 -11.61
N GLY A 61 -1.43 8.13 -11.02
CA GLY A 61 -2.61 7.65 -11.73
C GLY A 61 -3.34 6.58 -10.98
N MET A 62 -3.69 6.86 -9.73
CA MET A 62 -4.41 5.90 -8.90
C MET A 62 -5.91 6.11 -9.02
N GLU A 63 -6.67 5.03 -8.91
CA GLU A 63 -8.12 5.08 -8.99
C GLU A 63 -8.74 3.94 -8.19
N GLU A 64 -10.06 3.93 -8.10
CA GLU A 64 -10.77 2.90 -7.35
C GLU A 64 -10.62 1.54 -8.04
N GLU A 65 -10.44 0.49 -7.23
CA GLU A 65 -10.29 -0.87 -7.71
C GLU A 65 -8.98 -1.06 -8.48
N ASP A 66 -8.00 -0.20 -8.19
CA ASP A 66 -6.71 -0.28 -8.85
C ASP A 66 -5.88 -1.38 -8.21
N VAL A 67 -4.96 -1.95 -8.98
CA VAL A 67 -4.12 -3.04 -8.50
C VAL A 67 -2.72 -2.56 -8.16
N ILE A 68 -2.27 -2.85 -6.95
CA ILE A 68 -0.94 -2.49 -6.50
C ILE A 68 -0.24 -3.73 -5.94
N GLU A 69 1.06 -3.84 -6.19
CA GLU A 69 1.81 -5.00 -5.72
C GLU A 69 2.79 -4.62 -4.62
N VAL A 70 3.17 -5.59 -3.81
CA VAL A 70 4.10 -5.36 -2.71
C VAL A 70 5.11 -6.50 -2.61
N TYR A 71 6.38 -6.14 -2.46
CA TYR A 71 7.46 -7.12 -2.35
C TYR A 71 8.40 -6.74 -1.21
N GLN A 72 9.28 -7.66 -0.82
CA GLN A 72 10.21 -7.39 0.26
C GLN A 72 11.45 -6.67 -0.25
N GLU A 73 11.92 -5.70 0.51
CA GLU A 73 13.09 -4.92 0.14
C GLU A 73 14.37 -5.71 0.42
N GLN A 74 15.45 -5.33 -0.24
CA GLN A 74 16.75 -5.97 -0.07
C GLN A 74 17.28 -5.69 1.33
N THR A 75 16.91 -4.54 1.86
CA THR A 75 17.33 -4.11 3.18
C THR A 75 16.68 -4.95 4.27
N GLY A 76 15.51 -5.51 3.97
CA GLY A 76 14.80 -6.34 4.94
C GLY A 76 13.95 -5.52 5.89
N GLY A 77 14.47 -4.40 6.34
CA GLY A 77 13.75 -3.54 7.26
C GLY A 77 14.27 -2.11 7.24
N ASP B 1 -12.00 -17.75 0.34
CA ASP B 1 -10.85 -16.87 0.49
C ASP B 1 -11.12 -15.82 1.55
N THR B 2 -10.10 -15.10 1.97
CA THR B 2 -10.27 -14.08 2.99
C THR B 2 -9.91 -12.71 2.45
N ALA B 3 -10.80 -11.77 2.66
CA ALA B 3 -10.56 -10.41 2.21
C ALA B 3 -10.56 -9.48 3.40
N GLY B 4 -9.53 -8.68 3.50
CA GLY B 4 -9.39 -7.76 4.62
C GLY B 4 -9.33 -6.33 4.14
N CYS B 5 -10.08 -5.47 4.80
CA CYS B 5 -10.11 -4.07 4.43
C CYS B 5 -9.55 -3.20 5.56
N ILE B 6 -8.62 -2.33 5.19
CA ILE B 6 -7.99 -1.43 6.14
C ILE B 6 -8.22 0.02 5.74
N VAL B 7 -8.61 0.83 6.72
CA VAL B 7 -8.89 2.25 6.48
C VAL B 7 -7.91 3.11 7.27
N ILE B 8 -7.34 4.08 6.60
CA ILE B 8 -6.38 4.97 7.21
C ILE B 8 -6.82 6.43 7.13
N ASP B 10 -5.34 10.11 7.47
CA ASP B 10 -4.15 10.94 7.57
C ASP B 10 -4.36 12.31 6.92
N GLU B 12 -2.59 16.37 6.40
CA GLU B 12 -1.48 17.33 6.59
C GLU B 12 -1.74 18.19 7.83
N TYR A 1 -13.88 6.92 -0.12
CA TYR A 1 -12.76 6.02 0.12
C TYR A 1 -12.37 5.29 -1.15
N ILE A 2 -11.10 5.35 -1.50
CA ILE A 2 -10.59 4.68 -2.68
C ILE A 2 -10.02 3.32 -2.29
N LYS A 3 -10.61 2.27 -2.82
CA LYS A 3 -10.18 0.91 -2.49
C LYS A 3 -9.18 0.40 -3.51
N LEU A 4 -7.98 0.10 -3.05
CA LEU A 4 -6.93 -0.42 -3.90
C LEU A 4 -6.70 -1.89 -3.61
N LYS A 5 -6.56 -2.69 -4.66
CA LYS A 5 -6.35 -4.12 -4.50
C LYS A 5 -4.86 -4.43 -4.37
N VAL A 6 -4.46 -4.84 -3.18
CA VAL A 6 -3.08 -5.17 -2.90
C VAL A 6 -2.88 -6.67 -3.04
N ILE A 7 -2.04 -7.07 -3.98
CA ILE A 7 -1.77 -8.48 -4.20
C ILE A 7 -0.49 -8.92 -3.51
N GLY A 8 -0.63 -9.85 -2.57
CA GLY A 8 0.53 -10.35 -1.85
C GLY A 8 1.23 -11.45 -2.61
N GLN A 9 2.39 -11.86 -2.13
CA GLN A 9 3.17 -12.92 -2.78
C GLN A 9 2.47 -14.26 -2.65
N ASP A 10 1.67 -14.41 -1.60
CA ASP A 10 0.92 -15.66 -1.37
C ASP A 10 -0.44 -15.59 -2.05
N SER A 11 -0.57 -14.69 -3.02
CA SER A 11 -1.79 -14.50 -3.79
C SER A 11 -2.95 -14.09 -2.87
N SER A 12 -2.68 -13.14 -1.99
CA SER A 12 -3.69 -12.64 -1.08
C SER A 12 -4.26 -11.32 -1.59
N GLU A 13 -5.58 -11.22 -1.62
CA GLU A 13 -6.23 -10.00 -2.08
C GLU A 13 -6.58 -9.13 -0.88
N ILE A 14 -5.69 -8.21 -0.56
CA ILE A 14 -5.91 -7.30 0.56
C ILE A 14 -6.53 -6.02 0.06
N HIS A 15 -7.58 -5.57 0.72
CA HIS A 15 -8.28 -4.37 0.33
C HIS A 15 -7.82 -3.17 1.16
N PHE A 16 -7.17 -2.22 0.51
CA PHE A 16 -6.68 -1.03 1.18
C PHE A 16 -7.56 0.16 0.79
N LYS A 17 -8.28 0.69 1.76
CA LYS A 17 -9.16 1.83 1.51
C LYS A 17 -8.49 3.12 1.95
N VAL A 18 -8.08 3.92 0.97
CA VAL A 18 -7.40 5.19 1.24
C VAL A 18 -8.33 6.37 0.95
N LYS A 19 -7.85 7.58 1.22
CA LYS A 19 -8.65 8.78 0.99
C LYS A 19 -7.87 9.77 0.13
N MET A 20 -8.31 11.02 0.13
CA MET A 20 -7.67 12.05 -0.67
C MET A 20 -6.79 12.94 0.22
N THR A 21 -7.24 13.16 1.45
CA THR A 21 -6.51 14.00 2.40
C THR A 21 -5.29 13.28 2.96
N THR A 22 -5.30 11.97 2.90
CA THR A 22 -4.22 11.17 3.45
C THR A 22 -2.95 11.24 2.59
N HIS A 23 -1.80 11.18 3.25
CA HIS A 23 -0.51 11.21 2.57
C HIS A 23 0.03 9.79 2.54
N LEU A 24 0.69 9.42 1.45
CA LEU A 24 1.22 8.06 1.31
C LEU A 24 2.33 7.76 2.31
N LYS A 25 2.78 8.77 3.04
CA LYS A 25 3.82 8.60 4.04
C LYS A 25 3.30 7.71 5.17
N LYS A 26 2.12 8.05 5.68
CA LYS A 26 1.50 7.29 6.76
C LYS A 26 0.98 5.96 6.23
N LEU A 27 0.68 5.91 4.95
CA LEU A 27 0.18 4.70 4.30
C LEU A 27 1.15 3.55 4.46
N LYS A 28 2.40 3.81 4.10
CA LYS A 28 3.47 2.81 4.16
C LYS A 28 3.66 2.25 5.57
N GLU A 29 3.75 3.14 6.56
CA GLU A 29 3.96 2.70 7.93
C GLU A 29 2.74 1.98 8.51
N SER A 30 1.56 2.35 8.05
CA SER A 30 0.34 1.71 8.52
C SER A 30 0.25 0.26 8.05
N TYR A 31 0.70 0.01 6.83
CA TYR A 31 0.68 -1.34 6.27
C TYR A 31 1.67 -2.22 7.03
N CYS A 32 2.76 -1.62 7.49
CA CYS A 32 3.77 -2.35 8.24
C CYS A 32 3.17 -2.92 9.53
N GLN A 33 2.35 -2.10 10.18
CA GLN A 33 1.70 -2.51 11.42
C GLN A 33 0.73 -3.65 11.16
N ARG A 34 0.09 -3.62 9.99
CA ARG A 34 -0.86 -4.65 9.61
C ARG A 34 -0.18 -6.01 9.44
N GLN A 35 0.99 -6.01 8.82
CA GLN A 35 1.72 -7.24 8.59
C GLN A 35 2.59 -7.63 9.79
N GLY A 36 2.68 -6.73 10.76
CA GLY A 36 3.48 -7.00 11.94
C GLY A 36 4.97 -6.95 11.63
N VAL A 37 5.35 -5.99 10.81
CA VAL A 37 6.73 -5.82 10.42
C VAL A 37 7.16 -4.36 10.59
N PRO A 38 8.47 -4.10 10.68
CA PRO A 38 8.97 -2.73 10.81
C PRO A 38 8.87 -1.98 9.49
N MET A 39 9.22 -0.70 9.48
CA MET A 39 9.15 0.10 8.27
C MET A 39 10.34 -0.21 7.35
N ASN A 40 10.18 0.09 6.06
CA ASN A 40 11.22 -0.13 5.05
C ASN A 40 11.47 -1.63 4.89
N SER A 41 10.40 -2.40 5.03
CA SER A 41 10.48 -3.85 4.91
C SER A 41 9.93 -4.32 3.56
N LEU A 42 8.87 -3.67 3.11
CA LEU A 42 8.23 -4.02 1.85
C LEU A 42 8.17 -2.82 0.92
N ARG A 43 8.18 -3.09 -0.37
CA ARG A 43 8.11 -2.04 -1.38
C ARG A 43 6.76 -2.07 -2.08
N PHE A 44 6.23 -0.90 -2.36
CA PHE A 44 4.95 -0.79 -3.05
C PHE A 44 5.18 -0.40 -4.50
N LEU A 45 4.91 -1.32 -5.40
CA LEU A 45 5.13 -1.09 -6.82
C LEU A 45 3.83 -0.84 -7.56
N PHE A 46 3.82 0.26 -8.29
CA PHE A 46 2.67 0.65 -9.10
C PHE A 46 3.15 1.05 -10.49
N GLU A 47 2.74 0.28 -11.49
CA GLU A 47 3.13 0.53 -12.87
C GLU A 47 4.64 0.41 -13.06
N GLY A 48 5.29 -0.33 -12.17
CA GLY A 48 6.73 -0.52 -12.25
C GLY A 48 7.49 0.45 -11.36
N GLN A 49 6.80 1.49 -10.89
CA GLN A 49 7.43 2.49 -10.04
C GLN A 49 7.14 2.20 -8.57
N ARG A 50 8.09 2.52 -7.69
CA ARG A 50 7.91 2.27 -6.27
C ARG A 50 7.44 3.54 -5.56
N ILE A 51 6.39 3.40 -4.76
CA ILE A 51 5.81 4.52 -4.02
C ILE A 51 6.79 5.06 -2.98
N ALA A 52 7.06 6.36 -3.07
CA ALA A 52 7.97 7.01 -2.15
C ALA A 52 7.23 7.50 -0.93
N ASP A 53 7.97 7.86 0.11
CA ASP A 53 7.38 8.34 1.37
C ASP A 53 6.89 9.79 1.24
N ASN A 54 7.10 10.40 0.10
CA ASN A 54 6.68 11.78 -0.11
C ASN A 54 5.66 11.88 -1.24
N HIS A 55 5.17 10.73 -1.69
CA HIS A 55 4.20 10.71 -2.78
C HIS A 55 2.78 10.93 -2.25
N THR A 56 1.92 11.45 -3.11
CA THR A 56 0.54 11.70 -2.75
C THR A 56 -0.39 10.90 -3.66
N PRO A 57 -1.63 10.62 -3.23
CA PRO A 57 -2.60 9.87 -4.03
C PRO A 57 -3.13 10.68 -5.22
N LYS A 58 -2.63 11.90 -5.37
CA LYS A 58 -3.05 12.78 -6.45
C LYS A 58 -2.17 12.60 -7.68
N GLU A 59 -0.94 12.14 -7.47
CA GLU A 59 -0.02 11.94 -8.56
C GLU A 59 0.00 10.48 -8.99
N LEU A 60 0.67 10.20 -10.11
CA LEU A 60 0.79 8.84 -10.68
C LEU A 60 -0.53 8.38 -11.31
N GLY A 61 -1.61 8.43 -10.53
CA GLY A 61 -2.89 8.03 -11.05
C GLY A 61 -3.50 6.90 -10.25
N MET A 62 -4.04 7.23 -9.08
CA MET A 62 -4.66 6.23 -8.22
C MET A 62 -6.17 6.19 -8.45
N GLU A 63 -6.65 5.06 -8.93
CA GLU A 63 -8.06 4.89 -9.22
C GLU A 63 -8.65 3.76 -8.37
N GLU A 64 -9.97 3.69 -8.34
CA GLU A 64 -10.68 2.66 -7.59
C GLU A 64 -10.51 1.31 -8.30
N GLU A 65 -10.35 0.25 -7.51
CA GLU A 65 -10.17 -1.11 -8.03
C GLU A 65 -8.83 -1.26 -8.74
N ASP A 66 -7.88 -0.41 -8.37
CA ASP A 66 -6.54 -0.47 -8.96
C ASP A 66 -5.76 -1.60 -8.32
N VAL A 67 -4.73 -2.08 -8.98
CA VAL A 67 -3.93 -3.19 -8.45
C VAL A 67 -2.50 -2.75 -8.17
N ILE A 68 -2.06 -2.94 -6.93
CA ILE A 68 -0.72 -2.58 -6.53
C ILE A 68 0.03 -3.84 -6.06
N GLU A 69 1.32 -3.90 -6.33
CA GLU A 69 2.12 -5.06 -5.95
C GLU A 69 3.06 -4.70 -4.80
N VAL A 70 3.15 -5.59 -3.82
CA VAL A 70 4.02 -5.36 -2.67
C VAL A 70 4.91 -6.59 -2.45
N TYR A 71 6.21 -6.34 -2.34
CA TYR A 71 7.17 -7.42 -2.13
C TYR A 71 8.18 -7.03 -1.06
N GLN A 72 8.79 -8.03 -0.45
CA GLN A 72 9.78 -7.80 0.61
C GLN A 72 11.08 -7.25 0.03
N GLU A 73 11.61 -6.23 0.69
CA GLU A 73 12.85 -5.59 0.26
C GLU A 73 14.05 -6.48 0.54
N GLN A 74 15.12 -6.26 -0.21
CA GLN A 74 16.34 -7.03 -0.06
C GLN A 74 17.01 -6.75 1.29
N THR A 75 16.75 -5.56 1.82
CA THR A 75 17.31 -5.15 3.09
C THR A 75 16.55 -5.75 4.27
N GLY A 76 15.42 -6.39 3.96
CA GLY A 76 14.61 -7.02 4.99
C GLY A 76 13.72 -6.02 5.72
N GLY A 77 14.33 -5.02 6.33
CA GLY A 77 13.58 -4.02 7.05
C GLY A 77 14.50 -3.00 7.70
N ASP B 1 -11.83 -18.40 1.90
CA ASP B 1 -10.56 -17.71 1.70
C ASP B 1 -10.38 -16.63 2.76
N THR B 2 -9.36 -15.79 2.61
CA THR B 2 -9.13 -14.74 3.59
C THR B 2 -9.19 -13.36 2.94
N ALA B 3 -10.00 -12.48 3.51
CA ALA B 3 -10.13 -11.12 3.01
C ALA B 3 -9.75 -10.15 4.10
N GLY B 4 -8.86 -9.24 3.79
CA GLY B 4 -8.43 -8.26 4.77
C GLY B 4 -8.67 -6.85 4.30
N CYS B 5 -9.29 -6.03 5.14
CA CYS B 5 -9.55 -4.64 4.81
C CYS B 5 -8.88 -3.73 5.81
N ILE B 6 -8.10 -2.79 5.33
CA ILE B 6 -7.38 -1.87 6.21
C ILE B 6 -7.77 -0.41 5.94
N VAL B 7 -8.08 0.32 7.01
CA VAL B 7 -8.48 1.71 6.90
C VAL B 7 -7.49 2.61 7.64
N ILE B 8 -7.05 3.66 6.97
CA ILE B 8 -6.09 4.60 7.49
C ILE B 8 -6.64 6.03 7.47
N ASP B 10 -5.46 9.83 7.59
CA ASP B 10 -4.34 10.76 7.54
C ASP B 10 -4.71 12.10 6.93
N GLU B 12 -3.29 16.27 6.11
CA GLU B 12 -2.24 17.29 6.13
C GLU B 12 -2.49 18.21 7.34
N TYR A 1 -13.61 7.43 -0.12
CA TYR A 1 -12.47 6.54 -0.01
C TYR A 1 -12.16 5.90 -1.36
N ILE A 2 -10.90 5.55 -1.56
CA ILE A 2 -10.47 4.91 -2.79
C ILE A 2 -10.16 3.44 -2.49
N LYS A 3 -10.94 2.55 -3.11
CA LYS A 3 -10.77 1.12 -2.91
C LYS A 3 -9.63 0.57 -3.74
N LEU A 4 -8.54 0.20 -3.08
CA LEU A 4 -7.38 -0.35 -3.75
C LEU A 4 -7.16 -1.80 -3.33
N LYS A 5 -6.66 -2.62 -4.24
CA LYS A 5 -6.39 -4.02 -3.95
C LYS A 5 -4.90 -4.30 -4.00
N VAL A 6 -4.37 -4.79 -2.89
CA VAL A 6 -2.96 -5.12 -2.80
C VAL A 6 -2.75 -6.58 -3.16
N ILE A 7 -1.87 -6.83 -4.10
CA ILE A 7 -1.59 -8.19 -4.55
C ILE A 7 -0.35 -8.74 -3.87
N GLY A 8 -0.54 -9.73 -3.00
CA GLY A 8 0.57 -10.35 -2.31
C GLY A 8 1.09 -11.56 -3.06
N GLN A 9 2.35 -11.90 -2.81
CA GLN A 9 2.99 -13.04 -3.48
C GLN A 9 2.47 -14.36 -2.90
N ASP A 10 1.82 -14.28 -1.75
CA ASP A 10 1.28 -15.47 -1.10
C ASP A 10 -0.17 -15.69 -1.49
N SER A 11 -0.65 -14.92 -2.46
CA SER A 11 -2.01 -15.02 -2.97
C SER A 11 -3.04 -14.65 -1.88
N SER A 12 -3.14 -13.36 -1.62
CA SER A 12 -4.05 -12.79 -0.64
C SER A 12 -4.48 -11.41 -1.12
N GLU A 13 -5.73 -11.27 -1.53
CA GLU A 13 -6.22 -9.99 -2.02
C GLU A 13 -6.51 -9.06 -0.86
N ILE A 14 -5.61 -8.12 -0.62
CA ILE A 14 -5.77 -7.18 0.46
C ILE A 14 -6.55 -5.96 -0.02
N HIS A 15 -7.46 -5.48 0.80
CA HIS A 15 -8.27 -4.33 0.47
C HIS A 15 -7.85 -3.10 1.27
N PHE A 16 -7.01 -2.28 0.67
CA PHE A 16 -6.54 -1.07 1.32
C PHE A 16 -7.35 0.13 0.83
N LYS A 17 -8.32 0.56 1.61
CA LYS A 17 -9.14 1.69 1.23
C LYS A 17 -8.53 2.98 1.79
N VAL A 18 -7.95 3.77 0.90
CA VAL A 18 -7.32 5.01 1.29
C VAL A 18 -8.27 6.18 1.11
N LYS A 19 -7.85 7.36 1.52
CA LYS A 19 -8.69 8.54 1.41
C LYS A 19 -7.90 9.69 0.80
N MET A 20 -8.56 10.51 0.00
CA MET A 20 -7.92 11.66 -0.63
C MET A 20 -7.67 12.76 0.39
N THR A 21 -6.60 12.61 1.14
CA THR A 21 -6.21 13.55 2.18
C THR A 21 -5.08 12.96 3.00
N THR A 22 -5.03 11.63 3.02
CA THR A 22 -4.05 10.91 3.80
C THR A 22 -2.70 10.89 3.10
N HIS A 23 -1.65 11.22 3.84
CA HIS A 23 -0.31 11.24 3.28
C HIS A 23 0.16 9.80 3.07
N LEU A 24 0.82 9.54 1.95
CA LEU A 24 1.30 8.19 1.65
C LEU A 24 2.33 7.71 2.67
N LYS A 25 2.89 8.66 3.42
CA LYS A 25 3.87 8.34 4.46
C LYS A 25 3.22 7.46 5.53
N LYS A 26 1.98 7.79 5.88
CA LYS A 26 1.25 7.04 6.89
C LYS A 26 0.72 5.73 6.31
N LEU A 27 0.42 5.74 5.01
CA LEU A 27 -0.10 4.56 4.33
C LEU A 27 0.88 3.41 4.44
N LYS A 28 2.12 3.68 4.06
CA LYS A 28 3.17 2.68 4.08
C LYS A 28 3.45 2.17 5.49
N GLU A 29 3.45 3.07 6.47
CA GLU A 29 3.72 2.68 7.84
C GLU A 29 2.58 1.84 8.42
N SER A 30 1.34 2.18 8.07
CA SER A 30 0.18 1.45 8.57
C SER A 30 0.15 0.03 8.03
N TYR A 31 0.61 -0.15 6.79
CA TYR A 31 0.65 -1.46 6.18
C TYR A 31 1.59 -2.36 6.98
N CYS A 32 2.72 -1.80 7.38
CA CYS A 32 3.71 -2.54 8.15
C CYS A 32 3.14 -2.99 9.49
N GLN A 33 2.32 -2.13 10.09
CA GLN A 33 1.69 -2.43 11.38
C GLN A 33 0.75 -3.62 11.26
N ARG A 34 -0.07 -3.64 10.22
CA ARG A 34 -1.03 -4.72 10.01
C ARG A 34 -0.31 -6.03 9.67
N GLN A 35 0.83 -5.94 8.99
CA GLN A 35 1.58 -7.12 8.60
C GLN A 35 2.46 -7.62 9.76
N GLY A 36 2.74 -6.73 10.70
CA GLY A 36 3.55 -7.09 11.84
C GLY A 36 5.04 -7.03 11.53
N VAL A 37 5.44 -6.01 10.77
CA VAL A 37 6.84 -5.82 10.39
C VAL A 37 7.22 -4.35 10.50
N PRO A 38 8.52 -4.04 10.58
CA PRO A 38 8.99 -2.66 10.66
C PRO A 38 8.89 -1.96 9.30
N MET A 39 9.18 -0.67 9.27
CA MET A 39 9.11 0.09 8.02
C MET A 39 10.35 -0.20 7.17
N ASN A 40 10.23 0.03 5.86
CA ASN A 40 11.31 -0.20 4.90
C ASN A 40 11.62 -1.69 4.79
N SER A 41 10.59 -2.51 4.97
CA SER A 41 10.73 -3.95 4.87
C SER A 41 10.13 -4.46 3.56
N LEU A 42 9.20 -3.68 3.03
CA LEU A 42 8.53 -4.02 1.78
C LEU A 42 8.46 -2.79 0.88
N ARG A 43 8.28 -3.02 -0.40
CA ARG A 43 8.20 -1.93 -1.37
C ARG A 43 6.91 -2.03 -2.18
N PHE A 44 6.22 -0.89 -2.30
CA PHE A 44 4.98 -0.84 -3.05
C PHE A 44 5.27 -0.52 -4.50
N LEU A 45 4.87 -1.41 -5.39
CA LEU A 45 5.12 -1.23 -6.81
C LEU A 45 3.84 -0.84 -7.53
N PHE A 46 3.85 0.34 -8.13
CA PHE A 46 2.71 0.84 -8.87
C PHE A 46 3.15 1.27 -10.26
N GLU A 47 2.63 0.59 -11.27
CA GLU A 47 2.95 0.87 -12.67
C GLU A 47 4.44 0.68 -12.96
N GLY A 48 5.09 -0.17 -12.16
CA GLY A 48 6.51 -0.43 -12.35
C GLY A 48 7.40 0.49 -11.55
N GLN A 49 6.81 1.44 -10.86
CA GLN A 49 7.57 2.39 -10.05
C GLN A 49 7.28 2.17 -8.58
N ARG A 50 8.31 2.26 -7.75
CA ARG A 50 8.14 2.07 -6.32
C ARG A 50 7.66 3.37 -5.67
N ILE A 51 6.56 3.26 -4.94
CA ILE A 51 5.98 4.40 -4.26
C ILE A 51 6.89 4.93 -3.16
N ALA A 52 7.16 6.23 -3.22
CA ALA A 52 8.01 6.87 -2.23
C ALA A 52 7.21 7.20 -0.97
N ASP A 53 7.76 8.01 -0.09
CA ASP A 53 7.09 8.38 1.13
C ASP A 53 6.49 9.79 1.04
N ASN A 54 6.93 10.53 0.03
CA ASN A 54 6.45 11.90 -0.18
C ASN A 54 5.41 11.96 -1.28
N HIS A 55 5.15 10.81 -1.91
CA HIS A 55 4.18 10.73 -3.01
C HIS A 55 2.76 10.97 -2.51
N THR A 56 1.88 11.36 -3.42
CA THR A 56 0.48 11.59 -3.10
C THR A 56 -0.40 10.64 -3.90
N PRO A 57 -1.59 10.29 -3.39
CA PRO A 57 -2.51 9.37 -4.09
C PRO A 57 -3.15 10.01 -5.33
N LYS A 58 -2.95 11.30 -5.50
CA LYS A 58 -3.51 12.01 -6.65
C LYS A 58 -2.55 11.99 -7.84
N GLU A 59 -1.26 11.95 -7.57
CA GLU A 59 -0.26 11.94 -8.62
C GLU A 59 -0.05 10.52 -9.17
N LEU A 60 0.77 10.42 -10.22
CA LEU A 60 1.09 9.15 -10.87
C LEU A 60 -0.10 8.62 -11.69
N GLY A 61 -1.25 8.52 -11.05
CA GLY A 61 -2.44 8.05 -11.74
C GLY A 61 -3.15 6.95 -10.98
N MET A 62 -3.43 7.20 -9.70
CA MET A 62 -4.15 6.23 -8.88
C MET A 62 -5.64 6.33 -9.13
N GLU A 63 -6.34 5.20 -9.11
CA GLU A 63 -7.77 5.18 -9.36
C GLU A 63 -8.49 4.17 -8.49
N GLU A 64 -9.82 4.21 -8.54
CA GLU A 64 -10.67 3.30 -7.78
C GLU A 64 -10.63 1.91 -8.43
N GLU A 65 -10.72 0.87 -7.61
CA GLU A 65 -10.70 -0.52 -8.10
C GLU A 65 -9.40 -0.82 -8.82
N ASP A 66 -8.32 -0.26 -8.30
CA ASP A 66 -7.00 -0.44 -8.89
C ASP A 66 -6.22 -1.48 -8.10
N VAL A 67 -5.12 -1.94 -8.68
CA VAL A 67 -4.29 -2.95 -8.04
C VAL A 67 -2.86 -2.44 -7.82
N ILE A 68 -2.26 -2.90 -6.74
CA ILE A 68 -0.89 -2.52 -6.41
C ILE A 68 -0.15 -3.75 -5.87
N GLU A 69 1.11 -3.88 -6.24
CA GLU A 69 1.91 -5.03 -5.81
C GLU A 69 2.88 -4.62 -4.71
N VAL A 70 3.25 -5.58 -3.86
CA VAL A 70 4.18 -5.32 -2.78
C VAL A 70 5.11 -6.51 -2.58
N TYR A 71 6.40 -6.25 -2.56
CA TYR A 71 7.40 -7.29 -2.37
C TYR A 71 8.33 -6.95 -1.22
N GLN A 72 8.98 -7.95 -0.65
CA GLN A 72 9.88 -7.75 0.46
C GLN A 72 11.22 -7.18 -0.02
N GLU A 73 11.78 -6.29 0.78
CA GLU A 73 13.04 -5.65 0.45
C GLU A 73 14.22 -6.55 0.79
N GLN A 74 15.33 -6.35 0.09
CA GLN A 74 16.54 -7.12 0.31
C GLN A 74 17.26 -6.61 1.55
N THR A 75 16.87 -5.42 2.01
CA THR A 75 17.47 -4.81 3.17
C THR A 75 16.82 -5.34 4.46
N GLY A 76 15.80 -6.18 4.29
CA GLY A 76 15.10 -6.74 5.44
C GLY A 76 14.09 -5.79 6.03
N GLY A 77 14.59 -4.71 6.63
CA GLY A 77 13.72 -3.72 7.23
C GLY A 77 14.42 -2.41 7.47
N ASP B 1 -11.54 -17.80 0.98
CA ASP B 1 -10.23 -17.23 0.70
C ASP B 1 -9.88 -16.19 1.76
N THR B 2 -8.93 -15.31 1.49
CA THR B 2 -8.58 -14.31 2.46
C THR B 2 -8.78 -12.89 1.95
N ALA B 3 -9.59 -12.14 2.69
CA ALA B 3 -9.86 -10.75 2.38
C ALA B 3 -9.58 -9.90 3.61
N GLY B 4 -8.76 -8.89 3.44
CA GLY B 4 -8.44 -8.00 4.55
C GLY B 4 -8.79 -6.58 4.23
N CYS B 5 -9.53 -5.91 5.10
CA CYS B 5 -9.88 -4.52 4.85
C CYS B 5 -9.31 -3.62 5.92
N ILE B 6 -8.53 -2.64 5.49
CA ILE B 6 -7.90 -1.70 6.39
C ILE B 6 -8.28 -0.27 6.00
N VAL B 7 -8.68 0.54 6.96
CA VAL B 7 -9.06 1.92 6.69
C VAL B 7 -8.10 2.85 7.41
N ILE B 8 -7.58 3.82 6.67
CA ILE B 8 -6.61 4.74 7.22
C ILE B 8 -7.08 6.19 7.10
N ASP B 10 -5.72 9.97 7.57
CA ASP B 10 -4.60 10.85 7.77
C ASP B 10 -4.83 12.21 7.13
N GLU B 12 -3.21 16.32 6.68
CA GLU B 12 -2.12 17.26 6.92
C GLU B 12 -2.44 18.20 8.10
N TYR A 1 -14.07 7.38 -0.25
CA TYR A 1 -12.76 6.78 -0.12
C TYR A 1 -12.40 6.00 -1.38
N ILE A 2 -11.11 5.86 -1.64
CA ILE A 2 -10.63 5.12 -2.79
C ILE A 2 -10.15 3.75 -2.34
N LYS A 3 -10.79 2.71 -2.85
CA LYS A 3 -10.44 1.35 -2.48
C LYS A 3 -9.48 0.77 -3.51
N LEU A 4 -8.33 0.32 -3.04
CA LEU A 4 -7.31 -0.26 -3.89
C LEU A 4 -7.03 -1.69 -3.45
N LYS A 5 -6.58 -2.52 -4.38
CA LYS A 5 -6.31 -3.91 -4.07
C LYS A 5 -4.82 -4.21 -4.07
N VAL A 6 -4.30 -4.59 -2.92
CA VAL A 6 -2.90 -4.93 -2.77
C VAL A 6 -2.76 -6.44 -2.96
N ILE A 7 -1.94 -6.84 -3.93
CA ILE A 7 -1.74 -8.25 -4.20
C ILE A 7 -0.56 -8.80 -3.40
N GLY A 8 -0.85 -9.72 -2.49
CA GLY A 8 0.18 -10.32 -1.68
C GLY A 8 0.89 -11.44 -2.42
N GLN A 9 2.13 -11.73 -2.01
CA GLN A 9 2.92 -12.78 -2.65
C GLN A 9 2.30 -14.17 -2.41
N ASP A 10 1.59 -14.30 -1.31
CA ASP A 10 0.95 -15.57 -0.95
C ASP A 10 -0.45 -15.69 -1.56
N SER A 11 -0.73 -14.83 -2.54
CA SER A 11 -2.03 -14.81 -3.22
C SER A 11 -3.13 -14.36 -2.26
N SER A 12 -2.93 -13.18 -1.68
CA SER A 12 -3.88 -12.58 -0.75
C SER A 12 -4.33 -11.24 -1.31
N GLU A 13 -5.63 -10.96 -1.24
CA GLU A 13 -6.15 -9.70 -1.74
C GLU A 13 -6.46 -8.75 -0.58
N ILE A 14 -5.67 -7.70 -0.46
CA ILE A 14 -5.87 -6.72 0.60
C ILE A 14 -6.61 -5.50 0.07
N HIS A 15 -7.75 -5.21 0.68
CA HIS A 15 -8.57 -4.07 0.30
C HIS A 15 -8.19 -2.88 1.15
N PHE A 16 -7.33 -2.04 0.62
CA PHE A 16 -6.88 -0.85 1.35
C PHE A 16 -7.62 0.37 0.81
N LYS A 17 -8.23 1.13 1.71
CA LYS A 17 -8.98 2.31 1.31
C LYS A 17 -8.49 3.57 2.00
N VAL A 18 -8.28 4.61 1.21
CA VAL A 18 -7.81 5.91 1.72
C VAL A 18 -8.60 7.04 1.09
N LYS A 19 -8.50 8.25 1.65
CA LYS A 19 -9.23 9.38 1.10
C LYS A 19 -8.27 10.27 0.30
N MET A 20 -8.83 11.19 -0.48
CA MET A 20 -8.00 12.10 -1.28
C MET A 20 -7.40 13.18 -0.39
N THR A 21 -6.45 12.75 0.44
CA THR A 21 -5.73 13.62 1.37
C THR A 21 -4.70 12.78 2.09
N THR A 22 -5.12 11.58 2.50
CA THR A 22 -4.28 10.62 3.20
C THR A 22 -2.96 10.40 2.48
N HIS A 23 -1.89 10.97 3.01
CA HIS A 23 -0.57 10.83 2.44
C HIS A 23 -0.15 9.36 2.49
N LEU A 24 0.66 8.94 1.52
CA LEU A 24 1.10 7.55 1.46
C LEU A 24 2.07 7.22 2.60
N LYS A 25 2.39 8.23 3.40
CA LYS A 25 3.28 8.06 4.55
C LYS A 25 2.55 7.21 5.59
N LYS A 26 1.27 7.52 5.79
CA LYS A 26 0.42 6.80 6.74
C LYS A 26 0.15 5.39 6.22
N LEU A 27 0.23 5.22 4.91
CA LEU A 27 -0.01 3.94 4.26
C LEU A 27 1.09 2.92 4.58
N LYS A 28 2.29 3.24 4.12
CA LYS A 28 3.45 2.37 4.29
C LYS A 28 3.70 1.99 5.75
N GLU A 29 3.57 2.93 6.67
CA GLU A 29 3.82 2.63 8.07
C GLU A 29 2.74 1.71 8.66
N SER A 30 1.48 1.92 8.27
CA SER A 30 0.38 1.11 8.78
C SER A 30 0.40 -0.30 8.18
N TYR A 31 0.73 -0.40 6.89
CA TYR A 31 0.78 -1.70 6.23
C TYR A 31 1.79 -2.62 6.92
N CYS A 32 2.94 -2.05 7.28
CA CYS A 32 3.99 -2.81 7.94
C CYS A 32 3.49 -3.32 9.30
N GLN A 33 2.68 -2.50 9.96
CA GLN A 33 2.12 -2.84 11.26
C GLN A 33 1.12 -3.99 11.13
N ARG A 34 0.36 -3.98 10.03
CA ARG A 34 -0.63 -5.03 9.77
C ARG A 34 0.05 -6.37 9.56
N GLN A 35 1.17 -6.35 8.83
CA GLN A 35 1.92 -7.57 8.56
C GLN A 35 2.71 -7.99 9.80
N GLY A 36 3.05 -7.01 10.62
CA GLY A 36 3.81 -7.29 11.83
C GLY A 36 5.30 -7.25 11.58
N VAL A 37 5.71 -6.38 10.67
CA VAL A 37 7.12 -6.23 10.31
C VAL A 37 7.52 -4.75 10.40
N PRO A 38 8.81 -4.46 10.62
CA PRO A 38 9.30 -3.09 10.70
C PRO A 38 9.16 -2.35 9.37
N MET A 39 9.29 -1.04 9.42
CA MET A 39 9.16 -0.21 8.22
C MET A 39 10.37 -0.41 7.31
N ASN A 40 10.17 -0.22 6.00
CA ASN A 40 11.22 -0.36 4.98
C ASN A 40 11.56 -1.83 4.74
N SER A 41 10.60 -2.71 5.02
CA SER A 41 10.80 -4.13 4.82
C SER A 41 10.08 -4.60 3.56
N LEU A 42 9.05 -3.86 3.19
CA LEU A 42 8.24 -4.19 2.02
C LEU A 42 8.15 -2.98 1.09
N ARG A 43 8.39 -3.21 -0.20
CA ARG A 43 8.32 -2.16 -1.19
C ARG A 43 7.01 -2.26 -1.95
N PHE A 44 6.45 -1.12 -2.31
CA PHE A 44 5.20 -1.07 -3.05
C PHE A 44 5.45 -0.61 -4.48
N LEU A 45 5.02 -1.41 -5.43
CA LEU A 45 5.21 -1.09 -6.84
C LEU A 45 3.90 -0.78 -7.53
N PHE A 46 3.88 0.34 -8.23
CA PHE A 46 2.71 0.78 -8.95
C PHE A 46 3.12 1.24 -10.35
N GLU A 47 2.60 0.55 -11.36
CA GLU A 47 2.89 0.87 -12.76
C GLU A 47 4.38 0.75 -13.05
N GLY A 48 5.05 -0.17 -12.36
CA GLY A 48 6.47 -0.38 -12.58
C GLY A 48 7.36 0.46 -11.68
N GLN A 49 6.81 1.54 -11.13
CA GLN A 49 7.58 2.42 -10.26
C GLN A 49 7.28 2.12 -8.80
N ARG A 50 8.17 2.50 -7.91
CA ARG A 50 7.98 2.25 -6.48
C ARG A 50 7.42 3.48 -5.78
N ILE A 51 6.63 3.24 -4.75
CA ILE A 51 6.03 4.31 -3.97
C ILE A 51 7.07 4.99 -3.09
N ALA A 52 7.11 6.31 -3.16
CA ALA A 52 8.05 7.10 -2.37
C ALA A 52 7.50 7.38 -0.98
N ASP A 53 8.07 8.35 -0.30
CA ASP A 53 7.61 8.71 1.04
C ASP A 53 6.72 9.94 1.00
N ASN A 54 6.93 10.77 0.00
CA ASN A 54 6.16 12.00 -0.15
C ASN A 54 5.12 11.86 -1.26
N HIS A 55 4.90 10.64 -1.72
CA HIS A 55 3.94 10.38 -2.78
C HIS A 55 2.51 10.57 -2.27
N THR A 56 1.67 11.11 -3.13
CA THR A 56 0.26 11.34 -2.81
C THR A 56 -0.62 10.51 -3.73
N PRO A 57 -1.86 10.20 -3.32
CA PRO A 57 -2.79 9.39 -4.14
C PRO A 57 -3.34 10.16 -5.34
N LYS A 58 -2.92 11.40 -5.50
CA LYS A 58 -3.40 12.22 -6.60
C LYS A 58 -2.42 12.19 -7.77
N GLU A 59 -1.14 12.01 -7.48
CA GLU A 59 -0.12 11.97 -8.52
C GLU A 59 -0.01 10.57 -9.12
N LEU A 60 0.68 10.46 -10.26
CA LEU A 60 0.90 9.18 -10.96
C LEU A 60 -0.37 8.70 -11.66
N GLY A 61 -1.50 8.72 -10.95
CA GLY A 61 -2.75 8.29 -11.54
C GLY A 61 -3.34 7.11 -10.82
N MET A 62 -3.85 7.35 -9.62
CA MET A 62 -4.45 6.29 -8.82
C MET A 62 -5.98 6.39 -8.87
N GLU A 63 -6.64 5.25 -8.94
CA GLU A 63 -8.11 5.21 -8.99
C GLU A 63 -8.65 4.01 -8.21
N GLU A 64 -9.97 3.90 -8.17
CA GLU A 64 -10.64 2.80 -7.48
C GLU A 64 -10.40 1.50 -8.24
N GLU A 65 -10.29 0.40 -7.49
CA GLU A 65 -10.06 -0.93 -8.07
C GLU A 65 -8.66 -1.02 -8.69
N ASP A 66 -7.77 -0.20 -8.19
CA ASP A 66 -6.39 -0.17 -8.70
C ASP A 66 -5.62 -1.37 -8.17
N VAL A 67 -4.56 -1.73 -8.88
CA VAL A 67 -3.73 -2.86 -8.50
C VAL A 67 -2.32 -2.41 -8.14
N ILE A 68 -1.88 -2.79 -6.95
CA ILE A 68 -0.54 -2.45 -6.49
C ILE A 68 0.15 -3.71 -5.97
N GLU A 69 1.45 -3.82 -6.23
CA GLU A 69 2.21 -4.98 -5.81
C GLU A 69 3.12 -4.64 -4.64
N VAL A 70 3.38 -5.63 -3.80
CA VAL A 70 4.25 -5.45 -2.64
C VAL A 70 5.18 -6.65 -2.48
N TYR A 71 6.47 -6.36 -2.35
CA TYR A 71 7.47 -7.42 -2.20
C TYR A 71 8.45 -7.07 -1.08
N GLN A 72 9.19 -8.08 -0.63
CA GLN A 72 10.16 -7.89 0.45
C GLN A 72 11.40 -7.18 -0.06
N GLU A 73 11.87 -6.20 0.70
CA GLU A 73 13.05 -5.43 0.35
C GLU A 73 14.32 -6.25 0.55
N GLN A 74 15.41 -5.78 -0.03
CA GLN A 74 16.69 -6.46 0.09
C GLN A 74 17.26 -6.25 1.49
N THR A 75 16.89 -5.13 2.11
CA THR A 75 17.33 -4.80 3.45
C THR A 75 16.56 -5.62 4.48
N GLY A 76 15.26 -5.77 4.26
CA GLY A 76 14.42 -6.51 5.17
C GLY A 76 13.90 -5.66 6.31
N GLY A 77 14.17 -4.37 6.24
CA GLY A 77 13.71 -3.45 7.27
C GLY A 77 14.40 -2.12 7.19
N ASP B 1 -11.81 -17.89 2.15
CA ASP B 1 -10.72 -17.31 1.38
C ASP B 1 -10.04 -16.22 2.18
N THR B 2 -9.26 -15.36 1.54
CA THR B 2 -8.61 -14.29 2.27
C THR B 2 -9.07 -12.93 1.81
N ALA B 3 -9.71 -12.21 2.72
CA ALA B 3 -10.16 -10.86 2.47
C ALA B 3 -9.71 -9.95 3.59
N GLY B 4 -9.01 -8.89 3.27
CA GLY B 4 -8.60 -7.98 4.30
C GLY B 4 -9.01 -6.56 3.98
N CYS B 5 -9.72 -5.91 4.88
CA CYS B 5 -10.11 -4.53 4.65
C CYS B 5 -9.51 -3.66 5.75
N ILE B 6 -8.69 -2.69 5.36
CA ILE B 6 -8.04 -1.79 6.30
C ILE B 6 -8.20 -0.34 5.87
N VAL B 7 -8.57 0.54 6.80
CA VAL B 7 -8.68 1.96 6.48
C VAL B 7 -7.72 2.73 7.38
N ILE B 8 -6.85 3.53 6.76
CA ILE B 8 -5.87 4.33 7.48
C ILE B 8 -6.03 5.80 7.10
N ASP B 10 -4.63 9.82 7.10
CA ASP B 10 -3.61 10.83 7.21
C ASP B 10 -4.19 12.14 6.75
N GLU B 12 -3.57 16.42 6.84
CA GLU B 12 -2.67 17.51 7.18
C GLU B 12 -3.17 18.29 8.39
N TYR A 1 -13.55 7.74 -1.20
CA TYR A 1 -12.72 6.62 -0.76
C TYR A 1 -12.14 5.88 -1.96
N ILE A 2 -10.84 5.66 -1.92
CA ILE A 2 -10.13 4.97 -2.99
C ILE A 2 -9.65 3.61 -2.50
N LYS A 3 -10.33 2.55 -2.93
CA LYS A 3 -9.96 1.22 -2.51
C LYS A 3 -8.97 0.58 -3.48
N LEU A 4 -7.73 0.47 -3.03
CA LEU A 4 -6.67 -0.11 -3.83
C LEU A 4 -6.55 -1.60 -3.53
N LYS A 5 -6.10 -2.37 -4.50
CA LYS A 5 -5.95 -3.80 -4.32
C LYS A 5 -4.50 -4.20 -4.18
N VAL A 6 -4.13 -4.62 -2.98
CA VAL A 6 -2.77 -5.06 -2.71
C VAL A 6 -2.72 -6.57 -2.78
N ILE A 7 -2.23 -7.09 -3.90
CA ILE A 7 -2.17 -8.53 -4.10
C ILE A 7 -0.88 -9.10 -3.53
N GLY A 8 -1.01 -9.96 -2.53
CA GLY A 8 0.15 -10.59 -1.93
C GLY A 8 0.65 -11.72 -2.81
N GLN A 9 1.77 -12.32 -2.42
CA GLN A 9 2.36 -13.40 -3.20
C GLN A 9 1.61 -14.71 -2.99
N ASP A 10 0.77 -14.75 -1.95
CA ASP A 10 0.01 -15.95 -1.64
C ASP A 10 -1.46 -15.79 -2.05
N SER A 11 -1.72 -14.84 -2.94
CA SER A 11 -3.07 -14.58 -3.45
C SER A 11 -4.01 -14.15 -2.33
N SER A 12 -3.65 -13.08 -1.65
CA SER A 12 -4.46 -12.53 -0.57
C SER A 12 -5.13 -11.25 -1.07
N GLU A 13 -6.45 -11.19 -0.98
CA GLU A 13 -7.20 -10.01 -1.42
C GLU A 13 -7.16 -8.91 -0.38
N ILE A 14 -6.12 -8.11 -0.41
CA ILE A 14 -5.98 -7.01 0.53
C ILE A 14 -6.50 -5.72 -0.10
N HIS A 15 -7.57 -5.19 0.47
CA HIS A 15 -8.19 -3.98 -0.02
C HIS A 15 -7.81 -2.80 0.87
N PHE A 16 -7.06 -1.88 0.29
CA PHE A 16 -6.60 -0.70 1.00
C PHE A 16 -7.46 0.50 0.63
N LYS A 17 -8.45 0.81 1.46
CA LYS A 17 -9.35 1.93 1.20
C LYS A 17 -8.81 3.22 1.80
N VAL A 18 -8.09 3.98 0.99
CA VAL A 18 -7.48 5.23 1.42
C VAL A 18 -8.31 6.43 0.96
N LYS A 19 -7.79 7.62 1.19
CA LYS A 19 -8.46 8.84 0.80
C LYS A 19 -7.52 9.70 -0.04
N MET A 20 -7.87 10.96 -0.24
CA MET A 20 -7.04 11.86 -1.03
C MET A 20 -6.20 12.76 -0.12
N THR A 21 -6.72 13.02 1.07
CA THR A 21 -6.03 13.87 2.04
C THR A 21 -4.96 13.08 2.78
N THR A 22 -5.07 11.76 2.74
CA THR A 22 -4.12 10.91 3.45
C THR A 22 -2.79 10.82 2.70
N HIS A 23 -1.71 10.99 3.44
CA HIS A 23 -0.39 10.92 2.87
C HIS A 23 0.01 9.45 2.75
N LEU A 24 0.72 9.09 1.69
CA LEU A 24 1.14 7.71 1.50
C LEU A 24 2.16 7.31 2.56
N LYS A 25 2.74 8.30 3.22
CA LYS A 25 3.72 8.07 4.28
C LYS A 25 3.10 7.27 5.41
N LYS A 26 1.94 7.72 5.89
CA LYS A 26 1.26 7.05 6.98
C LYS A 26 0.60 5.76 6.50
N LEU A 27 0.23 5.74 5.24
CA LEU A 27 -0.41 4.56 4.64
C LEU A 27 0.56 3.39 4.63
N LYS A 28 1.82 3.67 4.33
CA LYS A 28 2.85 2.66 4.26
C LYS A 28 3.21 2.10 5.65
N GLU A 29 3.39 2.97 6.63
CA GLU A 29 3.76 2.53 7.98
C GLU A 29 2.66 1.67 8.61
N SER A 30 1.41 1.99 8.31
CA SER A 30 0.28 1.26 8.85
C SER A 30 0.22 -0.16 8.26
N TYR A 31 0.59 -0.28 6.99
CA TYR A 31 0.59 -1.58 6.32
C TYR A 31 1.65 -2.47 6.96
N CYS A 32 2.77 -1.86 7.32
CA CYS A 32 3.87 -2.58 7.95
C CYS A 32 3.43 -3.17 9.28
N GLN A 33 2.74 -2.36 10.08
CA GLN A 33 2.26 -2.79 11.38
C GLN A 33 1.17 -3.85 11.21
N ARG A 34 0.43 -3.75 10.13
CA ARG A 34 -0.63 -4.71 9.84
C ARG A 34 -0.04 -6.09 9.55
N GLN A 35 1.07 -6.10 8.81
CA GLN A 35 1.74 -7.35 8.45
C GLN A 35 2.63 -7.84 9.59
N GLY A 36 3.01 -6.94 10.48
CA GLY A 36 3.86 -7.33 11.60
C GLY A 36 5.34 -7.22 11.26
N VAL A 37 5.68 -6.27 10.40
CA VAL A 37 7.06 -6.07 9.99
C VAL A 37 7.43 -4.59 10.08
N PRO A 38 8.73 -4.27 10.23
CA PRO A 38 9.18 -2.87 10.30
C PRO A 38 8.91 -2.13 9.00
N MET A 39 8.89 -0.81 9.06
CA MET A 39 8.63 -0.01 7.87
C MET A 39 9.88 0.04 6.98
N ASN A 40 9.65 0.24 5.68
CA ASN A 40 10.71 0.33 4.67
C ASN A 40 11.27 -1.04 4.30
N SER A 41 10.71 -2.08 4.89
CA SER A 41 11.15 -3.44 4.60
C SER A 41 10.41 -3.99 3.39
N LEU A 42 9.26 -3.38 3.10
CA LEU A 42 8.44 -3.79 1.98
C LEU A 42 8.34 -2.65 0.98
N ARG A 43 8.60 -2.95 -0.28
CA ARG A 43 8.55 -1.96 -1.33
C ARG A 43 7.24 -2.07 -2.11
N PHE A 44 6.59 -0.95 -2.32
CA PHE A 44 5.33 -0.90 -3.03
C PHE A 44 5.56 -0.53 -4.48
N LEU A 45 5.17 -1.41 -5.39
CA LEU A 45 5.35 -1.19 -6.81
C LEU A 45 4.03 -0.83 -7.48
N PHE A 46 3.95 0.40 -7.95
CA PHE A 46 2.78 0.91 -8.63
C PHE A 46 3.18 1.36 -10.03
N GLU A 47 2.70 0.65 -11.05
CA GLU A 47 3.04 0.96 -12.44
C GLU A 47 4.53 0.79 -12.68
N GLY A 48 5.15 -0.07 -11.88
CA GLY A 48 6.57 -0.32 -11.98
C GLY A 48 7.38 0.66 -11.15
N GLN A 49 6.72 1.72 -10.69
CA GLN A 49 7.36 2.74 -9.88
C GLN A 49 7.23 2.41 -8.41
N ARG A 50 8.26 2.71 -7.63
CA ARG A 50 8.21 2.45 -6.20
C ARG A 50 7.61 3.65 -5.48
N ILE A 51 6.60 3.38 -4.66
CA ILE A 51 5.92 4.44 -3.91
C ILE A 51 6.83 5.06 -2.86
N ALA A 52 7.06 6.36 -3.00
CA ALA A 52 7.90 7.08 -2.08
C ALA A 52 7.09 7.56 -0.88
N ASP A 53 7.78 7.99 0.17
CA ASP A 53 7.11 8.45 1.38
C ASP A 53 6.53 9.85 1.21
N ASN A 54 6.91 10.50 0.12
CA ASN A 54 6.42 11.84 -0.18
C ASN A 54 5.45 11.81 -1.36
N HIS A 55 4.87 10.64 -1.60
CA HIS A 55 3.92 10.48 -2.70
C HIS A 55 2.48 10.61 -2.21
N THR A 56 1.59 10.96 -3.13
CA THR A 56 0.18 11.10 -2.82
C THR A 56 -0.66 10.34 -3.84
N PRO A 57 -1.86 9.86 -3.45
CA PRO A 57 -2.75 9.09 -4.35
C PRO A 57 -3.21 9.87 -5.58
N LYS A 58 -3.10 11.19 -5.52
CA LYS A 58 -3.51 12.04 -6.63
C LYS A 58 -2.54 11.92 -7.82
N GLU A 59 -1.27 11.78 -7.53
CA GLU A 59 -0.27 11.66 -8.59
C GLU A 59 -0.15 10.22 -9.06
N LEU A 60 0.52 10.02 -10.19
CA LEU A 60 0.73 8.69 -10.79
C LEU A 60 -0.56 8.17 -11.43
N GLY A 61 -1.68 8.33 -10.73
CA GLY A 61 -2.95 7.88 -11.25
C GLY A 61 -3.51 6.71 -10.47
N MET A 62 -4.05 6.98 -9.30
CA MET A 62 -4.63 5.94 -8.45
C MET A 62 -6.16 6.05 -8.50
N GLU A 63 -6.80 5.01 -9.01
CA GLU A 63 -8.25 4.99 -9.09
C GLU A 63 -8.82 3.83 -8.30
N GLU A 64 -10.14 3.67 -8.38
CA GLU A 64 -10.83 2.60 -7.67
C GLU A 64 -10.45 1.25 -8.28
N GLU A 65 -10.25 0.25 -7.43
CA GLU A 65 -9.89 -1.10 -7.86
C GLU A 65 -8.51 -1.14 -8.50
N ASP A 66 -7.66 -0.14 -8.20
CA ASP A 66 -6.32 -0.11 -8.76
C ASP A 66 -5.45 -1.14 -8.06
N VAL A 67 -4.76 -1.95 -8.84
CA VAL A 67 -3.93 -3.02 -8.29
C VAL A 67 -2.49 -2.57 -8.09
N ILE A 68 -1.95 -2.90 -6.92
CA ILE A 68 -0.58 -2.58 -6.57
C ILE A 68 0.10 -3.81 -5.99
N GLU A 69 1.40 -3.96 -6.22
CA GLU A 69 2.14 -5.10 -5.73
C GLU A 69 3.12 -4.69 -4.64
N VAL A 70 3.35 -5.59 -3.69
CA VAL A 70 4.26 -5.33 -2.59
C VAL A 70 5.29 -6.46 -2.51
N TYR A 71 6.56 -6.10 -2.45
CA TYR A 71 7.63 -7.08 -2.37
C TYR A 71 8.59 -6.74 -1.24
N GLN A 72 9.32 -7.73 -0.76
CA GLN A 72 10.26 -7.52 0.32
C GLN A 72 11.55 -6.91 -0.22
N GLU A 73 12.07 -5.92 0.49
CA GLU A 73 13.31 -5.27 0.11
C GLU A 73 14.51 -6.14 0.48
N GLN A 74 15.65 -5.88 -0.15
CA GLN A 74 16.86 -6.63 0.11
C GLN A 74 17.33 -6.42 1.54
N THR A 75 17.11 -5.21 2.04
CA THR A 75 17.49 -4.84 3.39
C THR A 75 16.73 -5.67 4.40
N GLY A 76 15.41 -5.58 4.35
CA GLY A 76 14.57 -6.32 5.26
C GLY A 76 14.37 -5.61 6.59
N GLY A 77 14.80 -4.36 6.66
CA GLY A 77 14.66 -3.60 7.89
C GLY A 77 14.11 -2.22 7.63
N ASP B 1 -12.35 -17.92 2.00
CA ASP B 1 -11.21 -17.35 1.31
C ASP B 1 -10.58 -16.27 2.17
N THR B 2 -9.66 -15.48 1.61
CA THR B 2 -9.05 -14.43 2.39
C THR B 2 -9.28 -13.05 1.80
N ALA B 3 -9.95 -12.21 2.58
CA ALA B 3 -10.21 -10.83 2.21
C ALA B 3 -9.77 -9.94 3.36
N GLY B 4 -8.94 -8.97 3.07
CA GLY B 4 -8.50 -8.06 4.11
C GLY B 4 -8.79 -6.62 3.75
N CYS B 5 -9.47 -5.92 4.63
CA CYS B 5 -9.78 -4.52 4.37
C CYS B 5 -9.21 -3.65 5.49
N ILE B 6 -8.41 -2.67 5.12
CA ILE B 6 -7.79 -1.79 6.10
C ILE B 6 -8.12 -0.33 5.82
N VAL B 7 -8.58 0.38 6.84
CA VAL B 7 -8.90 1.79 6.68
C VAL B 7 -8.10 2.65 7.67
N ILE B 8 -7.38 3.62 7.12
CA ILE B 8 -6.57 4.56 7.90
C ILE B 8 -6.97 5.99 7.54
N ASP B 10 -5.84 9.80 7.57
CA ASP B 10 -4.70 10.71 7.64
C ASP B 10 -5.00 12.03 6.96
N GLU B 12 -3.41 16.09 6.05
CA GLU B 12 -2.30 17.04 6.06
C GLU B 12 -2.52 18.10 7.15
N TYR A 1 -13.37 7.87 -0.95
CA TYR A 1 -12.48 6.76 -0.62
C TYR A 1 -12.07 6.03 -1.90
N ILE A 2 -10.81 5.62 -1.94
CA ILE A 2 -10.28 4.89 -3.09
C ILE A 2 -9.70 3.57 -2.60
N LYS A 3 -10.29 2.47 -3.04
CA LYS A 3 -9.83 1.15 -2.62
C LYS A 3 -8.82 0.57 -3.61
N LEU A 4 -7.62 0.30 -3.13
CA LEU A 4 -6.56 -0.26 -3.95
C LEU A 4 -6.47 -1.76 -3.70
N LYS A 5 -6.25 -2.52 -4.76
CA LYS A 5 -6.15 -3.96 -4.64
C LYS A 5 -4.72 -4.38 -4.35
N VAL A 6 -4.44 -4.57 -3.07
CA VAL A 6 -3.11 -4.99 -2.63
C VAL A 6 -3.03 -6.51 -2.66
N ILE A 7 -2.33 -7.03 -3.65
CA ILE A 7 -2.19 -8.47 -3.79
C ILE A 7 -0.82 -8.93 -3.30
N GLY A 8 -0.83 -9.78 -2.29
CA GLY A 8 0.42 -10.31 -1.76
C GLY A 8 0.89 -11.51 -2.54
N GLN A 9 2.13 -11.94 -2.30
CA GLN A 9 2.68 -13.09 -3.01
C GLN A 9 1.97 -14.38 -2.61
N ASP A 10 1.29 -14.36 -1.48
CA ASP A 10 0.55 -15.52 -0.99
C ASP A 10 -0.86 -15.53 -1.59
N SER A 11 -1.10 -14.63 -2.54
CA SER A 11 -2.38 -14.50 -3.22
C SER A 11 -3.50 -14.13 -2.24
N SER A 12 -3.30 -13.00 -1.56
CA SER A 12 -4.28 -12.49 -0.61
C SER A 12 -4.87 -11.18 -1.14
N GLU A 13 -6.18 -11.14 -1.34
CA GLU A 13 -6.83 -9.94 -1.85
C GLU A 13 -7.06 -8.95 -0.72
N ILE A 14 -6.08 -8.09 -0.48
CA ILE A 14 -6.18 -7.08 0.56
C ILE A 14 -6.75 -5.79 0.00
N HIS A 15 -7.79 -5.29 0.65
CA HIS A 15 -8.46 -4.08 0.23
C HIS A 15 -8.06 -2.91 1.12
N PHE A 16 -7.10 -2.13 0.66
CA PHE A 16 -6.65 -0.96 1.42
C PHE A 16 -7.26 0.29 0.78
N LYS A 17 -8.13 0.95 1.51
CA LYS A 17 -8.79 2.14 0.99
C LYS A 17 -8.14 3.40 1.56
N VAL A 18 -7.84 4.32 0.65
CA VAL A 18 -7.23 5.58 1.02
C VAL A 18 -8.23 6.73 0.84
N LYS A 19 -7.85 7.91 1.30
CA LYS A 19 -8.70 9.07 1.19
C LYS A 19 -7.93 10.20 0.52
N MET A 20 -8.63 11.06 -0.20
CA MET A 20 -8.00 12.17 -0.89
C MET A 20 -7.62 13.27 0.09
N THR A 21 -6.65 12.95 0.95
CA THR A 21 -6.16 13.86 1.98
C THR A 21 -5.02 13.19 2.73
N THR A 22 -5.04 11.87 2.73
CA THR A 22 -4.05 11.09 3.42
C THR A 22 -2.77 11.00 2.61
N HIS A 23 -1.65 11.27 3.26
CA HIS A 23 -0.37 11.17 2.58
C HIS A 23 0.00 9.68 2.56
N LEU A 24 0.72 9.25 1.53
CA LEU A 24 1.09 7.85 1.44
C LEU A 24 2.18 7.47 2.44
N LYS A 25 2.69 8.48 3.16
CA LYS A 25 3.72 8.26 4.17
C LYS A 25 3.19 7.34 5.27
N LYS A 26 2.06 7.70 5.85
CA LYS A 26 1.44 6.91 6.90
C LYS A 26 0.94 5.58 6.34
N LEU A 27 0.58 5.59 5.06
CA LEU A 27 0.07 4.39 4.39
C LEU A 27 1.12 3.29 4.40
N LYS A 28 2.35 3.66 4.09
CA LYS A 28 3.46 2.73 4.02
C LYS A 28 3.73 2.05 5.37
N GLU A 29 3.81 2.84 6.44
CA GLU A 29 4.09 2.29 7.76
C GLU A 29 2.90 1.52 8.33
N SER A 30 1.69 2.00 8.06
CA SER A 30 0.48 1.33 8.56
C SER A 30 0.36 -0.09 8.02
N TYR A 31 0.74 -0.29 6.76
CA TYR A 31 0.66 -1.62 6.16
C TYR A 31 1.68 -2.55 6.82
N CYS A 32 2.82 -1.98 7.22
CA CYS A 32 3.87 -2.75 7.85
C CYS A 32 3.39 -3.28 9.21
N GLN A 33 2.68 -2.42 9.94
CA GLN A 33 2.14 -2.80 11.25
C GLN A 33 1.10 -3.90 11.08
N ARG A 34 0.36 -3.82 9.98
CA ARG A 34 -0.68 -4.78 9.66
C ARG A 34 -0.11 -6.17 9.38
N GLN A 35 1.10 -6.20 8.83
CA GLN A 35 1.75 -7.47 8.52
C GLN A 35 2.64 -7.94 9.67
N GLY A 36 2.90 -7.05 10.61
CA GLY A 36 3.72 -7.41 11.75
C GLY A 36 5.20 -7.33 11.45
N VAL A 37 5.60 -6.31 10.70
CA VAL A 37 7.00 -6.11 10.32
C VAL A 37 7.36 -4.62 10.38
N PRO A 38 8.65 -4.30 10.53
CA PRO A 38 9.10 -2.90 10.57
C PRO A 38 8.95 -2.21 9.22
N MET A 39 8.92 -0.89 9.22
CA MET A 39 8.77 -0.14 7.97
C MET A 39 10.03 -0.22 7.12
N ASN A 40 9.83 -0.11 5.81
CA ASN A 40 10.92 -0.16 4.82
C ASN A 40 11.42 -1.58 4.61
N SER A 41 10.57 -2.54 4.93
CA SER A 41 10.90 -3.95 4.77
C SER A 41 10.25 -4.47 3.50
N LEU A 42 9.17 -3.81 3.11
CA LEU A 42 8.41 -4.17 1.93
C LEU A 42 8.36 -3.01 0.95
N ARG A 43 8.52 -3.31 -0.33
CA ARG A 43 8.48 -2.29 -1.36
C ARG A 43 7.16 -2.33 -2.10
N PHE A 44 6.50 -1.19 -2.15
CA PHE A 44 5.22 -1.07 -2.84
C PHE A 44 5.45 -0.60 -4.26
N LEU A 45 4.99 -1.38 -5.22
CA LEU A 45 5.18 -1.04 -6.62
C LEU A 45 3.87 -0.73 -7.32
N PHE A 46 3.87 0.37 -8.06
CA PHE A 46 2.70 0.82 -8.81
C PHE A 46 3.16 1.41 -10.13
N GLU A 47 2.71 0.81 -11.23
CA GLU A 47 3.06 1.27 -12.58
C GLU A 47 4.56 1.16 -12.82
N GLY A 48 5.20 0.19 -12.17
CA GLY A 48 6.63 0.00 -12.33
C GLY A 48 7.45 0.90 -11.42
N GLN A 49 6.79 1.82 -10.74
CA GLN A 49 7.47 2.74 -9.84
C GLN A 49 7.22 2.35 -8.40
N ARG A 50 8.08 2.78 -7.51
CA ARG A 50 7.91 2.47 -6.09
C ARG A 50 7.30 3.65 -5.36
N ILE A 51 6.38 3.37 -4.46
CA ILE A 51 5.70 4.40 -3.69
C ILE A 51 6.68 5.11 -2.75
N ALA A 52 6.83 6.42 -2.95
CA ALA A 52 7.73 7.22 -2.13
C ALA A 52 7.01 7.72 -0.89
N ASP A 53 7.79 8.17 0.09
CA ASP A 53 7.25 8.68 1.35
C ASP A 53 6.60 10.05 1.18
N ASN A 54 6.78 10.64 0.01
CA ASN A 54 6.21 11.95 -0.28
C ASN A 54 5.15 11.86 -1.38
N HIS A 55 4.72 10.65 -1.70
CA HIS A 55 3.73 10.46 -2.73
C HIS A 55 2.32 10.59 -2.17
N THR A 56 1.40 11.02 -3.03
CA THR A 56 0.01 11.18 -2.64
C THR A 56 -0.89 10.42 -3.62
N PRO A 57 -2.13 10.10 -3.23
CA PRO A 57 -3.07 9.38 -4.11
C PRO A 57 -3.60 10.26 -5.25
N LYS A 58 -3.10 11.49 -5.32
CA LYS A 58 -3.50 12.44 -6.35
C LYS A 58 -2.64 12.26 -7.59
N GLU A 59 -1.38 11.97 -7.40
CA GLU A 59 -0.44 11.79 -8.50
C GLU A 59 -0.37 10.32 -8.92
N LEU A 60 0.44 10.05 -9.96
CA LEU A 60 0.63 8.70 -10.50
C LEU A 60 -0.60 8.20 -11.27
N GLY A 61 -1.78 8.48 -10.73
CA GLY A 61 -3.01 8.07 -11.38
C GLY A 61 -3.64 6.86 -10.73
N MET A 62 -3.85 6.94 -9.43
CA MET A 62 -4.45 5.84 -8.68
C MET A 62 -5.97 5.93 -8.75
N GLU A 63 -6.62 4.86 -9.17
CA GLU A 63 -8.07 4.84 -9.26
C GLU A 63 -8.66 3.70 -8.43
N GLU A 64 -9.99 3.64 -8.38
CA GLU A 64 -10.67 2.60 -7.63
C GLU A 64 -10.45 1.25 -8.29
N GLU A 65 -10.17 0.23 -7.47
CA GLU A 65 -9.93 -1.13 -7.94
C GLU A 65 -8.60 -1.22 -8.69
N ASP A 66 -7.71 -0.29 -8.40
CA ASP A 66 -6.40 -0.28 -9.04
C ASP A 66 -5.54 -1.39 -8.48
N VAL A 67 -4.50 -1.76 -9.20
CA VAL A 67 -3.62 -2.84 -8.77
C VAL A 67 -2.31 -2.30 -8.21
N ILE A 68 -1.88 -2.90 -7.10
CA ILE A 68 -0.63 -2.53 -6.46
C ILE A 68 -0.02 -3.76 -5.79
N GLU A 69 1.25 -3.99 -6.05
CA GLU A 69 1.93 -5.14 -5.48
C GLU A 69 2.95 -4.73 -4.43
N VAL A 70 3.19 -5.62 -3.49
CA VAL A 70 4.15 -5.38 -2.43
C VAL A 70 5.07 -6.58 -2.29
N TYR A 71 6.37 -6.33 -2.38
CA TYR A 71 7.37 -7.40 -2.27
C TYR A 71 8.36 -7.09 -1.17
N GLN A 72 9.04 -8.11 -0.70
CA GLN A 72 10.01 -7.96 0.37
C GLN A 72 11.33 -7.41 -0.15
N GLU A 73 11.86 -6.41 0.53
CA GLU A 73 13.12 -5.79 0.14
C GLU A 73 14.29 -6.67 0.57
N GLN A 74 15.44 -6.49 -0.09
CA GLN A 74 16.62 -7.26 0.23
C GLN A 74 17.37 -6.67 1.44
N THR A 75 17.00 -5.46 1.81
CA THR A 75 17.63 -4.77 2.92
C THR A 75 17.27 -5.42 4.25
N GLY A 76 15.98 -5.54 4.53
CA GLY A 76 15.54 -6.15 5.76
C GLY A 76 14.38 -5.40 6.38
N GLY A 77 14.58 -4.09 6.58
CA GLY A 77 13.54 -3.27 7.16
C GLY A 77 14.05 -1.88 7.48
N ASP B 1 -12.65 -17.16 1.55
CA ASP B 1 -11.32 -16.95 1.00
C ASP B 1 -10.56 -15.96 1.89
N THR B 2 -9.69 -15.13 1.31
CA THR B 2 -8.99 -14.17 2.14
C THR B 2 -9.37 -12.76 1.74
N ALA B 3 -9.97 -12.05 2.70
CA ALA B 3 -10.38 -10.67 2.49
C ALA B 3 -9.88 -9.78 3.62
N GLY B 4 -9.17 -8.73 3.29
CA GLY B 4 -8.74 -7.81 4.31
C GLY B 4 -9.18 -6.40 3.98
N CYS B 5 -9.88 -5.73 4.89
CA CYS B 5 -10.27 -4.35 4.62
C CYS B 5 -9.73 -3.43 5.70
N ILE B 6 -8.92 -2.46 5.30
CA ILE B 6 -8.33 -1.51 6.23
C ILE B 6 -8.56 -0.05 5.78
N VAL B 7 -9.00 0.80 6.69
CA VAL B 7 -9.22 2.20 6.38
C VAL B 7 -8.28 3.07 7.22
N ILE B 8 -7.56 3.97 6.56
CA ILE B 8 -6.59 4.82 7.22
C ILE B 8 -6.91 6.31 7.07
N ASP B 10 -5.37 10.05 7.36
CA ASP B 10 -4.19 10.92 7.46
C ASP B 10 -4.46 12.32 6.89
N GLU B 12 -2.80 16.38 6.18
CA GLU B 12 -1.65 17.29 6.13
C GLU B 12 -1.58 18.15 7.40
N TYR A 1 -14.16 7.30 -1.05
CA TYR A 1 -13.04 6.48 -0.62
C TYR A 1 -12.45 5.71 -1.80
N ILE A 2 -11.14 5.66 -1.86
CA ILE A 2 -10.46 4.95 -2.93
C ILE A 2 -9.99 3.59 -2.40
N LYS A 3 -10.58 2.52 -2.91
CA LYS A 3 -10.23 1.19 -2.46
C LYS A 3 -9.25 0.52 -3.42
N LEU A 4 -7.99 0.47 -3.01
CA LEU A 4 -6.94 -0.13 -3.81
C LEU A 4 -6.78 -1.60 -3.46
N LYS A 5 -6.44 -2.41 -4.44
CA LYS A 5 -6.27 -3.84 -4.22
C LYS A 5 -4.80 -4.19 -4.08
N VAL A 6 -4.40 -4.56 -2.88
CA VAL A 6 -3.02 -4.93 -2.61
C VAL A 6 -2.84 -6.42 -2.83
N ILE A 7 -2.17 -6.77 -3.93
CA ILE A 7 -1.95 -8.16 -4.28
C ILE A 7 -0.68 -8.69 -3.61
N GLY A 8 -0.84 -9.76 -2.84
CA GLY A 8 0.29 -10.35 -2.16
C GLY A 8 0.88 -11.50 -2.95
N GLN A 9 1.99 -12.04 -2.45
CA GLN A 9 2.65 -13.16 -3.12
C GLN A 9 1.78 -14.42 -3.09
N ASP A 10 1.06 -14.62 -1.99
CA ASP A 10 0.20 -15.79 -1.85
C ASP A 10 -1.18 -15.53 -2.45
N SER A 11 -1.25 -14.57 -3.36
CA SER A 11 -2.48 -14.21 -4.07
C SER A 11 -3.54 -13.62 -3.13
N SER A 12 -3.10 -13.07 -2.00
CA SER A 12 -4.01 -12.45 -1.06
C SER A 12 -4.41 -11.07 -1.55
N GLU A 13 -5.70 -10.78 -1.51
CA GLU A 13 -6.19 -9.48 -1.96
C GLU A 13 -6.64 -8.64 -0.77
N ILE A 14 -5.85 -7.62 -0.46
CA ILE A 14 -6.16 -6.73 0.64
C ILE A 14 -6.89 -5.50 0.11
N HIS A 15 -8.04 -5.20 0.72
CA HIS A 15 -8.83 -4.05 0.32
C HIS A 15 -8.48 -2.84 1.16
N PHE A 16 -7.57 -2.02 0.68
CA PHE A 16 -7.15 -0.83 1.41
C PHE A 16 -7.93 0.38 0.91
N LYS A 17 -8.79 0.91 1.76
CA LYS A 17 -9.60 2.07 1.42
C LYS A 17 -8.96 3.33 2.00
N VAL A 18 -8.49 4.20 1.12
CA VAL A 18 -7.83 5.42 1.54
C VAL A 18 -8.64 6.65 1.12
N LYS A 19 -8.20 7.81 1.60
CA LYS A 19 -8.84 9.08 1.29
C LYS A 19 -7.90 9.96 0.49
N MET A 20 -8.29 11.20 0.25
CA MET A 20 -7.46 12.12 -0.51
C MET A 20 -6.64 13.02 0.41
N THR A 21 -7.16 13.26 1.62
CA THR A 21 -6.47 14.09 2.60
C THR A 21 -5.26 13.36 3.17
N THR A 22 -5.37 12.04 3.18
CA THR A 22 -4.34 11.18 3.71
C THR A 22 -3.13 11.08 2.78
N HIS A 23 -1.96 11.28 3.35
CA HIS A 23 -0.72 11.18 2.59
C HIS A 23 -0.25 9.73 2.63
N LEU A 24 0.43 9.29 1.59
CA LEU A 24 0.90 7.90 1.51
C LEU A 24 2.01 7.62 2.51
N LYS A 25 2.45 8.64 3.23
CA LYS A 25 3.50 8.49 4.23
C LYS A 25 3.04 7.54 5.32
N LYS A 26 1.83 7.78 5.84
CA LYS A 26 1.28 6.95 6.90
C LYS A 26 0.81 5.61 6.35
N LEU A 27 0.50 5.58 5.06
CA LEU A 27 0.03 4.36 4.41
C LEU A 27 1.08 3.26 4.48
N LYS A 28 2.32 3.63 4.24
CA LYS A 28 3.43 2.69 4.25
C LYS A 28 3.66 2.09 5.64
N GLU A 29 3.78 2.94 6.65
CA GLU A 29 4.03 2.48 8.01
C GLU A 29 2.86 1.64 8.54
N SER A 30 1.63 2.03 8.21
CA SER A 30 0.46 1.30 8.66
C SER A 30 0.43 -0.12 8.11
N TYR A 31 0.82 -0.27 6.84
CA TYR A 31 0.85 -1.59 6.22
C TYR A 31 1.88 -2.47 6.91
N CYS A 32 2.94 -1.83 7.39
CA CYS A 32 4.00 -2.56 8.10
C CYS A 32 3.46 -3.15 9.39
N GLN A 33 2.67 -2.35 10.11
CA GLN A 33 2.06 -2.79 11.37
C GLN A 33 1.11 -3.95 11.10
N ARG A 34 0.38 -3.85 9.99
CA ARG A 34 -0.58 -4.89 9.61
C ARG A 34 0.13 -6.21 9.29
N GLN A 35 1.33 -6.12 8.75
CA GLN A 35 2.09 -7.32 8.41
C GLN A 35 2.94 -7.79 9.59
N GLY A 36 3.06 -6.94 10.60
CA GLY A 36 3.84 -7.29 11.77
C GLY A 36 5.33 -7.20 11.50
N VAL A 37 5.71 -6.30 10.59
CA VAL A 37 7.10 -6.11 10.22
C VAL A 37 7.47 -4.63 10.32
N PRO A 38 8.77 -4.31 10.48
CA PRO A 38 9.24 -2.93 10.57
C PRO A 38 9.07 -2.17 9.24
N MET A 39 9.32 -0.88 9.26
CA MET A 39 9.20 -0.07 8.06
C MET A 39 10.43 -0.25 7.17
N ASN A 40 10.24 -0.04 5.86
CA ASN A 40 11.31 -0.17 4.86
C ASN A 40 11.66 -1.64 4.61
N SER A 41 10.78 -2.54 5.06
CA SER A 41 11.00 -3.97 4.86
C SER A 41 10.27 -4.44 3.61
N LEU A 42 9.24 -3.70 3.24
CA LEU A 42 8.44 -4.02 2.07
C LEU A 42 8.38 -2.84 1.11
N ARG A 43 8.41 -3.14 -0.18
CA ARG A 43 8.34 -2.10 -1.19
C ARG A 43 7.03 -2.20 -1.96
N PHE A 44 6.46 -1.06 -2.29
CA PHE A 44 5.20 -1.02 -3.02
C PHE A 44 5.45 -0.68 -4.48
N LEU A 45 5.07 -1.60 -5.35
CA LEU A 45 5.26 -1.42 -6.78
C LEU A 45 3.96 -1.00 -7.44
N PHE A 46 3.99 0.15 -8.10
CA PHE A 46 2.83 0.68 -8.79
C PHE A 46 3.21 1.06 -10.22
N GLU A 47 2.69 0.29 -11.19
CA GLU A 47 2.95 0.53 -12.60
C GLU A 47 4.44 0.44 -12.94
N GLY A 48 5.17 -0.34 -12.14
CA GLY A 48 6.60 -0.50 -12.37
C GLY A 48 7.43 0.41 -11.49
N GLN A 49 6.81 1.44 -10.96
CA GLN A 49 7.51 2.38 -10.09
C GLN A 49 7.32 1.98 -8.64
N ARG A 50 8.13 2.54 -7.76
CA ARG A 50 8.02 2.25 -6.34
C ARG A 50 7.49 3.47 -5.60
N ILE A 51 6.56 3.24 -4.68
CA ILE A 51 5.97 4.32 -3.91
C ILE A 51 6.94 4.83 -2.85
N ALA A 52 7.18 6.13 -2.85
CA ALA A 52 8.08 6.75 -1.89
C ALA A 52 7.32 7.16 -0.64
N ASP A 53 7.99 7.88 0.26
CA ASP A 53 7.37 8.30 1.51
C ASP A 53 6.76 9.69 1.39
N ASN A 54 6.78 10.25 0.17
CA ASN A 54 6.22 11.58 -0.05
C ASN A 54 5.30 11.57 -1.27
N HIS A 55 4.84 10.38 -1.63
CA HIS A 55 3.94 10.22 -2.78
C HIS A 55 2.50 10.51 -2.37
N THR A 56 1.70 10.90 -3.34
CA THR A 56 0.29 11.21 -3.09
C THR A 56 -0.59 10.46 -4.10
N PRO A 57 -1.83 10.09 -3.72
CA PRO A 57 -2.75 9.38 -4.61
C PRO A 57 -3.20 10.22 -5.80
N LYS A 58 -2.96 11.53 -5.70
CA LYS A 58 -3.34 12.46 -6.76
C LYS A 58 -2.39 12.36 -7.95
N GLU A 59 -1.16 11.91 -7.71
CA GLU A 59 -0.18 11.77 -8.77
C GLU A 59 -0.13 10.33 -9.25
N LEU A 60 0.64 10.09 -10.32
CA LEU A 60 0.80 8.76 -10.91
C LEU A 60 -0.46 8.32 -11.65
N GLY A 61 -1.60 8.36 -10.96
CA GLY A 61 -2.85 7.96 -11.57
C GLY A 61 -3.48 6.78 -10.87
N MET A 62 -3.75 6.94 -9.58
CA MET A 62 -4.34 5.88 -8.78
C MET A 62 -5.86 5.98 -8.83
N GLU A 63 -6.51 4.89 -9.21
CA GLU A 63 -7.96 4.86 -9.32
C GLU A 63 -8.57 3.75 -8.48
N GLU A 64 -9.89 3.65 -8.54
CA GLU A 64 -10.63 2.63 -7.81
C GLU A 64 -10.38 1.26 -8.44
N GLU A 65 -10.26 0.23 -7.58
CA GLU A 65 -10.01 -1.14 -8.02
C GLU A 65 -8.63 -1.26 -8.66
N ASP A 66 -7.73 -0.36 -8.29
CA ASP A 66 -6.38 -0.36 -8.82
C ASP A 66 -5.58 -1.53 -8.26
N VAL A 67 -4.49 -1.88 -8.92
CA VAL A 67 -3.67 -3.01 -8.49
C VAL A 67 -2.29 -2.58 -8.03
N ILE A 68 -2.00 -2.80 -6.76
CA ILE A 68 -0.71 -2.46 -6.19
C ILE A 68 -0.07 -3.72 -5.61
N GLU A 69 1.22 -3.91 -5.87
CA GLU A 69 1.92 -5.09 -5.40
C GLU A 69 2.94 -4.73 -4.33
N VAL A 70 3.16 -5.64 -3.40
CA VAL A 70 4.10 -5.43 -2.32
C VAL A 70 5.05 -6.62 -2.19
N TYR A 71 6.34 -6.34 -2.12
CA TYR A 71 7.36 -7.38 -2.00
C TYR A 71 8.39 -6.98 -0.96
N GLN A 72 9.11 -7.98 -0.43
CA GLN A 72 10.12 -7.72 0.59
C GLN A 72 11.39 -7.15 -0.01
N GLU A 73 12.00 -6.22 0.71
CA GLU A 73 13.22 -5.57 0.29
C GLU A 73 14.43 -6.46 0.62
N GLN A 74 15.58 -6.13 0.07
CA GLN A 74 16.80 -6.89 0.31
C GLN A 74 17.41 -6.47 1.64
N THR A 75 17.13 -5.24 2.04
CA THR A 75 17.63 -4.69 3.29
C THR A 75 16.95 -5.36 4.48
N GLY A 76 15.63 -5.53 4.37
CA GLY A 76 14.88 -6.16 5.43
C GLY A 76 14.32 -5.16 6.41
N GLY A 77 14.52 -3.87 6.14
CA GLY A 77 14.02 -2.84 7.02
C GLY A 77 15.10 -1.87 7.47
N ASP B 1 -13.10 -17.76 1.11
CA ASP B 1 -11.87 -17.01 0.89
C ASP B 1 -11.71 -15.97 2.00
N THR B 2 -10.64 -15.19 1.94
CA THR B 2 -10.41 -14.18 2.95
C THR B 2 -10.30 -12.79 2.32
N ALA B 3 -11.15 -11.88 2.79
CA ALA B 3 -11.13 -10.51 2.32
C ALA B 3 -10.94 -9.59 3.50
N GLY B 4 -9.95 -8.73 3.43
CA GLY B 4 -9.70 -7.81 4.53
C GLY B 4 -9.78 -6.38 4.09
N CYS B 5 -10.54 -5.57 4.80
CA CYS B 5 -10.65 -4.17 4.46
C CYS B 5 -10.08 -3.33 5.58
N ILE B 6 -9.16 -2.46 5.23
CA ILE B 6 -8.51 -1.59 6.19
C ILE B 6 -8.71 -0.13 5.80
N VAL B 7 -9.09 0.68 6.77
CA VAL B 7 -9.33 2.11 6.53
C VAL B 7 -8.32 2.94 7.33
N ILE B 8 -7.72 3.90 6.67
CA ILE B 8 -6.73 4.76 7.29
C ILE B 8 -7.14 6.22 7.22
N ASP B 10 -5.74 10.00 7.90
CA ASP B 10 -4.66 10.92 8.22
C ASP B 10 -4.83 12.21 7.49
N GLU B 12 -2.98 15.91 6.27
CA GLU B 12 -1.74 16.65 6.07
C GLU B 12 -1.75 17.93 6.91
N TYR A 1 -13.27 7.66 -0.57
CA TYR A 1 -12.45 6.53 -0.17
C TYR A 1 -12.13 5.63 -1.36
N ILE A 2 -10.85 5.63 -1.75
CA ILE A 2 -10.38 4.82 -2.87
C ILE A 2 -9.87 3.48 -2.35
N LYS A 3 -10.43 2.40 -2.88
CA LYS A 3 -10.04 1.07 -2.46
C LYS A 3 -9.05 0.45 -3.44
N LEU A 4 -7.83 0.22 -2.98
CA LEU A 4 -6.80 -0.38 -3.80
C LEU A 4 -6.60 -1.84 -3.38
N LYS A 5 -6.33 -2.69 -4.36
CA LYS A 5 -6.12 -4.10 -4.10
C LYS A 5 -4.64 -4.42 -3.98
N VAL A 6 -4.20 -4.71 -2.77
CA VAL A 6 -2.81 -5.06 -2.53
C VAL A 6 -2.66 -6.57 -2.63
N ILE A 7 -2.00 -7.01 -3.69
CA ILE A 7 -1.81 -8.43 -3.92
C ILE A 7 -0.48 -8.90 -3.35
N GLY A 8 -0.54 -9.87 -2.46
CA GLY A 8 0.67 -10.40 -1.86
C GLY A 8 1.19 -11.61 -2.62
N GLN A 9 2.42 -12.02 -2.32
CA GLN A 9 3.03 -13.17 -2.99
C GLN A 9 2.37 -14.47 -2.52
N ASP A 10 1.57 -14.36 -1.48
CA ASP A 10 0.85 -15.50 -0.92
C ASP A 10 -0.57 -15.54 -1.45
N SER A 11 -0.80 -14.80 -2.53
CA SER A 11 -2.11 -14.73 -3.18
C SER A 11 -3.16 -14.13 -2.23
N SER A 12 -2.80 -13.02 -1.60
CA SER A 12 -3.69 -12.34 -0.68
C SER A 12 -4.25 -11.07 -1.32
N GLU A 13 -5.56 -10.87 -1.20
CA GLU A 13 -6.21 -9.69 -1.74
C GLU A 13 -6.58 -8.74 -0.61
N ILE A 14 -5.69 -7.82 -0.30
CA ILE A 14 -5.93 -6.86 0.77
C ILE A 14 -6.63 -5.62 0.23
N HIS A 15 -7.78 -5.32 0.81
CA HIS A 15 -8.56 -4.16 0.42
C HIS A 15 -8.07 -2.95 1.19
N PHE A 16 -7.12 -2.23 0.60
CA PHE A 16 -6.55 -1.06 1.22
C PHE A 16 -7.25 0.19 0.71
N LYS A 17 -8.07 0.79 1.55
CA LYS A 17 -8.83 1.98 1.16
C LYS A 17 -8.40 3.20 1.96
N VAL A 18 -8.30 4.33 1.27
CA VAL A 18 -7.91 5.59 1.88
C VAL A 18 -8.62 6.77 1.23
N LYS A 19 -8.40 7.95 1.78
CA LYS A 19 -9.02 9.16 1.26
C LYS A 19 -8.05 9.91 0.35
N MET A 20 -8.40 11.14 0.00
CA MET A 20 -7.57 11.96 -0.87
C MET A 20 -6.56 12.74 -0.04
N THR A 21 -6.96 13.10 1.17
CA THR A 21 -6.10 13.86 2.08
C THR A 21 -5.01 12.98 2.66
N THR A 22 -5.23 11.67 2.61
CA THR A 22 -4.31 10.72 3.18
C THR A 22 -3.00 10.62 2.42
N HIS A 23 -1.92 10.96 3.11
CA HIS A 23 -0.59 10.90 2.54
C HIS A 23 -0.10 9.46 2.52
N LEU A 24 0.51 9.06 1.40
CA LEU A 24 0.99 7.70 1.25
C LEU A 24 2.18 7.41 2.17
N LYS A 25 2.62 8.42 2.90
CA LYS A 25 3.71 8.27 3.85
C LYS A 25 3.28 7.36 5.00
N LYS A 26 2.11 7.64 5.56
CA LYS A 26 1.58 6.86 6.66
C LYS A 26 1.02 5.52 6.15
N LEU A 27 0.80 5.44 4.85
CA LEU A 27 0.27 4.23 4.24
C LEU A 27 1.29 3.10 4.36
N LYS A 28 2.55 3.46 4.19
CA LYS A 28 3.64 2.49 4.27
C LYS A 28 3.72 1.86 5.65
N GLU A 29 3.63 2.70 6.68
CA GLU A 29 3.69 2.21 8.06
C GLU A 29 2.41 1.46 8.43
N SER A 30 1.29 1.88 7.86
CA SER A 30 0.00 1.23 8.15
C SER A 30 0.01 -0.22 7.67
N TYR A 31 0.57 -0.45 6.49
CA TYR A 31 0.65 -1.80 5.92
C TYR A 31 1.56 -2.67 6.78
N CYS A 32 2.73 -2.13 7.10
CA CYS A 32 3.71 -2.84 7.91
C CYS A 32 3.13 -3.20 9.28
N GLN A 33 2.31 -2.30 9.82
CA GLN A 33 1.68 -2.53 11.13
C GLN A 33 0.66 -3.64 11.06
N ARG A 34 0.09 -3.86 9.88
CA ARG A 34 -0.91 -4.89 9.68
C ARG A 34 -0.26 -6.26 9.50
N GLN A 35 0.91 -6.27 8.88
CA GLN A 35 1.64 -7.52 8.64
C GLN A 35 2.57 -7.85 9.82
N GLY A 36 2.77 -6.89 10.70
CA GLY A 36 3.62 -7.10 11.85
C GLY A 36 5.09 -7.00 11.50
N VAL A 37 5.46 -5.97 10.77
CA VAL A 37 6.85 -5.76 10.36
C VAL A 37 7.22 -4.28 10.45
N PRO A 38 8.53 -3.96 10.54
CA PRO A 38 9.00 -2.58 10.61
C PRO A 38 8.82 -1.84 9.28
N MET A 39 9.16 -0.56 9.25
CA MET A 39 9.03 0.24 8.04
C MET A 39 10.21 -0.03 7.10
N ASN A 40 9.96 0.12 5.80
CA ASN A 40 10.98 -0.10 4.76
C ASN A 40 11.31 -1.59 4.65
N SER A 41 10.31 -2.42 4.91
CA SER A 41 10.46 -3.86 4.85
C SER A 41 9.95 -4.40 3.52
N LEU A 42 8.95 -3.72 2.96
CA LEU A 42 8.36 -4.13 1.71
C LEU A 42 8.22 -2.93 0.77
N ARG A 43 8.47 -3.17 -0.51
CA ARG A 43 8.39 -2.13 -1.51
C ARG A 43 7.02 -2.15 -2.20
N PHE A 44 6.45 -0.97 -2.38
CA PHE A 44 5.16 -0.84 -3.04
C PHE A 44 5.38 -0.42 -4.48
N LEU A 45 5.06 -1.32 -5.39
CA LEU A 45 5.25 -1.05 -6.80
C LEU A 45 3.95 -0.70 -7.51
N PHE A 46 3.99 0.41 -8.23
CA PHE A 46 2.83 0.89 -8.96
C PHE A 46 3.28 1.35 -10.34
N GLU A 47 2.78 0.67 -11.37
CA GLU A 47 3.12 0.98 -12.75
C GLU A 47 4.61 0.77 -13.00
N GLY A 48 5.20 -0.16 -12.27
CA GLY A 48 6.62 -0.45 -12.42
C GLY A 48 7.47 0.37 -11.47
N GLN A 49 7.01 1.58 -11.18
CA GLN A 49 7.73 2.48 -10.28
C GLN A 49 7.41 2.12 -8.83
N ARG A 50 8.09 2.78 -7.89
CA ARG A 50 7.86 2.50 -6.48
C ARG A 50 7.28 3.70 -5.77
N ILE A 51 6.49 3.43 -4.74
CA ILE A 51 5.88 4.48 -3.94
C ILE A 51 6.86 4.99 -2.90
N ALA A 52 7.18 6.27 -2.98
CA ALA A 52 8.12 6.88 -2.05
C ALA A 52 7.41 7.40 -0.81
N ASP A 53 8.18 8.02 0.07
CA ASP A 53 7.62 8.57 1.31
C ASP A 53 6.84 9.84 1.02
N ASN A 54 7.25 10.55 -0.01
CA ASN A 54 6.61 11.80 -0.41
C ASN A 54 5.74 11.58 -1.64
N HIS A 55 4.67 10.82 -1.48
CA HIS A 55 3.77 10.56 -2.59
C HIS A 55 2.32 10.74 -2.16
N THR A 56 1.52 11.29 -3.05
CA THR A 56 0.10 11.51 -2.78
C THR A 56 -0.75 10.66 -3.72
N PRO A 57 -1.90 10.14 -3.25
CA PRO A 57 -2.80 9.31 -4.06
C PRO A 57 -3.29 10.01 -5.33
N LYS A 58 -3.34 11.34 -5.30
CA LYS A 58 -3.81 12.10 -6.46
C LYS A 58 -2.78 12.09 -7.58
N GLU A 59 -1.50 12.15 -7.23
CA GLU A 59 -0.44 12.17 -8.23
C GLU A 59 -0.20 10.76 -8.77
N LEU A 60 0.65 10.67 -9.79
CA LEU A 60 1.00 9.40 -10.45
C LEU A 60 -0.16 8.89 -11.29
N GLY A 61 -1.34 8.82 -10.71
CA GLY A 61 -2.51 8.37 -11.43
C GLY A 61 -3.17 7.17 -10.79
N MET A 62 -3.69 7.35 -9.58
CA MET A 62 -4.35 6.27 -8.86
C MET A 62 -5.86 6.35 -9.04
N GLU A 63 -6.52 5.20 -9.07
CA GLU A 63 -7.96 5.16 -9.24
C GLU A 63 -8.58 4.04 -8.41
N GLU A 64 -9.90 3.97 -8.42
CA GLU A 64 -10.63 2.97 -7.67
C GLU A 64 -10.57 1.61 -8.37
N GLU A 65 -10.63 0.54 -7.59
CA GLU A 65 -10.59 -0.82 -8.12
C GLU A 65 -9.26 -1.11 -8.83
N ASP A 66 -8.19 -0.49 -8.36
CA ASP A 66 -6.88 -0.70 -8.96
C ASP A 66 -6.04 -1.63 -8.11
N VAL A 67 -5.01 -2.22 -8.72
CA VAL A 67 -4.14 -3.15 -8.01
C VAL A 67 -2.74 -2.60 -7.84
N ILE A 68 -2.11 -2.94 -6.73
CA ILE A 68 -0.76 -2.50 -6.44
C ILE A 68 0.11 -3.70 -6.06
N GLU A 69 1.40 -3.61 -6.32
CA GLU A 69 2.32 -4.70 -6.01
C GLU A 69 3.10 -4.42 -4.73
N VAL A 70 3.47 -5.48 -4.03
CA VAL A 70 4.22 -5.36 -2.79
C VAL A 70 5.14 -6.57 -2.61
N TYR A 71 6.43 -6.32 -2.48
CA TYR A 71 7.41 -7.39 -2.31
C TYR A 71 8.39 -7.01 -1.21
N GLN A 72 8.88 -8.00 -0.47
CA GLN A 72 9.82 -7.75 0.61
C GLN A 72 11.15 -7.23 0.07
N GLU A 73 11.72 -6.27 0.78
CA GLU A 73 12.98 -5.68 0.40
C GLU A 73 14.14 -6.59 0.80
N GLN A 74 15.24 -6.48 0.07
CA GLN A 74 16.43 -7.27 0.35
C GLN A 74 17.08 -6.81 1.65
N THR A 75 16.85 -5.56 1.99
CA THR A 75 17.39 -4.98 3.20
C THR A 75 16.72 -5.57 4.45
N GLY A 76 15.52 -6.07 4.28
CA GLY A 76 14.78 -6.66 5.39
C GLY A 76 13.85 -5.66 6.05
N GLY A 77 14.40 -4.54 6.48
CA GLY A 77 13.61 -3.52 7.12
C GLY A 77 14.43 -2.67 8.06
N ASP B 1 -13.82 -17.37 2.36
CA ASP B 1 -12.38 -17.43 2.12
C ASP B 1 -11.68 -16.38 2.96
N THR B 2 -10.68 -15.70 2.40
CA THR B 2 -9.97 -14.69 3.15
C THR B 2 -10.07 -13.30 2.50
N ALA B 3 -10.62 -12.36 3.25
CA ALA B 3 -10.75 -10.98 2.82
C ALA B 3 -10.23 -10.04 3.90
N GLY B 4 -9.32 -9.15 3.57
CA GLY B 4 -8.81 -8.23 4.57
C GLY B 4 -9.01 -6.79 4.15
N CYS B 5 -9.61 -5.98 5.00
CA CYS B 5 -9.83 -4.57 4.69
C CYS B 5 -9.16 -3.66 5.72
N ILE B 6 -8.33 -2.74 5.26
CA ILE B 6 -7.63 -1.83 6.15
C ILE B 6 -7.84 -0.36 5.73
N VAL B 7 -8.22 0.51 6.67
CA VAL B 7 -8.42 1.92 6.37
C VAL B 7 -7.52 2.81 7.25
N ILE B 8 -6.85 3.75 6.61
CA ILE B 8 -5.91 4.66 7.29
C ILE B 8 -6.33 6.13 7.11
N ASP B 10 -4.99 9.95 7.26
CA ASP B 10 -3.88 10.88 7.32
C ASP B 10 -4.23 12.20 6.67
N GLU B 12 -2.83 16.26 5.65
CA GLU B 12 -1.73 17.23 5.58
C GLU B 12 -1.73 18.14 6.81
N TYR A 1 -13.65 6.90 -0.02
CA TYR A 1 -12.29 6.38 0.02
C TYR A 1 -11.95 5.64 -1.27
N ILE A 2 -10.67 5.59 -1.58
CA ILE A 2 -10.19 4.89 -2.77
C ILE A 2 -9.78 3.48 -2.39
N LYS A 3 -10.46 2.49 -2.92
CA LYS A 3 -10.16 1.10 -2.60
C LYS A 3 -9.12 0.53 -3.56
N LEU A 4 -7.95 0.24 -3.01
CA LEU A 4 -6.86 -0.31 -3.79
C LEU A 4 -6.73 -1.81 -3.50
N LYS A 5 -6.36 -2.57 -4.52
CA LYS A 5 -6.23 -4.00 -4.39
C LYS A 5 -4.78 -4.41 -4.12
N VAL A 6 -4.52 -4.81 -2.90
CA VAL A 6 -3.18 -5.26 -2.51
C VAL A 6 -3.12 -6.77 -2.61
N ILE A 7 -2.45 -7.27 -3.63
CA ILE A 7 -2.33 -8.70 -3.85
C ILE A 7 -1.01 -9.23 -3.29
N GLY A 8 -1.11 -10.19 -2.38
CA GLY A 8 0.09 -10.78 -1.80
C GLY A 8 0.64 -11.92 -2.63
N GLN A 9 1.82 -12.39 -2.27
CA GLN A 9 2.46 -13.49 -2.99
C GLN A 9 1.71 -14.80 -2.80
N ASP A 10 0.98 -14.89 -1.70
CA ASP A 10 0.21 -16.09 -1.37
C ASP A 10 -1.19 -16.02 -1.97
N SER A 11 -1.39 -15.07 -2.89
CA SER A 11 -2.67 -14.87 -3.56
C SER A 11 -3.77 -14.52 -2.55
N SER A 12 -3.77 -13.26 -2.14
CA SER A 12 -4.76 -12.76 -1.20
C SER A 12 -5.17 -11.34 -1.58
N GLU A 13 -6.45 -11.11 -1.72
CA GLU A 13 -6.95 -9.80 -2.10
C GLU A 13 -7.22 -8.95 -0.86
N ILE A 14 -6.25 -8.13 -0.47
CA ILE A 14 -6.40 -7.26 0.68
C ILE A 14 -6.85 -5.88 0.21
N HIS A 15 -8.01 -5.46 0.68
CA HIS A 15 -8.58 -4.18 0.30
C HIS A 15 -8.04 -3.05 1.16
N PHE A 16 -7.25 -2.19 0.55
CA PHE A 16 -6.67 -1.06 1.25
C PHE A 16 -7.34 0.22 0.75
N LYS A 17 -8.08 0.89 1.63
CA LYS A 17 -8.78 2.10 1.25
C LYS A 17 -8.12 3.34 1.82
N VAL A 18 -7.76 4.26 0.93
CA VAL A 18 -7.13 5.50 1.33
C VAL A 18 -8.06 6.69 1.06
N LYS A 19 -7.82 7.80 1.73
CA LYS A 19 -8.66 8.98 1.54
C LYS A 19 -7.89 10.04 0.75
N MET A 20 -8.61 10.89 0.02
CA MET A 20 -7.99 11.92 -0.77
C MET A 20 -7.52 13.08 0.11
N THR A 21 -6.46 12.81 0.87
CA THR A 21 -5.86 13.76 1.79
C THR A 21 -4.76 13.07 2.56
N THR A 22 -4.97 11.79 2.84
CA THR A 22 -4.01 11.00 3.59
C THR A 22 -2.74 10.79 2.77
N HIS A 23 -1.63 11.37 3.21
CA HIS A 23 -0.37 11.21 2.49
C HIS A 23 0.05 9.75 2.58
N LEU A 24 0.60 9.22 1.48
CA LEU A 24 1.02 7.82 1.43
C LEU A 24 2.13 7.50 2.42
N LYS A 25 2.62 8.54 3.10
CA LYS A 25 3.65 8.39 4.11
C LYS A 25 3.22 7.40 5.19
N LYS A 26 2.06 7.66 5.77
CA LYS A 26 1.52 6.83 6.83
C LYS A 26 0.92 5.55 6.25
N LEU A 27 0.52 5.60 4.99
CA LEU A 27 -0.07 4.44 4.33
C LEU A 27 0.93 3.30 4.24
N LYS A 28 2.19 3.64 4.00
CA LYS A 28 3.24 2.64 3.88
C LYS A 28 3.53 1.98 5.22
N GLU A 29 3.60 2.79 6.28
CA GLU A 29 3.88 2.25 7.61
C GLU A 29 2.67 1.49 8.16
N SER A 30 1.46 1.94 7.84
CA SER A 30 0.25 1.27 8.30
C SER A 30 0.23 -0.17 7.81
N TYR A 31 0.70 -0.37 6.58
CA TYR A 31 0.77 -1.70 5.99
C TYR A 31 1.76 -2.56 6.76
N CYS A 32 2.92 -1.97 7.06
CA CYS A 32 3.97 -2.66 7.79
C CYS A 32 3.46 -3.10 9.16
N GLN A 33 2.71 -2.22 9.82
CA GLN A 33 2.15 -2.51 11.13
C GLN A 33 1.17 -3.67 11.06
N ARG A 34 0.31 -3.66 10.06
CA ARG A 34 -0.69 -4.70 9.88
C ARG A 34 -0.03 -6.06 9.59
N GLN A 35 1.07 -6.02 8.85
CA GLN A 35 1.78 -7.25 8.51
C GLN A 35 2.69 -7.70 9.66
N GLY A 36 2.96 -6.79 10.58
CA GLY A 36 3.80 -7.12 11.71
C GLY A 36 5.27 -7.04 11.37
N VAL A 37 5.63 -6.07 10.56
CA VAL A 37 7.01 -5.87 10.13
C VAL A 37 7.42 -4.42 10.36
N PRO A 38 8.73 -4.15 10.45
CA PRO A 38 9.25 -2.79 10.65
C PRO A 38 9.00 -1.90 9.43
N MET A 39 9.12 -0.60 9.60
CA MET A 39 8.91 0.34 8.51
C MET A 39 10.04 0.24 7.48
N ASN A 40 9.66 0.34 6.20
CA ASN A 40 10.62 0.28 5.09
C ASN A 40 11.16 -1.13 4.89
N SER A 41 10.33 -2.12 5.19
CA SER A 41 10.71 -3.51 5.03
C SER A 41 10.31 -4.03 3.65
N LEU A 42 9.14 -3.60 3.21
CA LEU A 42 8.61 -4.02 1.92
C LEU A 42 8.53 -2.83 0.97
N ARG A 43 8.65 -3.11 -0.32
CA ARG A 43 8.60 -2.09 -1.35
C ARG A 43 7.23 -2.09 -2.02
N PHE A 44 6.66 -0.92 -2.20
CA PHE A 44 5.37 -0.77 -2.86
C PHE A 44 5.61 -0.34 -4.29
N LEU A 45 5.17 -1.16 -5.24
CA LEU A 45 5.38 -0.86 -6.64
C LEU A 45 4.08 -0.59 -7.37
N PHE A 46 4.12 0.41 -8.23
CA PHE A 46 2.99 0.80 -9.05
C PHE A 46 3.52 1.22 -10.41
N GLU A 47 3.12 0.48 -11.45
CA GLU A 47 3.56 0.75 -12.81
C GLU A 47 5.07 0.56 -12.93
N GLY A 48 5.61 -0.28 -12.05
CA GLY A 48 7.03 -0.56 -12.05
C GLY A 48 7.81 0.40 -11.17
N GLN A 49 7.22 1.56 -10.89
CA GLN A 49 7.87 2.57 -10.08
C GLN A 49 7.58 2.31 -8.60
N ARG A 50 8.43 2.83 -7.73
CA ARG A 50 8.27 2.61 -6.30
C ARG A 50 7.55 3.78 -5.64
N ILE A 51 6.62 3.47 -4.74
CA ILE A 51 5.86 4.49 -4.03
C ILE A 51 6.75 5.18 -3.00
N ALA A 52 6.91 6.48 -3.17
CA ALA A 52 7.74 7.28 -2.27
C ALA A 52 6.97 7.69 -1.02
N ASP A 53 7.70 8.07 0.00
CA ASP A 53 7.09 8.49 1.27
C ASP A 53 6.42 9.85 1.14
N ASN A 54 6.77 10.56 0.07
CA ASN A 54 6.20 11.88 -0.19
C ASN A 54 5.21 11.83 -1.34
N HIS A 55 4.74 10.62 -1.66
CA HIS A 55 3.78 10.43 -2.74
C HIS A 55 2.36 10.65 -2.24
N THR A 56 1.51 11.10 -3.14
CA THR A 56 0.11 11.34 -2.82
C THR A 56 -0.78 10.48 -3.72
N PRO A 57 -1.95 10.06 -3.23
CA PRO A 57 -2.89 9.23 -4.02
C PRO A 57 -3.44 9.96 -5.23
N LYS A 58 -3.24 11.28 -5.28
CA LYS A 58 -3.72 12.09 -6.39
C LYS A 58 -2.79 12.00 -7.59
N GLU A 59 -1.49 11.98 -7.34
CA GLU A 59 -0.51 11.92 -8.41
C GLU A 59 -0.36 10.48 -8.92
N LEU A 60 0.48 10.32 -9.96
CA LEU A 60 0.75 9.02 -10.59
C LEU A 60 -0.44 8.54 -11.41
N GLY A 61 -1.61 8.50 -10.79
CA GLY A 61 -2.80 8.06 -11.48
C GLY A 61 -3.54 6.96 -10.74
N MET A 62 -3.63 7.08 -9.43
CA MET A 62 -4.32 6.08 -8.62
C MET A 62 -5.82 6.16 -8.86
N GLU A 63 -6.48 5.02 -8.83
CA GLU A 63 -7.92 4.96 -9.05
C GLU A 63 -8.55 3.85 -8.25
N GLU A 64 -9.88 3.80 -8.28
CA GLU A 64 -10.63 2.78 -7.58
C GLU A 64 -10.47 1.42 -8.26
N GLU A 65 -10.31 0.38 -7.46
CA GLU A 65 -10.13 -1.00 -7.95
C GLU A 65 -8.79 -1.17 -8.65
N ASP A 66 -7.84 -0.31 -8.30
CA ASP A 66 -6.50 -0.38 -8.90
C ASP A 66 -5.65 -1.40 -8.15
N VAL A 67 -4.74 -2.04 -8.86
CA VAL A 67 -3.89 -3.06 -8.28
C VAL A 67 -2.51 -2.50 -7.94
N ILE A 68 -1.99 -2.88 -6.79
CA ILE A 68 -0.67 -2.43 -6.35
C ILE A 68 0.19 -3.63 -5.96
N GLU A 69 1.48 -3.56 -6.22
CA GLU A 69 2.38 -4.66 -5.91
C GLU A 69 3.20 -4.33 -4.66
N VAL A 70 3.54 -5.36 -3.90
CA VAL A 70 4.33 -5.18 -2.70
C VAL A 70 5.21 -6.41 -2.45
N TYR A 71 6.51 -6.18 -2.32
CA TYR A 71 7.46 -7.26 -2.10
C TYR A 71 8.50 -6.85 -1.07
N GLN A 72 9.07 -7.82 -0.37
CA GLN A 72 10.08 -7.56 0.64
C GLN A 72 11.37 -7.05 0.01
N GLU A 73 11.97 -6.03 0.61
CA GLU A 73 13.21 -5.46 0.10
C GLU A 73 14.38 -6.38 0.43
N GLN A 74 15.54 -6.10 -0.17
CA GLN A 74 16.73 -6.91 0.06
C GLN A 74 17.25 -6.72 1.49
N THR A 75 17.10 -5.52 2.01
CA THR A 75 17.54 -5.19 3.35
C THR A 75 16.64 -5.85 4.39
N GLY A 76 15.33 -5.77 4.17
CA GLY A 76 14.38 -6.34 5.09
C GLY A 76 14.19 -5.50 6.33
N GLY A 77 14.23 -4.19 6.15
CA GLY A 77 14.06 -3.28 7.27
C GLY A 77 14.67 -1.92 7.00
N ASP B 1 -12.42 -17.71 0.89
CA ASP B 1 -11.16 -16.98 0.94
C ASP B 1 -11.20 -15.93 2.05
N THR B 2 -10.11 -15.20 2.23
CA THR B 2 -10.05 -14.19 3.28
C THR B 2 -9.80 -12.80 2.70
N ALA B 3 -10.66 -11.86 3.07
CA ALA B 3 -10.52 -10.50 2.61
C ALA B 3 -10.39 -9.56 3.80
N GLY B 4 -9.37 -8.73 3.76
CA GLY B 4 -9.12 -7.80 4.84
C GLY B 4 -9.18 -6.37 4.36
N CYS B 5 -9.90 -5.53 5.09
CA CYS B 5 -10.00 -4.14 4.71
C CYS B 5 -9.40 -3.25 5.80
N ILE B 6 -8.47 -2.40 5.41
CA ILE B 6 -7.80 -1.51 6.35
C ILE B 6 -7.99 -0.04 5.96
N VAL B 7 -8.44 0.77 6.92
CA VAL B 7 -8.66 2.19 6.68
C VAL B 7 -7.78 3.02 7.62
N ILE B 8 -7.09 3.98 7.04
CA ILE B 8 -6.19 4.86 7.77
C ILE B 8 -6.61 6.31 7.61
N ASP B 10 -5.32 10.07 7.73
CA ASP B 10 -4.18 10.95 7.75
C ASP B 10 -4.50 12.32 7.17
N GLU B 12 -3.08 16.31 6.12
CA GLU B 12 -1.97 17.22 5.93
C GLU B 12 -2.42 18.64 6.23
N TYR A 1 -13.20 8.04 -1.27
CA TYR A 1 -12.60 6.78 -0.85
C TYR A 1 -12.07 6.01 -2.07
N ILE A 2 -10.80 5.67 -2.03
CA ILE A 2 -10.15 4.94 -3.10
C ILE A 2 -9.71 3.58 -2.59
N LYS A 3 -10.46 2.55 -2.94
CA LYS A 3 -10.15 1.20 -2.50
C LYS A 3 -9.22 0.50 -3.48
N LEU A 4 -8.00 0.27 -3.04
CA LEU A 4 -7.00 -0.41 -3.86
C LEU A 4 -7.04 -1.91 -3.55
N LYS A 5 -6.69 -2.72 -4.53
CA LYS A 5 -6.69 -4.15 -4.35
C LYS A 5 -5.27 -4.70 -4.28
N VAL A 6 -4.89 -5.15 -3.10
CA VAL A 6 -3.56 -5.71 -2.90
C VAL A 6 -3.62 -7.22 -2.96
N ILE A 7 -3.06 -7.79 -4.01
CA ILE A 7 -3.05 -9.22 -4.18
C ILE A 7 -1.76 -9.81 -3.64
N GLY A 8 -1.87 -10.57 -2.56
CA GLY A 8 -0.71 -11.18 -1.97
C GLY A 8 -0.26 -12.41 -2.73
N GLN A 9 0.96 -12.85 -2.48
CA GLN A 9 1.51 -14.01 -3.16
C GLN A 9 0.84 -15.30 -2.68
N ASP A 10 0.27 -15.24 -1.48
CA ASP A 10 -0.43 -16.40 -0.91
C ASP A 10 -1.91 -16.37 -1.26
N SER A 11 -2.23 -15.68 -2.36
CA SER A 11 -3.60 -15.54 -2.85
C SER A 11 -4.47 -14.74 -1.89
N SER A 12 -3.86 -13.81 -1.18
CA SER A 12 -4.56 -12.97 -0.23
C SER A 12 -5.14 -11.72 -0.90
N GLU A 13 -6.43 -11.50 -0.70
CA GLU A 13 -7.10 -10.34 -1.27
C GLU A 13 -7.29 -9.28 -0.20
N ILE A 14 -6.38 -8.31 -0.14
CA ILE A 14 -6.45 -7.25 0.84
C ILE A 14 -7.03 -5.98 0.22
N HIS A 15 -8.09 -5.48 0.83
CA HIS A 15 -8.75 -4.27 0.35
C HIS A 15 -8.32 -3.08 1.19
N PHE A 16 -7.50 -2.22 0.62
CA PHE A 16 -7.04 -1.04 1.33
C PHE A 16 -7.78 0.18 0.80
N LYS A 17 -8.62 0.76 1.64
CA LYS A 17 -9.39 1.93 1.24
C LYS A 17 -8.67 3.20 1.66
N VAL A 18 -7.94 3.77 0.71
CA VAL A 18 -7.19 4.99 0.93
C VAL A 18 -8.09 6.17 0.60
N LYS A 19 -7.66 7.38 0.90
CA LYS A 19 -8.46 8.55 0.60
C LYS A 19 -7.61 9.61 -0.09
N MET A 20 -8.23 10.72 -0.45
CA MET A 20 -7.52 11.79 -1.13
C MET A 20 -6.79 12.70 -0.15
N THR A 21 -7.34 12.85 1.04
CA THR A 21 -6.75 13.71 2.06
C THR A 21 -5.54 13.05 2.73
N THR A 22 -5.50 11.73 2.65
CA THR A 22 -4.45 10.98 3.28
C THR A 22 -3.17 10.94 2.46
N HIS A 23 -2.04 11.21 3.11
CA HIS A 23 -0.76 11.18 2.43
C HIS A 23 -0.29 9.73 2.37
N LEU A 24 0.54 9.38 1.41
CA LEU A 24 1.01 8.00 1.30
C LEU A 24 2.14 7.72 2.30
N LYS A 25 2.46 8.73 3.11
CA LYS A 25 3.49 8.61 4.12
C LYS A 25 3.06 7.62 5.21
N LYS A 26 1.86 7.82 5.75
CA LYS A 26 1.35 6.96 6.80
C LYS A 26 0.90 5.62 6.21
N LEU A 27 0.57 5.62 4.92
CA LEU A 27 0.11 4.42 4.24
C LEU A 27 1.14 3.30 4.29
N LYS A 28 2.38 3.65 3.96
CA LYS A 28 3.47 2.68 3.93
C LYS A 28 3.71 2.03 5.30
N GLU A 29 3.90 2.85 6.32
CA GLU A 29 4.17 2.34 7.66
C GLU A 29 3.00 1.53 8.22
N SER A 30 1.77 1.98 7.98
CA SER A 30 0.60 1.28 8.48
C SER A 30 0.49 -0.11 7.89
N TYR A 31 0.84 -0.25 6.61
CA TYR A 31 0.79 -1.55 5.96
C TYR A 31 1.83 -2.48 6.58
N CYS A 32 2.96 -1.90 6.98
CA CYS A 32 4.02 -2.65 7.61
C CYS A 32 3.54 -3.21 8.95
N GLN A 33 2.80 -2.38 9.69
CA GLN A 33 2.26 -2.80 10.98
C GLN A 33 1.30 -3.95 10.80
N ARG A 34 0.51 -3.88 9.73
CA ARG A 34 -0.46 -4.92 9.39
C ARG A 34 0.22 -6.26 9.18
N GLN A 35 1.42 -6.23 8.58
CA GLN A 35 2.16 -7.45 8.32
C GLN A 35 3.10 -7.78 9.49
N GLY A 36 3.16 -6.88 10.46
CA GLY A 36 4.02 -7.09 11.62
C GLY A 36 5.49 -6.93 11.29
N VAL A 37 5.80 -6.06 10.34
CA VAL A 37 7.16 -5.81 9.92
C VAL A 37 7.54 -4.34 10.13
N PRO A 38 8.83 -4.05 10.33
CA PRO A 38 9.32 -2.68 10.53
C PRO A 38 9.22 -1.84 9.25
N MET A 39 9.66 -0.59 9.34
CA MET A 39 9.62 0.29 8.18
C MET A 39 10.78 -0.01 7.23
N ASN A 40 10.52 0.16 5.93
CA ASN A 40 11.51 -0.09 4.88
C ASN A 40 11.79 -1.59 4.74
N SER A 41 10.76 -2.38 4.99
CA SER A 41 10.86 -3.82 4.87
C SER A 41 10.24 -4.26 3.55
N LEU A 42 9.02 -3.79 3.32
CA LEU A 42 8.30 -4.09 2.11
C LEU A 42 8.19 -2.85 1.24
N ARG A 43 8.38 -3.02 -0.05
CA ARG A 43 8.30 -1.91 -0.98
C ARG A 43 7.02 -2.01 -1.79
N PHE A 44 6.49 -0.86 -2.20
CA PHE A 44 5.27 -0.80 -2.98
C PHE A 44 5.58 -0.31 -4.39
N LEU A 45 5.22 -1.11 -5.38
CA LEU A 45 5.47 -0.77 -6.76
C LEU A 45 4.18 -0.50 -7.53
N PHE A 46 4.11 0.67 -8.13
CA PHE A 46 2.95 1.07 -8.92
C PHE A 46 3.40 1.45 -10.32
N GLU A 47 3.20 0.53 -11.26
CA GLU A 47 3.57 0.74 -12.66
C GLU A 47 5.07 1.02 -12.79
N GLY A 48 5.88 0.24 -12.08
CA GLY A 48 7.31 0.40 -12.14
C GLY A 48 7.82 1.54 -11.26
N GLN A 49 6.91 2.20 -10.56
CA GLN A 49 7.29 3.30 -9.69
C GLN A 49 7.16 2.89 -8.23
N ARG A 50 8.27 2.90 -7.52
CA ARG A 50 8.25 2.54 -6.11
C ARG A 50 7.74 3.72 -5.28
N ILE A 51 6.62 3.49 -4.61
CA ILE A 51 5.97 4.51 -3.79
C ILE A 51 6.93 5.11 -2.75
N ALA A 52 7.10 6.41 -2.82
CA ALA A 52 7.96 7.13 -1.91
C ALA A 52 7.17 7.57 -0.68
N ASP A 53 7.88 8.04 0.34
CA ASP A 53 7.25 8.47 1.58
C ASP A 53 6.71 9.90 1.46
N ASN A 54 6.82 10.47 0.27
CA ASN A 54 6.32 11.83 0.03
C ASN A 54 5.33 11.84 -1.12
N HIS A 55 4.90 10.67 -1.55
CA HIS A 55 3.95 10.56 -2.65
C HIS A 55 2.52 10.75 -2.16
N THR A 56 1.64 11.15 -3.06
CA THR A 56 0.23 11.35 -2.72
C THR A 56 -0.65 10.66 -3.76
N PRO A 57 -1.90 10.31 -3.39
CA PRO A 57 -2.84 9.64 -4.31
C PRO A 57 -3.28 10.55 -5.46
N LYS A 58 -2.95 11.83 -5.35
CA LYS A 58 -3.30 12.82 -6.36
C LYS A 58 -2.34 12.74 -7.55
N GLU A 59 -1.19 12.10 -7.33
CA GLU A 59 -0.19 11.94 -8.37
C GLU A 59 -0.08 10.48 -8.77
N LEU A 60 0.78 10.18 -9.74
CA LEU A 60 1.00 8.81 -10.24
C LEU A 60 -0.19 8.32 -11.06
N GLY A 61 -1.38 8.48 -10.51
CA GLY A 61 -2.58 8.05 -11.19
C GLY A 61 -3.22 6.87 -10.50
N MET A 62 -3.57 7.07 -9.24
CA MET A 62 -4.20 6.00 -8.45
C MET A 62 -5.71 6.15 -8.44
N GLU A 63 -6.40 5.16 -8.95
CA GLU A 63 -7.86 5.17 -9.01
C GLU A 63 -8.44 4.00 -8.23
N GLU A 64 -9.76 3.95 -8.19
CA GLU A 64 -10.47 2.88 -7.50
C GLU A 64 -10.27 1.55 -8.21
N GLU A 65 -10.09 0.48 -7.43
CA GLU A 65 -9.90 -0.87 -7.97
C GLU A 65 -8.53 -1.06 -8.62
N ASP A 66 -7.61 -0.15 -8.34
CA ASP A 66 -6.27 -0.24 -8.90
C ASP A 66 -5.46 -1.27 -8.14
N VAL A 67 -4.53 -1.93 -8.83
CA VAL A 67 -3.70 -2.95 -8.22
C VAL A 67 -2.35 -2.39 -7.81
N ILE A 68 -1.80 -2.90 -6.71
CA ILE A 68 -0.51 -2.46 -6.21
C ILE A 68 0.34 -3.67 -5.84
N GLU A 69 1.62 -3.65 -6.20
CA GLU A 69 2.51 -4.76 -5.91
C GLU A 69 3.35 -4.46 -4.67
N VAL A 70 3.47 -5.44 -3.80
CA VAL A 70 4.24 -5.28 -2.58
C VAL A 70 5.21 -6.44 -2.41
N TYR A 71 6.50 -6.12 -2.38
CA TYR A 71 7.53 -7.14 -2.23
C TYR A 71 8.52 -6.74 -1.14
N GLN A 72 9.47 -7.62 -0.85
CA GLN A 72 10.45 -7.37 0.19
C GLN A 72 11.69 -6.68 -0.37
N GLU A 73 12.21 -5.73 0.40
CA GLU A 73 13.40 -4.98 0.00
C GLU A 73 14.66 -5.82 0.18
N GLN A 74 15.78 -5.33 -0.32
CA GLN A 74 17.05 -6.04 -0.23
C GLN A 74 17.56 -6.09 1.21
N THR A 75 17.36 -5.00 1.95
CA THR A 75 17.80 -4.95 3.33
C THR A 75 16.96 -5.86 4.22
N GLY A 76 15.73 -5.45 4.49
CA GLY A 76 14.85 -6.25 5.31
C GLY A 76 14.05 -5.40 6.28
N GLY A 77 14.54 -4.21 6.58
CA GLY A 77 13.84 -3.33 7.50
C GLY A 77 14.70 -2.16 7.92
N ASP B 1 -13.64 -17.97 1.80
CA ASP B 1 -12.41 -17.28 1.43
C ASP B 1 -11.98 -16.38 2.57
N THR B 2 -10.88 -15.69 2.40
CA THR B 2 -10.40 -14.78 3.42
C THR B 2 -10.30 -13.37 2.83
N ALA B 3 -11.00 -12.43 3.45
CA ALA B 3 -10.99 -11.06 2.97
C ALA B 3 -10.58 -10.11 4.08
N GLY B 4 -9.63 -9.25 3.79
CA GLY B 4 -9.21 -8.29 4.78
C GLY B 4 -9.42 -6.88 4.29
N CYS B 5 -10.12 -6.06 5.06
CA CYS B 5 -10.35 -4.69 4.67
C CYS B 5 -9.76 -3.76 5.72
N ILE B 6 -8.91 -2.86 5.27
CA ILE B 6 -8.25 -1.92 6.16
C ILE B 6 -8.50 -0.47 5.74
N VAL B 7 -8.85 0.37 6.69
CA VAL B 7 -9.09 1.79 6.44
C VAL B 7 -8.09 2.62 7.24
N ILE B 8 -7.45 3.57 6.59
CA ILE B 8 -6.44 4.39 7.22
C ILE B 8 -6.84 5.88 7.22
N ASP B 10 -5.49 9.63 7.44
CA ASP B 10 -4.36 10.54 7.38
C ASP B 10 -4.73 11.92 6.84
N GLU B 12 -3.25 16.08 6.12
CA GLU B 12 -2.14 17.04 6.03
C GLU B 12 -1.89 17.73 7.37
N TYR A 1 -13.68 6.79 -0.43
CA TYR A 1 -12.42 6.12 -0.18
C TYR A 1 -11.96 5.37 -1.41
N ILE A 2 -10.68 5.51 -1.74
CA ILE A 2 -10.12 4.82 -2.89
C ILE A 2 -9.57 3.47 -2.45
N LYS A 3 -10.21 2.41 -2.87
CA LYS A 3 -9.81 1.07 -2.48
C LYS A 3 -8.95 0.41 -3.55
N LEU A 4 -7.73 0.08 -3.18
CA LEU A 4 -6.78 -0.58 -4.06
C LEU A 4 -6.74 -2.06 -3.74
N LYS A 5 -6.41 -2.88 -4.73
CA LYS A 5 -6.34 -4.31 -4.53
C LYS A 5 -4.88 -4.76 -4.45
N VAL A 6 -4.47 -5.19 -3.26
CA VAL A 6 -3.12 -5.67 -3.06
C VAL A 6 -3.04 -7.14 -3.44
N ILE A 7 -2.23 -7.44 -4.44
CA ILE A 7 -2.09 -8.82 -4.89
C ILE A 7 -1.01 -9.53 -4.11
N GLY A 8 -1.43 -10.29 -3.10
CA GLY A 8 -0.48 -11.03 -2.28
C GLY A 8 0.21 -12.13 -3.07
N GLN A 9 1.37 -12.56 -2.58
CA GLN A 9 2.14 -13.61 -3.23
C GLN A 9 1.44 -14.96 -3.06
N ASP A 10 0.56 -15.05 -2.08
CA ASP A 10 -0.18 -16.28 -1.82
C ASP A 10 -1.60 -16.16 -2.37
N SER A 11 -1.77 -15.24 -3.31
CA SER A 11 -3.05 -14.99 -3.96
C SER A 11 -4.10 -14.44 -2.99
N SER A 12 -3.64 -13.68 -2.01
CA SER A 12 -4.53 -13.08 -1.03
C SER A 12 -4.98 -11.71 -1.52
N GLU A 13 -6.28 -11.43 -1.43
CA GLU A 13 -6.81 -10.15 -1.89
C GLU A 13 -6.98 -9.19 -0.73
N ILE A 14 -6.02 -8.29 -0.57
CA ILE A 14 -6.08 -7.31 0.50
C ILE A 14 -6.60 -5.99 -0.05
N HIS A 15 -7.68 -5.51 0.55
CA HIS A 15 -8.32 -4.27 0.15
C HIS A 15 -7.71 -3.10 0.91
N PHE A 16 -6.92 -2.30 0.23
CA PHE A 16 -6.29 -1.14 0.84
C PHE A 16 -7.13 0.10 0.53
N LYS A 17 -7.90 0.57 1.50
CA LYS A 17 -8.75 1.73 1.30
C LYS A 17 -8.09 3.00 1.82
N VAL A 18 -7.81 3.91 0.90
CA VAL A 18 -7.18 5.17 1.24
C VAL A 18 -8.15 6.34 1.02
N LYS A 19 -7.73 7.53 1.39
CA LYS A 19 -8.57 8.72 1.23
C LYS A 19 -7.78 9.79 0.48
N MET A 20 -8.49 10.71 -0.16
CA MET A 20 -7.83 11.78 -0.89
C MET A 20 -7.41 12.91 0.06
N THR A 21 -6.42 12.61 0.89
CA THR A 21 -5.89 13.55 1.87
C THR A 21 -4.81 12.89 2.71
N THR A 22 -4.94 11.57 2.83
CA THR A 22 -4.02 10.78 3.61
C THR A 22 -2.62 10.80 3.04
N HIS A 23 -1.66 11.26 3.84
CA HIS A 23 -0.27 11.28 3.43
C HIS A 23 0.17 9.85 3.14
N LEU A 24 0.73 9.61 1.97
CA LEU A 24 1.16 8.26 1.61
C LEU A 24 2.28 7.76 2.52
N LYS A 25 2.89 8.69 3.26
CA LYS A 25 3.96 8.34 4.18
C LYS A 25 3.45 7.37 5.24
N LYS A 26 2.36 7.74 5.90
CA LYS A 26 1.78 6.92 6.93
C LYS A 26 1.10 5.69 6.35
N LEU A 27 0.71 5.77 5.08
CA LEU A 27 0.06 4.65 4.41
C LEU A 27 0.96 3.42 4.44
N LYS A 28 2.20 3.64 4.06
CA LYS A 28 3.20 2.57 4.01
C LYS A 28 3.52 2.03 5.41
N GLU A 29 3.64 2.93 6.39
CA GLU A 29 3.99 2.52 7.74
C GLU A 29 2.83 1.77 8.42
N SER A 30 1.60 2.19 8.14
CA SER A 30 0.42 1.56 8.73
C SER A 30 0.27 0.13 8.22
N TYR A 31 0.59 -0.07 6.95
CA TYR A 31 0.50 -1.40 6.36
C TYR A 31 1.48 -2.33 7.04
N CYS A 32 2.68 -1.82 7.30
CA CYS A 32 3.72 -2.60 7.97
C CYS A 32 3.28 -3.00 9.37
N GLN A 33 2.63 -2.07 10.07
CA GLN A 33 2.15 -2.33 11.43
C GLN A 33 1.12 -3.45 11.45
N ARG A 34 0.27 -3.47 10.43
CA ARG A 34 -0.76 -4.48 10.32
C ARG A 34 -0.17 -5.84 9.96
N GLN A 35 0.87 -5.82 9.13
CA GLN A 35 1.52 -7.05 8.71
C GLN A 35 2.48 -7.58 9.78
N GLY A 36 2.83 -6.72 10.73
CA GLY A 36 3.71 -7.11 11.80
C GLY A 36 5.17 -7.01 11.42
N VAL A 37 5.51 -6.00 10.63
CA VAL A 37 6.88 -5.78 10.19
C VAL A 37 7.25 -4.30 10.29
N PRO A 38 8.55 -4.00 10.40
CA PRO A 38 9.04 -2.61 10.47
C PRO A 38 8.87 -1.88 9.15
N MET A 39 8.88 -0.56 9.19
CA MET A 39 8.72 0.24 7.97
C MET A 39 9.98 0.14 7.09
N ASN A 40 9.81 0.43 5.80
CA ASN A 40 10.89 0.41 4.80
C ASN A 40 11.24 -1.02 4.39
N SER A 41 10.74 -2.00 5.12
CA SER A 41 11.01 -3.39 4.82
C SER A 41 10.27 -3.83 3.56
N LEU A 42 9.10 -3.25 3.35
CA LEU A 42 8.29 -3.58 2.19
C LEU A 42 8.29 -2.45 1.18
N ARG A 43 8.31 -2.81 -0.09
CA ARG A 43 8.29 -1.84 -1.17
C ARG A 43 6.96 -1.92 -1.92
N PHE A 44 6.39 -0.77 -2.21
CA PHE A 44 5.12 -0.70 -2.90
C PHE A 44 5.35 -0.29 -4.35
N LEU A 45 4.96 -1.17 -5.27
CA LEU A 45 5.13 -0.90 -6.69
C LEU A 45 3.80 -0.60 -7.34
N PHE A 46 3.77 0.49 -8.08
CA PHE A 46 2.58 0.92 -8.79
C PHE A 46 2.95 1.23 -10.24
N GLU A 47 2.56 0.34 -11.14
CA GLU A 47 2.84 0.50 -12.57
C GLU A 47 4.33 0.47 -12.83
N GLY A 48 5.06 -0.32 -12.03
CA GLY A 48 6.49 -0.42 -12.21
C GLY A 48 7.26 0.56 -11.33
N GLN A 49 6.66 1.70 -11.05
CA GLN A 49 7.30 2.71 -10.21
C GLN A 49 7.11 2.38 -8.74
N ARG A 50 8.09 2.69 -7.92
CA ARG A 50 8.00 2.44 -6.50
C ARG A 50 7.46 3.66 -5.78
N ILE A 51 6.55 3.43 -4.86
CA ILE A 51 5.92 4.49 -4.09
C ILE A 51 6.89 5.09 -3.07
N ALA A 52 7.06 6.40 -3.15
CA ALA A 52 7.95 7.11 -2.25
C ALA A 52 7.20 7.45 -0.96
N ASP A 53 7.94 7.89 0.05
CA ASP A 53 7.34 8.22 1.33
C ASP A 53 6.59 9.55 1.24
N ASN A 54 7.07 10.43 0.38
CA ASN A 54 6.45 11.73 0.20
C ASN A 54 5.60 11.77 -1.06
N HIS A 55 4.97 10.65 -1.37
CA HIS A 55 4.12 10.55 -2.56
C HIS A 55 2.69 10.98 -2.24
N THR A 56 1.96 11.39 -3.27
CA THR A 56 0.58 11.82 -3.12
C THR A 56 -0.35 10.89 -3.88
N PRO A 57 -1.49 10.49 -3.28
CA PRO A 57 -2.47 9.59 -3.94
C PRO A 57 -3.08 10.18 -5.21
N LYS A 58 -2.86 11.47 -5.44
CA LYS A 58 -3.39 12.13 -6.62
C LYS A 58 -2.41 12.04 -7.79
N GLU A 59 -1.13 11.89 -7.50
CA GLU A 59 -0.13 11.79 -8.55
C GLU A 59 0.00 10.33 -8.98
N LEU A 60 0.76 10.11 -10.06
CA LEU A 60 0.99 8.77 -10.63
C LEU A 60 -0.26 8.25 -11.35
N GLY A 61 -1.40 8.37 -10.69
CA GLY A 61 -2.64 7.94 -11.29
C GLY A 61 -3.27 6.78 -10.54
N MET A 62 -3.81 7.06 -9.36
CA MET A 62 -4.44 6.03 -8.55
C MET A 62 -5.97 6.11 -8.65
N GLU A 63 -6.59 5.02 -9.08
CA GLU A 63 -8.03 4.98 -9.22
C GLU A 63 -8.62 3.87 -8.35
N GLU A 64 -9.94 3.77 -8.35
CA GLU A 64 -10.63 2.75 -7.56
C GLU A 64 -10.45 1.37 -8.19
N GLU A 65 -10.24 0.36 -7.35
CA GLU A 65 -10.05 -1.02 -7.79
C GLU A 65 -8.73 -1.17 -8.56
N ASP A 66 -7.78 -0.32 -8.25
CA ASP A 66 -6.47 -0.35 -8.90
C ASP A 66 -5.63 -1.49 -8.33
N VAL A 67 -4.59 -1.86 -9.07
CA VAL A 67 -3.72 -2.95 -8.66
C VAL A 67 -2.40 -2.42 -8.08
N ILE A 68 -2.05 -2.88 -6.89
CA ILE A 68 -0.82 -2.48 -6.23
C ILE A 68 -0.08 -3.72 -5.71
N GLU A 69 1.23 -3.73 -5.88
CA GLU A 69 2.04 -4.86 -5.43
C GLU A 69 3.01 -4.44 -4.34
N VAL A 70 3.19 -5.30 -3.35
CA VAL A 70 4.09 -5.03 -2.24
C VAL A 70 4.94 -6.26 -1.92
N TYR A 71 6.25 -6.08 -1.94
CA TYR A 71 7.19 -7.15 -1.66
C TYR A 71 8.25 -6.67 -0.68
N GLN A 72 9.03 -7.60 -0.13
CA GLN A 72 10.07 -7.24 0.82
C GLN A 72 11.32 -6.77 0.10
N GLU A 73 11.96 -5.75 0.66
CA GLU A 73 13.18 -5.19 0.09
C GLU A 73 14.40 -6.03 0.51
N GLN A 74 15.52 -5.80 -0.17
CA GLN A 74 16.75 -6.51 0.11
C GLN A 74 17.29 -6.12 1.48
N THR A 75 17.02 -4.89 1.89
CA THR A 75 17.47 -4.36 3.16
C THR A 75 16.88 -5.14 4.35
N GLY A 76 15.70 -5.73 4.13
CA GLY A 76 15.06 -6.49 5.19
C GLY A 76 14.29 -5.61 6.16
N GLY A 77 14.92 -4.53 6.58
CA GLY A 77 14.28 -3.62 7.51
C GLY A 77 14.33 -2.18 7.02
N ASP B 1 -12.15 -17.79 1.23
CA ASP B 1 -10.90 -17.28 0.69
C ASP B 1 -10.32 -16.24 1.65
N THR B 2 -9.44 -15.38 1.18
CA THR B 2 -8.88 -14.39 2.07
C THR B 2 -9.21 -12.96 1.62
N ALA B 3 -9.87 -12.24 2.51
CA ALA B 3 -10.20 -10.85 2.27
C ALA B 3 -9.73 -10.02 3.45
N GLY B 4 -8.91 -9.03 3.19
CA GLY B 4 -8.42 -8.18 4.24
C GLY B 4 -8.70 -6.74 3.95
N CYS B 5 -9.27 -6.00 4.88
CA CYS B 5 -9.54 -4.59 4.63
C CYS B 5 -8.78 -3.74 5.66
N ILE B 6 -7.96 -2.84 5.17
CA ILE B 6 -7.17 -1.98 6.03
C ILE B 6 -7.43 -0.51 5.73
N VAL B 7 -7.74 0.26 6.76
CA VAL B 7 -8.02 1.68 6.61
C VAL B 7 -7.08 2.51 7.49
N ILE B 8 -6.51 3.55 6.90
CA ILE B 8 -5.59 4.44 7.59
C ILE B 8 -6.11 5.87 7.56
N ASP B 10 -5.09 9.69 7.89
CA ASP B 10 -4.04 10.68 7.92
C ASP B 10 -4.49 11.99 7.28
N GLU B 12 -3.45 15.97 5.96
CA GLU B 12 -2.41 16.95 5.64
C GLU B 12 -2.49 18.15 6.59
N TYR A 1 -13.14 7.79 -0.51
CA TYR A 1 -12.27 6.68 -0.16
C TYR A 1 -11.94 5.84 -1.40
N ILE A 2 -10.65 5.72 -1.68
CA ILE A 2 -10.19 4.94 -2.83
C ILE A 2 -9.81 3.54 -2.38
N LYS A 3 -10.43 2.54 -2.96
CA LYS A 3 -10.17 1.16 -2.60
C LYS A 3 -9.15 0.53 -3.54
N LEU A 4 -7.96 0.30 -3.03
CA LEU A 4 -6.89 -0.31 -3.80
C LEU A 4 -6.79 -1.79 -3.44
N LYS A 5 -6.57 -2.63 -4.44
CA LYS A 5 -6.46 -4.05 -4.23
C LYS A 5 -5.01 -4.49 -4.13
N VAL A 6 -4.60 -4.84 -2.92
CA VAL A 6 -3.25 -5.30 -2.69
C VAL A 6 -3.20 -6.80 -2.82
N ILE A 7 -2.65 -7.28 -3.93
CA ILE A 7 -2.56 -8.71 -4.17
C ILE A 7 -1.23 -9.25 -3.71
N GLY A 8 -1.26 -10.06 -2.66
CA GLY A 8 -0.04 -10.65 -2.14
C GLY A 8 0.44 -11.81 -2.99
N GLN A 9 1.70 -12.19 -2.81
CA GLN A 9 2.31 -13.28 -3.56
C GLN A 9 1.58 -14.60 -3.31
N ASP A 10 0.88 -14.70 -2.19
CA ASP A 10 0.14 -15.91 -1.86
C ASP A 10 -1.27 -15.84 -2.42
N SER A 11 -1.48 -14.88 -3.34
CA SER A 11 -2.76 -14.66 -3.99
C SER A 11 -3.82 -14.20 -2.99
N SER A 12 -3.45 -13.21 -2.17
CA SER A 12 -4.35 -12.67 -1.17
C SER A 12 -4.96 -11.36 -1.68
N GLU A 13 -6.25 -11.17 -1.45
CA GLU A 13 -6.94 -9.97 -1.88
C GLU A 13 -7.16 -9.05 -0.69
N ILE A 14 -6.25 -8.11 -0.48
CA ILE A 14 -6.37 -7.16 0.62
C ILE A 14 -7.00 -5.87 0.12
N HIS A 15 -8.07 -5.45 0.80
CA HIS A 15 -8.79 -4.25 0.42
C HIS A 15 -8.32 -3.07 1.27
N PHE A 16 -7.52 -2.21 0.66
CA PHE A 16 -6.99 -1.04 1.34
C PHE A 16 -7.68 0.21 0.82
N LYS A 17 -8.47 0.86 1.68
CA LYS A 17 -9.16 2.07 1.28
C LYS A 17 -8.48 3.30 1.89
N VAL A 18 -8.06 4.20 1.01
CA VAL A 18 -7.37 5.42 1.43
C VAL A 18 -8.22 6.65 1.16
N LYS A 19 -7.81 7.78 1.70
CA LYS A 19 -8.53 9.03 1.50
C LYS A 19 -7.64 10.00 0.73
N MET A 20 -8.25 10.97 0.05
CA MET A 20 -7.50 11.94 -0.74
C MET A 20 -6.71 12.90 0.13
N THR A 21 -7.23 13.21 1.31
CA THR A 21 -6.55 14.11 2.23
C THR A 21 -5.32 13.42 2.81
N THR A 22 -5.30 12.11 2.65
CA THR A 22 -4.23 11.31 3.18
C THR A 22 -3.05 11.21 2.22
N HIS A 23 -1.87 11.28 2.77
CA HIS A 23 -0.66 11.16 1.99
C HIS A 23 -0.20 9.71 2.09
N LEU A 24 0.65 9.27 1.17
CA LEU A 24 1.11 7.88 1.19
C LEU A 24 2.17 7.62 2.25
N LYS A 25 2.36 8.58 3.16
CA LYS A 25 3.35 8.44 4.22
C LYS A 25 2.88 7.43 5.26
N LYS A 26 1.72 7.67 5.85
CA LYS A 26 1.17 6.79 6.85
C LYS A 26 0.68 5.48 6.22
N LEU A 27 0.46 5.52 4.90
CA LEU A 27 0.02 4.35 4.16
C LEU A 27 1.03 3.23 4.30
N LYS A 28 2.28 3.55 4.00
CA LYS A 28 3.38 2.60 4.07
C LYS A 28 3.53 1.97 5.44
N GLU A 29 3.53 2.79 6.50
CA GLU A 29 3.69 2.27 7.84
C GLU A 29 2.49 1.45 8.30
N SER A 30 1.29 1.86 7.91
CA SER A 30 0.08 1.14 8.29
C SER A 30 0.10 -0.29 7.77
N TYR A 31 0.60 -0.47 6.56
CA TYR A 31 0.69 -1.80 5.97
C TYR A 31 1.68 -2.65 6.77
N CYS A 32 2.79 -2.03 7.17
CA CYS A 32 3.81 -2.72 7.94
C CYS A 32 3.25 -3.12 9.31
N GLN A 33 2.50 -2.21 9.91
CA GLN A 33 1.89 -2.45 11.22
C GLN A 33 0.92 -3.63 11.17
N ARG A 34 0.22 -3.78 10.05
CA ARG A 34 -0.73 -4.88 9.90
C ARG A 34 0.00 -6.18 9.62
N GLN A 35 1.18 -6.09 9.02
CA GLN A 35 1.97 -7.28 8.70
C GLN A 35 2.81 -7.71 9.89
N GLY A 36 3.04 -6.78 10.81
CA GLY A 36 3.83 -7.08 11.99
C GLY A 36 5.31 -6.97 11.71
N VAL A 37 5.67 -6.06 10.83
CA VAL A 37 7.06 -5.84 10.46
C VAL A 37 7.40 -4.36 10.54
N PRO A 38 8.69 -4.02 10.75
CA PRO A 38 9.14 -2.63 10.83
C PRO A 38 9.03 -1.95 9.47
N MET A 39 9.16 -0.63 9.46
CA MET A 39 9.07 0.13 8.22
C MET A 39 10.34 -0.06 7.38
N ASN A 40 10.21 0.14 6.07
CA ASN A 40 11.32 0.01 5.12
C ASN A 40 11.68 -1.45 4.90
N SER A 41 10.76 -2.34 5.22
CA SER A 41 10.98 -3.77 5.05
C SER A 41 10.39 -4.24 3.73
N LEU A 42 9.32 -3.59 3.32
CA LEU A 42 8.63 -3.93 2.10
C LEU A 42 8.55 -2.73 1.16
N ARG A 43 8.73 -2.98 -0.13
CA ARG A 43 8.66 -1.93 -1.14
C ARG A 43 7.36 -2.05 -1.92
N PHE A 44 6.65 -0.95 -2.04
CA PHE A 44 5.39 -0.92 -2.75
C PHE A 44 5.64 -0.53 -4.20
N LEU A 45 5.09 -1.30 -5.12
CA LEU A 45 5.28 -1.05 -6.54
C LEU A 45 3.98 -0.62 -7.20
N PHE A 46 4.08 0.38 -8.05
CA PHE A 46 2.94 0.90 -8.79
C PHE A 46 3.36 1.20 -10.22
N GLU A 47 2.81 0.43 -11.15
CA GLU A 47 3.10 0.58 -12.58
C GLU A 47 4.58 0.35 -12.87
N GLY A 48 5.23 -0.45 -12.03
CA GLY A 48 6.64 -0.74 -12.22
C GLY A 48 7.56 0.11 -11.38
N GLN A 49 7.08 1.26 -10.93
CA GLN A 49 7.89 2.15 -10.11
C GLN A 49 7.54 1.98 -8.64
N ARG A 50 8.51 2.22 -7.77
CA ARG A 50 8.28 2.10 -6.34
C ARG A 50 7.66 3.38 -5.77
N ILE A 51 6.89 3.21 -4.70
CA ILE A 51 6.23 4.33 -4.04
C ILE A 51 7.18 5.06 -3.09
N ALA A 52 7.20 6.38 -3.20
CA ALA A 52 8.05 7.21 -2.36
C ALA A 52 7.33 7.51 -1.05
N ASP A 53 8.08 7.99 -0.07
CA ASP A 53 7.51 8.29 1.25
C ASP A 53 6.65 9.55 1.22
N ASN A 54 6.84 10.39 0.21
CA ASN A 54 6.07 11.62 0.10
C ASN A 54 5.13 11.60 -1.10
N HIS A 55 4.77 10.40 -1.55
CA HIS A 55 3.87 10.28 -2.69
C HIS A 55 2.43 10.62 -2.29
N THR A 56 1.69 11.18 -3.23
CA THR A 56 0.30 11.55 -3.01
C THR A 56 -0.61 10.70 -3.88
N PRO A 57 -1.76 10.24 -3.36
CA PRO A 57 -2.70 9.39 -4.12
C PRO A 57 -3.27 10.08 -5.37
N LYS A 58 -3.19 11.40 -5.39
CA LYS A 58 -3.71 12.16 -6.53
C LYS A 58 -2.74 12.11 -7.71
N GLU A 59 -1.45 12.13 -7.42
CA GLU A 59 -0.44 12.11 -8.49
C GLU A 59 -0.30 10.70 -9.07
N LEU A 60 0.45 10.60 -10.17
CA LEU A 60 0.69 9.33 -10.87
C LEU A 60 -0.56 8.86 -11.60
N GLY A 61 -1.56 8.42 -10.83
CA GLY A 61 -2.80 7.97 -11.44
C GLY A 61 -3.39 6.76 -10.73
N MET A 62 -3.76 6.94 -9.48
CA MET A 62 -4.36 5.87 -8.69
C MET A 62 -5.86 6.04 -8.66
N GLU A 63 -6.60 4.99 -8.97
CA GLU A 63 -8.05 5.06 -8.99
C GLU A 63 -8.68 3.90 -8.22
N GLU A 64 -10.00 3.82 -8.28
CA GLU A 64 -10.74 2.78 -7.59
C GLU A 64 -10.49 1.43 -8.27
N GLU A 65 -10.36 0.39 -7.44
CA GLU A 65 -10.11 -0.98 -7.92
C GLU A 65 -8.72 -1.10 -8.51
N ASP A 66 -7.82 -0.22 -8.09
CA ASP A 66 -6.45 -0.22 -8.58
C ASP A 66 -5.70 -1.43 -8.03
N VAL A 67 -4.60 -1.79 -8.67
CA VAL A 67 -3.81 -2.94 -8.24
C VAL A 67 -2.41 -2.50 -7.81
N ILE A 68 -2.01 -2.92 -6.62
CA ILE A 68 -0.70 -2.57 -6.10
C ILE A 68 0.06 -3.82 -5.65
N GLU A 69 1.35 -3.87 -5.98
CA GLU A 69 2.20 -4.99 -5.60
C GLU A 69 3.14 -4.60 -4.48
N VAL A 70 3.51 -5.55 -3.64
CA VAL A 70 4.41 -5.28 -2.53
C VAL A 70 5.44 -6.41 -2.39
N TYR A 71 6.71 -6.05 -2.39
CA TYR A 71 7.77 -7.03 -2.28
C TYR A 71 8.75 -6.65 -1.18
N GLN A 72 9.39 -7.65 -0.59
CA GLN A 72 10.34 -7.41 0.49
C GLN A 72 11.63 -6.80 -0.06
N GLU A 73 12.17 -5.83 0.67
CA GLU A 73 13.41 -5.18 0.28
C GLU A 73 14.60 -6.07 0.61
N GLN A 74 15.73 -5.80 -0.03
CA GLN A 74 16.93 -6.59 0.21
C GLN A 74 17.49 -6.31 1.60
N THR A 75 17.35 -5.07 2.04
CA THR A 75 17.83 -4.67 3.37
C THR A 75 17.12 -5.48 4.46
N GLY A 76 15.84 -5.77 4.23
CA GLY A 76 15.07 -6.53 5.19
C GLY A 76 14.24 -5.64 6.08
N GLY A 77 14.71 -4.42 6.27
CA GLY A 77 14.01 -3.46 7.11
C GLY A 77 14.73 -2.13 7.15
N ASP B 1 -12.55 -18.28 1.47
CA ASP B 1 -11.23 -17.67 1.56
C ASP B 1 -11.22 -16.61 2.66
N THR B 2 -10.16 -15.81 2.69
CA THR B 2 -10.02 -14.77 3.70
C THR B 2 -9.88 -13.39 3.04
N ALA B 3 -10.67 -12.46 3.49
CA ALA B 3 -10.63 -11.10 2.98
C ALA B 3 -10.30 -10.13 4.10
N GLY B 4 -9.34 -9.26 3.88
CA GLY B 4 -8.95 -8.31 4.89
C GLY B 4 -9.14 -6.88 4.44
N CYS B 5 -9.79 -6.08 5.29
CA CYS B 5 -10.04 -4.69 4.96
C CYS B 5 -9.37 -3.76 5.97
N ILE B 6 -8.59 -2.83 5.45
CA ILE B 6 -7.87 -1.85 6.27
C ILE B 6 -8.21 -0.43 5.85
N VAL B 7 -8.46 0.44 6.82
CA VAL B 7 -8.81 1.83 6.54
C VAL B 7 -7.76 2.77 7.14
N ILE B 8 -7.31 3.73 6.34
CA ILE B 8 -6.28 4.68 6.77
C ILE B 8 -6.76 6.12 6.68
N ASP B 10 -5.36 9.95 7.23
CA ASP B 10 -4.30 10.89 7.57
C ASP B 10 -4.52 12.22 6.88
N GLU B 12 -2.94 16.28 6.21
CA GLU B 12 -1.84 17.22 6.36
C GLU B 12 -2.36 18.57 6.84
N TYR A 1 -13.41 7.54 -0.71
CA TYR A 1 -12.33 6.61 -0.46
C TYR A 1 -11.96 5.86 -1.73
N ILE A 2 -10.69 5.51 -1.85
CA ILE A 2 -10.20 4.79 -3.01
C ILE A 2 -9.65 3.44 -2.59
N LYS A 3 -10.31 2.37 -3.00
CA LYS A 3 -9.89 1.03 -2.61
C LYS A 3 -8.88 0.47 -3.61
N LEU A 4 -7.69 0.18 -3.11
CA LEU A 4 -6.63 -0.38 -3.94
C LEU A 4 -6.52 -1.88 -3.70
N LYS A 5 -6.44 -2.64 -4.77
CA LYS A 5 -6.33 -4.09 -4.67
C LYS A 5 -4.87 -4.52 -4.58
N VAL A 6 -4.48 -4.96 -3.39
CA VAL A 6 -3.11 -5.42 -3.16
C VAL A 6 -3.08 -6.93 -3.16
N ILE A 7 -2.77 -7.51 -4.31
CA ILE A 7 -2.72 -8.96 -4.44
C ILE A 7 -1.38 -9.50 -3.92
N GLY A 8 -1.43 -10.16 -2.78
CA GLY A 8 -0.23 -10.72 -2.20
C GLY A 8 0.26 -11.94 -2.97
N GLN A 9 1.53 -12.27 -2.79
CA GLN A 9 2.13 -13.42 -3.47
C GLN A 9 1.50 -14.72 -3.00
N ASP A 10 0.86 -14.67 -1.85
CA ASP A 10 0.20 -15.84 -1.28
C ASP A 10 -1.28 -15.89 -1.66
N SER A 11 -1.68 -15.01 -2.58
CA SER A 11 -3.05 -14.94 -3.08
C SER A 11 -4.05 -14.47 -2.01
N SER A 12 -3.64 -13.48 -1.22
CA SER A 12 -4.50 -12.94 -0.18
C SER A 12 -5.14 -11.63 -0.68
N GLU A 13 -6.45 -11.49 -0.46
CA GLU A 13 -7.16 -10.31 -0.88
C GLU A 13 -7.01 -9.18 0.14
N ILE A 14 -6.11 -8.26 -0.14
CA ILE A 14 -5.89 -7.12 0.75
C ILE A 14 -6.57 -5.88 0.18
N HIS A 15 -7.73 -5.56 0.73
CA HIS A 15 -8.48 -4.40 0.28
C HIS A 15 -8.14 -3.18 1.13
N PHE A 16 -7.15 -2.42 0.69
CA PHE A 16 -6.73 -1.24 1.40
C PHE A 16 -7.39 -0.02 0.78
N LYS A 17 -8.23 0.66 1.55
CA LYS A 17 -8.91 1.83 1.03
C LYS A 17 -8.29 3.11 1.57
N VAL A 18 -7.82 3.94 0.64
CA VAL A 18 -7.18 5.18 0.99
C VAL A 18 -8.13 6.36 0.77
N LYS A 19 -7.64 7.55 1.05
CA LYS A 19 -8.42 8.76 0.91
C LYS A 19 -7.55 9.83 0.27
N MET A 20 -8.16 10.84 -0.33
CA MET A 20 -7.40 11.90 -1.00
C MET A 20 -6.60 12.74 0.00
N THR A 21 -7.10 12.85 1.22
CA THR A 21 -6.43 13.63 2.26
C THR A 21 -5.28 12.85 2.86
N THR A 22 -5.38 11.53 2.79
CA THR A 22 -4.41 10.65 3.38
C THR A 22 -3.14 10.55 2.55
N HIS A 23 -2.07 11.10 3.09
CA HIS A 23 -0.78 11.06 2.45
C HIS A 23 -0.28 9.61 2.44
N LEU A 24 0.43 9.22 1.39
CA LEU A 24 0.92 7.85 1.29
C LEU A 24 2.02 7.57 2.31
N LYS A 25 2.46 8.61 3.00
CA LYS A 25 3.50 8.49 4.02
C LYS A 25 3.06 7.52 5.12
N LYS A 26 1.88 7.76 5.68
CA LYS A 26 1.36 6.93 6.76
C LYS A 26 0.92 5.57 6.24
N LEU A 27 0.63 5.49 4.95
CA LEU A 27 0.19 4.25 4.33
C LEU A 27 1.27 3.18 4.41
N LYS A 28 2.47 3.55 4.02
CA LYS A 28 3.60 2.63 4.00
C LYS A 28 3.85 2.01 5.37
N GLU A 29 3.90 2.85 6.40
CA GLU A 29 4.15 2.37 7.76
C GLU A 29 2.98 1.54 8.29
N SER A 30 1.76 2.00 8.02
CA SER A 30 0.57 1.29 8.49
C SER A 30 0.48 -0.11 7.90
N TYR A 31 0.84 -0.25 6.63
CA TYR A 31 0.81 -1.56 5.99
C TYR A 31 1.81 -2.49 6.66
N CYS A 32 2.98 -1.95 6.98
CA CYS A 32 4.03 -2.72 7.63
C CYS A 32 3.56 -3.20 9.01
N GLN A 33 2.90 -2.31 9.74
CA GLN A 33 2.39 -2.63 11.07
C GLN A 33 1.32 -3.71 11.00
N ARG A 34 0.54 -3.69 9.91
CA ARG A 34 -0.53 -4.66 9.70
C ARG A 34 0.06 -6.06 9.47
N GLN A 35 1.18 -6.11 8.77
CA GLN A 35 1.83 -7.39 8.47
C GLN A 35 2.73 -7.82 9.63
N GLY A 36 3.07 -6.87 10.48
CA GLY A 36 3.92 -7.17 11.63
C GLY A 36 5.40 -7.05 11.30
N VAL A 37 5.73 -6.08 10.46
CA VAL A 37 7.10 -5.86 10.06
C VAL A 37 7.48 -4.39 10.24
N PRO A 38 8.79 -4.08 10.32
CA PRO A 38 9.26 -2.71 10.47
C PRO A 38 8.98 -1.85 9.24
N MET A 39 9.09 -0.54 9.38
CA MET A 39 8.84 0.36 8.26
C MET A 39 9.92 0.23 7.18
N ASN A 40 9.50 0.34 5.92
CA ASN A 40 10.39 0.27 4.77
C ASN A 40 10.93 -1.16 4.53
N SER A 41 10.30 -2.14 5.17
CA SER A 41 10.74 -3.52 5.01
C SER A 41 10.21 -4.07 3.68
N LEU A 42 9.05 -3.56 3.28
CA LEU A 42 8.42 -3.96 2.05
C LEU A 42 8.43 -2.82 1.05
N ARG A 43 8.53 -3.16 -0.22
CA ARG A 43 8.55 -2.17 -1.29
C ARG A 43 7.23 -2.21 -2.06
N PHE A 44 6.54 -1.09 -2.08
CA PHE A 44 5.28 -0.98 -2.79
C PHE A 44 5.56 -0.55 -4.22
N LEU A 45 5.17 -1.37 -5.17
CA LEU A 45 5.40 -1.09 -6.58
C LEU A 45 4.09 -0.74 -7.29
N PHE A 46 4.05 0.44 -7.87
CA PHE A 46 2.88 0.93 -8.59
C PHE A 46 3.31 1.44 -9.96
N GLU A 47 2.77 0.81 -11.01
CA GLU A 47 3.07 1.19 -12.39
C GLU A 47 4.56 1.04 -12.69
N GLY A 48 5.21 0.14 -11.96
CA GLY A 48 6.64 -0.09 -12.16
C GLY A 48 7.51 0.74 -11.24
N GLN A 49 6.96 1.80 -10.68
CA GLN A 49 7.72 2.67 -9.78
C GLN A 49 7.49 2.28 -8.33
N ARG A 50 8.38 2.71 -7.46
CA ARG A 50 8.26 2.41 -6.04
C ARG A 50 7.68 3.61 -5.30
N ILE A 51 6.58 3.37 -4.59
CA ILE A 51 5.91 4.42 -3.82
C ILE A 51 6.86 5.04 -2.81
N ALA A 52 7.02 6.35 -2.90
CA ALA A 52 7.90 7.09 -2.01
C ALA A 52 7.13 7.60 -0.79
N ASP A 53 7.86 7.96 0.25
CA ASP A 53 7.28 8.47 1.48
C ASP A 53 6.71 9.87 1.27
N ASN A 54 7.08 10.47 0.15
CA ASN A 54 6.63 11.81 -0.20
C ASN A 54 5.64 11.77 -1.37
N HIS A 55 5.03 10.61 -1.59
CA HIS A 55 4.07 10.45 -2.67
C HIS A 55 2.65 10.60 -2.15
N THR A 56 1.74 10.98 -3.04
CA THR A 56 0.34 11.17 -2.68
C THR A 56 -0.55 10.41 -3.67
N PRO A 57 -1.79 10.06 -3.26
CA PRO A 57 -2.74 9.34 -4.14
C PRO A 57 -3.29 10.25 -5.25
N LYS A 58 -2.96 11.53 -5.17
CA LYS A 58 -3.41 12.51 -6.15
C LYS A 58 -2.51 12.49 -7.39
N GLU A 59 -1.31 11.96 -7.25
CA GLU A 59 -0.38 11.90 -8.37
C GLU A 59 -0.21 10.46 -8.84
N LEU A 60 0.57 10.29 -9.91
CA LEU A 60 0.85 8.98 -10.51
C LEU A 60 -0.36 8.44 -11.27
N GLY A 61 -1.52 8.46 -10.63
CA GLY A 61 -2.73 7.97 -11.27
C GLY A 61 -3.40 6.87 -10.48
N MET A 62 -3.87 7.20 -9.29
CA MET A 62 -4.54 6.24 -8.44
C MET A 62 -6.06 6.36 -8.57
N GLU A 63 -6.69 5.28 -9.01
CA GLU A 63 -8.14 5.27 -9.17
C GLU A 63 -8.75 4.09 -8.41
N GLU A 64 -10.08 4.03 -8.40
CA GLU A 64 -10.78 2.96 -7.72
C GLU A 64 -10.62 1.66 -8.51
N GLU A 65 -10.53 0.54 -7.78
CA GLU A 65 -10.34 -0.78 -8.38
C GLU A 65 -8.96 -0.89 -9.02
N ASP A 66 -8.02 -0.13 -8.48
CA ASP A 66 -6.65 -0.13 -8.98
C ASP A 66 -5.87 -1.31 -8.40
N VAL A 67 -4.69 -1.58 -8.95
CA VAL A 67 -3.88 -2.68 -8.49
C VAL A 67 -2.46 -2.22 -8.14
N ILE A 68 -1.96 -2.68 -7.00
CA ILE A 68 -0.62 -2.34 -6.55
C ILE A 68 0.04 -3.58 -5.97
N GLU A 69 1.34 -3.69 -6.13
CA GLU A 69 2.07 -4.85 -5.63
C GLU A 69 3.00 -4.46 -4.48
N VAL A 70 3.35 -5.44 -3.66
CA VAL A 70 4.24 -5.23 -2.54
C VAL A 70 5.15 -6.44 -2.34
N TYR A 71 6.45 -6.19 -2.28
CA TYR A 71 7.42 -7.26 -2.11
C TYR A 71 8.38 -6.92 -0.97
N GLN A 72 9.18 -7.87 -0.54
CA GLN A 72 10.12 -7.65 0.55
C GLN A 72 11.45 -7.10 0.03
N GLU A 73 11.99 -6.12 0.74
CA GLU A 73 13.27 -5.51 0.38
C GLU A 73 14.42 -6.37 0.89
N GLN A 74 15.53 -6.37 0.16
CA GLN A 74 16.69 -7.16 0.54
C GLN A 74 17.29 -6.64 1.85
N THR A 75 17.13 -5.36 2.12
CA THR A 75 17.66 -4.75 3.33
C THR A 75 16.88 -5.21 4.57
N GLY A 76 15.66 -5.69 4.35
CA GLY A 76 14.83 -6.16 5.45
C GLY A 76 14.17 -5.03 6.24
N GLY A 77 14.54 -3.80 5.92
CA GLY A 77 14.00 -2.65 6.61
C GLY A 77 14.96 -1.47 6.58
N ASP B 1 -11.75 -18.39 1.55
CA ASP B 1 -10.93 -17.33 0.97
C ASP B 1 -10.50 -16.36 2.04
N THR B 2 -9.57 -15.48 1.70
CA THR B 2 -9.12 -14.49 2.66
C THR B 2 -9.38 -13.08 2.14
N ALA B 3 -10.18 -12.32 2.88
CA ALA B 3 -10.49 -10.95 2.50
C ALA B 3 -10.19 -10.02 3.67
N GLY B 4 -9.38 -9.01 3.44
CA GLY B 4 -9.05 -8.07 4.49
C GLY B 4 -9.34 -6.65 4.09
N CYS B 5 -10.09 -5.90 4.90
CA CYS B 5 -10.35 -4.51 4.58
C CYS B 5 -9.83 -3.63 5.69
N ILE B 6 -8.97 -2.70 5.32
CA ILE B 6 -8.36 -1.79 6.27
C ILE B 6 -8.58 -0.32 5.88
N VAL B 7 -8.97 0.51 6.84
CA VAL B 7 -9.18 1.93 6.58
C VAL B 7 -8.20 2.76 7.41
N ILE B 8 -7.52 3.68 6.76
CA ILE B 8 -6.53 4.54 7.39
C ILE B 8 -6.87 6.02 7.21
N ASP B 10 -5.21 9.75 7.43
CA ASP B 10 -4.05 10.62 7.63
C ASP B 10 -4.24 11.94 6.93
N GLU B 12 -2.64 16.06 6.59
CA GLU B 12 -1.54 17.00 6.91
C GLU B 12 -1.84 17.81 8.18
N TYR A 1 -13.70 7.22 0.22
CA TYR A 1 -12.54 6.34 0.36
C TYR A 1 -12.24 5.65 -0.95
N ILE A 2 -10.97 5.65 -1.33
CA ILE A 2 -10.54 5.00 -2.56
C ILE A 2 -10.19 3.56 -2.27
N LYS A 3 -10.93 2.65 -2.87
CA LYS A 3 -10.71 1.22 -2.66
C LYS A 3 -9.65 0.72 -3.63
N LEU A 4 -8.61 0.10 -3.08
CA LEU A 4 -7.54 -0.46 -3.91
C LEU A 4 -7.39 -1.94 -3.61
N LYS A 5 -6.81 -2.67 -4.56
CA LYS A 5 -6.61 -4.10 -4.40
C LYS A 5 -5.13 -4.45 -4.32
N VAL A 6 -4.72 -4.89 -3.14
CA VAL A 6 -3.34 -5.29 -2.92
C VAL A 6 -3.24 -6.80 -3.02
N ILE A 7 -2.40 -7.28 -3.91
CA ILE A 7 -2.22 -8.71 -4.10
C ILE A 7 -0.95 -9.20 -3.42
N GLY A 8 -1.12 -10.01 -2.38
CA GLY A 8 0.02 -10.54 -1.66
C GLY A 8 0.66 -11.72 -2.37
N GLN A 9 1.95 -11.91 -2.15
CA GLN A 9 2.69 -13.01 -2.77
C GLN A 9 2.12 -14.37 -2.36
N ASP A 10 1.59 -14.44 -1.14
CA ASP A 10 1.03 -15.67 -0.60
C ASP A 10 -0.41 -15.88 -1.10
N SER A 11 -0.78 -15.16 -2.16
CA SER A 11 -2.11 -15.25 -2.74
C SER A 11 -3.16 -14.69 -1.79
N SER A 12 -2.92 -13.49 -1.30
CA SER A 12 -3.84 -12.83 -0.38
C SER A 12 -4.40 -11.56 -1.01
N GLU A 13 -5.70 -11.37 -0.90
CA GLU A 13 -6.34 -10.20 -1.46
C GLU A 13 -6.69 -9.22 -0.34
N ILE A 14 -5.83 -8.22 -0.18
CA ILE A 14 -6.03 -7.21 0.85
C ILE A 14 -6.76 -6.00 0.30
N HIS A 15 -7.80 -5.58 0.98
CA HIS A 15 -8.58 -4.43 0.57
C HIS A 15 -8.15 -3.19 1.35
N PHE A 16 -7.41 -2.33 0.69
CA PHE A 16 -6.92 -1.12 1.32
C PHE A 16 -7.74 0.08 0.84
N LYS A 17 -8.36 0.77 1.78
CA LYS A 17 -9.17 1.94 1.47
C LYS A 17 -8.52 3.19 2.06
N VAL A 18 -8.09 4.07 1.17
CA VAL A 18 -7.42 5.30 1.58
C VAL A 18 -8.27 6.52 1.20
N LYS A 19 -7.77 7.71 1.48
CA LYS A 19 -8.47 8.93 1.12
C LYS A 19 -7.52 9.84 0.38
N MET A 20 -8.08 10.82 -0.31
CA MET A 20 -7.28 11.76 -1.09
C MET A 20 -6.48 12.68 -0.17
N THR A 21 -6.90 12.79 1.08
CA THR A 21 -6.22 13.64 2.05
C THR A 21 -5.11 12.89 2.79
N THR A 22 -5.19 11.56 2.82
CA THR A 22 -4.22 10.78 3.55
C THR A 22 -2.88 10.76 2.80
N HIS A 23 -1.79 10.96 3.54
CA HIS A 23 -0.47 10.97 2.96
C HIS A 23 0.00 9.53 2.82
N LEU A 24 0.63 9.22 1.69
CA LEU A 24 1.12 7.86 1.45
C LEU A 24 2.18 7.45 2.49
N LYS A 25 2.70 8.44 3.19
CA LYS A 25 3.69 8.20 4.23
C LYS A 25 3.11 7.31 5.32
N LYS A 26 1.90 7.65 5.77
CA LYS A 26 1.23 6.89 6.81
C LYS A 26 0.68 5.58 6.25
N LEU A 27 0.40 5.58 4.95
CA LEU A 27 -0.12 4.38 4.29
C LEU A 27 0.92 3.27 4.31
N LYS A 28 2.15 3.64 4.00
CA LYS A 28 3.26 2.69 3.96
C LYS A 28 3.50 2.04 5.31
N GLU A 29 3.55 2.84 6.37
CA GLU A 29 3.78 2.32 7.71
C GLU A 29 2.59 1.48 8.20
N SER A 30 1.39 1.93 7.89
CA SER A 30 0.18 1.22 8.31
C SER A 30 0.13 -0.20 7.75
N TYR A 31 0.61 -0.37 6.52
CA TYR A 31 0.63 -1.68 5.89
C TYR A 31 1.58 -2.60 6.65
N CYS A 32 2.75 -2.06 6.99
CA CYS A 32 3.75 -2.81 7.72
C CYS A 32 3.22 -3.17 9.11
N GLN A 33 2.51 -2.23 9.72
CA GLN A 33 1.94 -2.42 11.04
C GLN A 33 0.90 -3.54 11.03
N ARG A 34 0.17 -3.66 9.93
CA ARG A 34 -0.85 -4.69 9.80
C ARG A 34 -0.22 -6.05 9.52
N GLN A 35 0.89 -6.06 8.81
CA GLN A 35 1.59 -7.30 8.48
C GLN A 35 2.41 -7.79 9.66
N GLY A 36 2.72 -6.88 10.57
CA GLY A 36 3.51 -7.23 11.74
C GLY A 36 5.00 -7.15 11.47
N VAL A 37 5.38 -6.25 10.59
CA VAL A 37 6.78 -6.06 10.24
C VAL A 37 7.18 -4.59 10.36
N PRO A 38 8.49 -4.32 10.46
CA PRO A 38 9.00 -2.94 10.57
C PRO A 38 8.87 -2.19 9.24
N MET A 39 9.17 -0.90 9.26
CA MET A 39 9.08 -0.10 8.04
C MET A 39 10.30 -0.33 7.16
N ASN A 40 10.14 -0.04 5.87
CA ASN A 40 11.21 -0.21 4.88
C ASN A 40 11.50 -1.70 4.65
N SER A 41 10.51 -2.53 4.93
CA SER A 41 10.64 -3.96 4.76
C SER A 41 9.86 -4.43 3.54
N LEU A 42 8.92 -3.60 3.10
CA LEU A 42 8.08 -3.91 1.95
C LEU A 42 8.05 -2.74 0.99
N ARG A 43 8.27 -3.00 -0.28
CA ARG A 43 8.26 -1.96 -1.28
C ARG A 43 6.99 -2.05 -2.12
N PHE A 44 6.32 -0.92 -2.24
CA PHE A 44 5.08 -0.84 -3.00
C PHE A 44 5.37 -0.40 -4.42
N LEU A 45 5.06 -1.26 -5.36
CA LEU A 45 5.30 -0.99 -6.75
C LEU A 45 4.00 -0.67 -7.48
N PHE A 46 3.95 0.49 -8.10
CA PHE A 46 2.80 0.92 -8.84
C PHE A 46 3.21 1.38 -10.23
N GLU A 47 2.82 0.62 -11.24
CA GLU A 47 3.12 0.91 -12.64
C GLU A 47 4.62 0.85 -12.89
N GLY A 48 5.31 -0.02 -12.15
CA GLY A 48 6.74 -0.19 -12.32
C GLY A 48 7.55 0.73 -11.43
N GLN A 49 6.90 1.71 -10.83
CA GLN A 49 7.57 2.67 -9.96
C GLN A 49 7.36 2.32 -8.50
N ARG A 50 8.30 2.69 -7.66
CA ARG A 50 8.19 2.42 -6.23
C ARG A 50 7.67 3.65 -5.50
N ILE A 51 6.62 3.45 -4.71
CA ILE A 51 5.99 4.53 -3.96
C ILE A 51 6.95 5.12 -2.92
N ALA A 52 7.19 6.42 -3.04
CA ALA A 52 8.06 7.12 -2.12
C ALA A 52 7.30 7.53 -0.87
N ASP A 53 8.03 7.93 0.16
CA ASP A 53 7.43 8.33 1.42
C ASP A 53 6.66 9.64 1.30
N ASN A 54 7.07 10.49 0.37
CA ASN A 54 6.41 11.79 0.18
C ASN A 54 5.50 11.79 -1.03
N HIS A 55 5.07 10.61 -1.47
CA HIS A 55 4.19 10.49 -2.62
C HIS A 55 2.74 10.78 -2.24
N THR A 56 1.97 11.26 -3.20
CA THR A 56 0.56 11.56 -2.98
C THR A 56 -0.30 10.70 -3.91
N PRO A 57 -1.53 10.32 -3.48
CA PRO A 57 -2.43 9.49 -4.29
C PRO A 57 -2.96 10.21 -5.54
N LYS A 58 -2.69 11.51 -5.64
CA LYS A 58 -3.15 12.28 -6.78
C LYS A 58 -2.16 12.17 -7.95
N GLU A 59 -0.87 12.07 -7.61
CA GLU A 59 0.16 11.97 -8.63
C GLU A 59 0.25 10.53 -9.13
N LEU A 60 1.04 10.32 -10.18
CA LEU A 60 1.24 8.99 -10.79
C LEU A 60 -0.03 8.52 -11.53
N GLY A 61 -1.15 8.50 -10.82
CA GLY A 61 -2.39 8.09 -11.42
C GLY A 61 -3.03 6.91 -10.72
N MET A 62 -3.55 7.16 -9.52
CA MET A 62 -4.19 6.10 -8.72
C MET A 62 -5.70 6.21 -8.86
N GLU A 63 -6.35 5.10 -9.17
CA GLU A 63 -7.80 5.09 -9.36
C GLU A 63 -8.48 4.02 -8.50
N GLU A 64 -9.79 3.88 -8.71
CA GLU A 64 -10.61 2.92 -7.98
C GLU A 64 -10.31 1.49 -8.42
N GLU A 65 -10.19 0.59 -7.44
CA GLU A 65 -9.91 -0.82 -7.69
C GLU A 65 -8.60 -0.98 -8.46
N ASP A 66 -7.63 -0.16 -8.10
CA ASP A 66 -6.32 -0.20 -8.75
C ASP A 66 -5.49 -1.37 -8.24
N VAL A 67 -4.64 -1.89 -9.11
CA VAL A 67 -3.79 -3.02 -8.75
C VAL A 67 -2.39 -2.56 -8.39
N ILE A 68 -1.99 -2.79 -7.15
CA ILE A 68 -0.67 -2.41 -6.67
C ILE A 68 0.09 -3.66 -6.20
N GLU A 69 1.40 -3.65 -6.41
CA GLU A 69 2.24 -4.78 -6.02
C GLU A 69 3.03 -4.45 -4.76
N VAL A 70 3.28 -5.45 -3.94
CA VAL A 70 4.03 -5.27 -2.71
C VAL A 70 5.00 -6.43 -2.51
N TYR A 71 6.29 -6.14 -2.61
CA TYR A 71 7.31 -7.15 -2.45
C TYR A 71 8.24 -6.83 -1.30
N GLN A 72 8.96 -7.83 -0.83
CA GLN A 72 9.89 -7.67 0.28
C GLN A 72 11.13 -6.90 -0.15
N GLU A 73 11.52 -5.93 0.65
CA GLU A 73 12.68 -5.11 0.36
C GLU A 73 13.97 -5.89 0.56
N GLN A 74 14.97 -5.58 -0.26
CA GLN A 74 16.26 -6.24 -0.18
C GLN A 74 16.93 -5.89 1.14
N THR A 75 16.67 -4.68 1.61
CA THR A 75 17.22 -4.19 2.86
C THR A 75 16.67 -4.98 4.05
N GLY A 76 15.51 -5.59 3.86
CA GLY A 76 14.89 -6.39 4.90
C GLY A 76 14.04 -5.55 5.84
N GLY A 77 14.56 -4.39 6.23
CA GLY A 77 13.84 -3.52 7.13
C GLY A 77 14.40 -2.10 7.11
N ASP B 1 -13.60 -17.56 1.24
CA ASP B 1 -12.20 -17.24 1.50
C ASP B 1 -12.09 -16.20 2.60
N THR B 2 -10.93 -15.56 2.70
CA THR B 2 -10.72 -14.54 3.71
C THR B 2 -10.41 -13.20 3.07
N ALA B 3 -11.16 -12.19 3.48
CA ALA B 3 -10.97 -10.85 2.97
C ALA B 3 -10.67 -9.90 4.11
N GLY B 4 -9.62 -9.11 3.94
CA GLY B 4 -9.25 -8.16 4.96
C GLY B 4 -9.30 -6.75 4.44
N CYS B 5 -9.97 -5.88 5.20
CA CYS B 5 -10.10 -4.48 4.82
C CYS B 5 -9.49 -3.61 5.90
N ILE B 6 -8.63 -2.68 5.49
CA ILE B 6 -7.98 -1.78 6.43
C ILE B 6 -8.34 -0.33 6.13
N VAL B 7 -8.75 0.41 7.15
CA VAL B 7 -9.12 1.80 6.96
C VAL B 7 -8.20 2.70 7.80
N ILE B 8 -7.62 3.66 7.13
CA ILE B 8 -6.69 4.59 7.74
C ILE B 8 -7.12 6.04 7.53
N ASP B 10 -5.76 9.80 7.59
CA ASP B 10 -4.60 10.68 7.64
C ASP B 10 -4.86 12.02 6.99
N GLU B 12 -3.17 16.12 6.37
CA GLU B 12 -2.09 17.09 6.54
C GLU B 12 -2.39 17.99 7.75
N TYR A 1 -13.25 7.65 -0.60
CA TYR A 1 -12.24 6.63 -0.32
C TYR A 1 -11.91 5.84 -1.58
N ILE A 2 -10.62 5.66 -1.82
CA ILE A 2 -10.14 4.91 -2.96
C ILE A 2 -9.71 3.53 -2.51
N LYS A 3 -10.36 2.50 -3.02
CA LYS A 3 -10.05 1.13 -2.65
C LYS A 3 -9.07 0.50 -3.62
N LEU A 4 -7.86 0.26 -3.15
CA LEU A 4 -6.81 -0.34 -3.97
C LEU A 4 -6.65 -1.81 -3.61
N LYS A 5 -6.37 -2.64 -4.61
CA LYS A 5 -6.19 -4.06 -4.38
C LYS A 5 -4.71 -4.40 -4.24
N VAL A 6 -4.32 -4.71 -3.02
CA VAL A 6 -2.93 -5.07 -2.73
C VAL A 6 -2.78 -6.58 -2.76
N ILE A 7 -2.04 -7.08 -3.73
CA ILE A 7 -1.82 -8.51 -3.87
C ILE A 7 -0.49 -8.93 -3.25
N GLY A 8 -0.54 -9.80 -2.27
CA GLY A 8 0.67 -10.27 -1.63
C GLY A 8 1.26 -11.46 -2.34
N GLN A 9 2.46 -11.88 -1.94
CA GLN A 9 3.13 -13.02 -2.56
C GLN A 9 2.36 -14.31 -2.28
N ASP A 10 1.59 -14.31 -1.20
CA ASP A 10 0.79 -15.47 -0.82
C ASP A 10 -0.55 -15.46 -1.56
N SER A 11 -0.67 -14.55 -2.52
CA SER A 11 -1.87 -14.41 -3.33
C SER A 11 -3.07 -13.98 -2.49
N SER A 12 -2.84 -12.99 -1.63
CA SER A 12 -3.88 -12.47 -0.76
C SER A 12 -4.50 -11.22 -1.37
N GLU A 13 -5.80 -11.07 -1.24
CA GLU A 13 -6.49 -9.90 -1.75
C GLU A 13 -6.77 -8.92 -0.62
N ILE A 14 -5.85 -8.00 -0.40
CA ILE A 14 -5.99 -7.02 0.66
C ILE A 14 -6.64 -5.74 0.10
N HIS A 15 -7.76 -5.37 0.69
CA HIS A 15 -8.47 -4.17 0.26
C HIS A 15 -8.01 -2.97 1.07
N PHE A 16 -7.20 -2.13 0.44
CA PHE A 16 -6.66 -0.95 1.10
C PHE A 16 -7.44 0.27 0.65
N LYS A 17 -8.13 0.92 1.59
CA LYS A 17 -8.91 2.09 1.25
C LYS A 17 -8.29 3.36 1.82
N VAL A 18 -7.84 4.22 0.92
CA VAL A 18 -7.22 5.48 1.29
C VAL A 18 -8.21 6.63 1.09
N LYS A 19 -7.86 7.82 1.55
CA LYS A 19 -8.75 8.96 1.40
C LYS A 19 -7.97 10.16 0.86
N MET A 20 -8.64 10.98 0.06
CA MET A 20 -8.02 12.16 -0.54
C MET A 20 -7.76 13.22 0.53
N THR A 21 -6.65 13.02 1.24
CA THR A 21 -6.23 13.91 2.31
C THR A 21 -5.10 13.24 3.09
N THR A 22 -5.13 11.91 3.10
CA THR A 22 -4.15 11.13 3.81
C THR A 22 -2.83 11.10 3.05
N HIS A 23 -1.72 11.42 3.71
CA HIS A 23 -0.43 11.39 3.05
C HIS A 23 -0.02 9.94 2.90
N LEU A 24 0.54 9.56 1.76
CA LEU A 24 0.94 8.17 1.54
C LEU A 24 2.03 7.73 2.53
N LYS A 25 2.59 8.71 3.24
CA LYS A 25 3.62 8.45 4.24
C LYS A 25 3.08 7.53 5.33
N LYS A 26 1.93 7.89 5.89
CA LYS A 26 1.31 7.09 6.94
C LYS A 26 0.67 5.84 6.36
N LEU A 27 0.42 5.85 5.06
CA LEU A 27 -0.20 4.69 4.40
C LEU A 27 0.76 3.51 4.39
N LYS A 28 2.03 3.80 4.18
CA LYS A 28 3.06 2.77 4.13
C LYS A 28 3.27 2.12 5.49
N GLU A 29 3.43 2.93 6.53
CA GLU A 29 3.65 2.41 7.88
C GLU A 29 2.43 1.66 8.39
N SER A 30 1.23 2.13 8.05
CA SER A 30 0.00 1.48 8.48
C SER A 30 -0.03 0.02 8.01
N TYR A 31 0.41 -0.21 6.78
CA TYR A 31 0.44 -1.56 6.23
C TYR A 31 1.43 -2.43 6.99
N CYS A 32 2.56 -1.84 7.36
CA CYS A 32 3.59 -2.55 8.10
C CYS A 32 3.07 -3.03 9.44
N GLN A 33 2.29 -2.17 10.10
CA GLN A 33 1.72 -2.51 11.40
C GLN A 33 0.74 -3.67 11.28
N ARG A 34 -0.04 -3.66 10.20
CA ARG A 34 -1.03 -4.71 9.97
C ARG A 34 -0.35 -6.03 9.63
N GLN A 35 0.71 -5.98 8.84
CA GLN A 35 1.45 -7.18 8.45
C GLN A 35 2.31 -7.70 9.59
N GLY A 36 2.61 -6.82 10.55
CA GLY A 36 3.43 -7.21 11.67
C GLY A 36 4.90 -7.16 11.34
N VAL A 37 5.27 -6.23 10.48
CA VAL A 37 6.65 -6.08 10.05
C VAL A 37 7.09 -4.63 10.23
N PRO A 38 8.41 -4.37 10.26
CA PRO A 38 8.94 -3.01 10.40
C PRO A 38 8.71 -2.19 9.12
N MET A 39 9.09 -0.92 9.14
CA MET A 39 8.91 -0.08 7.97
C MET A 39 10.13 -0.15 7.06
N ASN A 40 9.95 0.22 5.79
CA ASN A 40 11.03 0.21 4.80
C ASN A 40 11.41 -1.22 4.44
N SER A 41 10.55 -2.17 4.82
CA SER A 41 10.80 -3.57 4.57
C SER A 41 10.11 -4.03 3.27
N LEU A 42 8.93 -3.50 3.02
CA LEU A 42 8.16 -3.88 1.84
C LEU A 42 8.14 -2.74 0.83
N ARG A 43 8.46 -3.05 -0.42
CA ARG A 43 8.45 -2.06 -1.47
C ARG A 43 7.16 -2.19 -2.27
N PHE A 44 6.41 -1.10 -2.34
CA PHE A 44 5.15 -1.07 -3.07
C PHE A 44 5.41 -0.64 -4.50
N LEU A 45 5.13 -1.53 -5.44
CA LEU A 45 5.34 -1.26 -6.85
C LEU A 45 4.04 -0.90 -7.54
N PHE A 46 4.03 0.25 -8.17
CA PHE A 46 2.87 0.75 -8.91
C PHE A 46 3.29 1.11 -10.32
N GLU A 47 2.84 0.33 -11.29
CA GLU A 47 3.17 0.56 -12.70
C GLU A 47 4.66 0.43 -12.96
N GLY A 48 5.35 -0.34 -12.13
CA GLY A 48 6.77 -0.55 -12.31
C GLY A 48 7.61 0.35 -11.40
N GLN A 49 7.03 1.43 -10.92
CA GLN A 49 7.74 2.36 -10.06
C GLN A 49 7.38 2.10 -8.60
N ARG A 50 8.27 2.46 -7.70
CA ARG A 50 8.03 2.24 -6.28
C ARG A 50 7.44 3.48 -5.62
N ILE A 51 6.50 3.26 -4.72
CA ILE A 51 5.84 4.35 -4.01
C ILE A 51 6.78 4.97 -2.98
N ALA A 52 6.99 6.27 -3.10
CA ALA A 52 7.87 7.00 -2.20
C ALA A 52 7.16 7.31 -0.89
N ASP A 53 7.94 7.75 0.10
CA ASP A 53 7.38 8.08 1.42
C ASP A 53 6.74 9.47 1.42
N ASN A 54 6.75 10.13 0.27
CA ASN A 54 6.17 11.47 0.16
C ASN A 54 5.23 11.57 -1.03
N HIS A 55 4.84 10.42 -1.58
CA HIS A 55 3.95 10.39 -2.73
C HIS A 55 2.52 10.72 -2.32
N THR A 56 1.73 11.19 -3.27
CA THR A 56 0.33 11.53 -3.01
C THR A 56 -0.58 10.63 -3.83
N PRO A 57 -1.67 10.11 -3.24
CA PRO A 57 -2.62 9.23 -3.94
C PRO A 57 -3.19 9.85 -5.22
N LYS A 58 -3.25 11.18 -5.26
CA LYS A 58 -3.78 11.88 -6.43
C LYS A 58 -2.78 11.87 -7.60
N GLU A 59 -1.50 11.96 -7.31
CA GLU A 59 -0.49 11.97 -8.36
C GLU A 59 -0.26 10.54 -8.89
N LEU A 60 0.56 10.43 -9.93
CA LEU A 60 0.87 9.16 -10.58
C LEU A 60 -0.32 8.66 -11.41
N GLY A 61 -1.47 8.52 -10.76
CA GLY A 61 -2.66 8.07 -11.46
C GLY A 61 -3.32 6.90 -10.80
N MET A 62 -3.82 7.10 -9.58
CA MET A 62 -4.49 6.03 -8.84
C MET A 62 -6.00 6.09 -9.08
N GLU A 63 -6.63 4.94 -9.18
CA GLU A 63 -8.07 4.87 -9.40
C GLU A 63 -8.71 3.81 -8.51
N GLU A 64 -10.03 3.74 -8.53
CA GLU A 64 -10.76 2.76 -7.74
C GLU A 64 -10.55 1.37 -8.34
N GLU A 65 -10.40 0.37 -7.47
CA GLU A 65 -10.17 -1.01 -7.89
C GLU A 65 -8.82 -1.12 -8.61
N ASP A 66 -7.87 -0.32 -8.14
CA ASP A 66 -6.54 -0.29 -8.72
C ASP A 66 -5.75 -1.52 -8.27
N VAL A 67 -4.61 -1.76 -8.90
CA VAL A 67 -3.80 -2.92 -8.57
C VAL A 67 -2.37 -2.50 -8.23
N ILE A 68 -1.89 -2.93 -7.06
CA ILE A 68 -0.54 -2.60 -6.62
C ILE A 68 0.16 -3.88 -6.13
N GLU A 69 1.47 -3.94 -6.35
CA GLU A 69 2.25 -5.10 -5.95
C GLU A 69 3.11 -4.79 -4.74
N VAL A 70 3.19 -5.72 -3.80
CA VAL A 70 3.99 -5.54 -2.61
C VAL A 70 5.03 -6.66 -2.49
N TYR A 71 6.30 -6.29 -2.42
CA TYR A 71 7.37 -7.27 -2.31
C TYR A 71 8.36 -6.85 -1.24
N GLN A 72 8.94 -7.81 -0.56
CA GLN A 72 9.92 -7.54 0.47
C GLN A 72 11.23 -7.07 -0.14
N GLU A 73 11.86 -6.10 0.48
CA GLU A 73 13.12 -5.56 0.00
C GLU A 73 14.28 -6.48 0.38
N GLN A 74 15.35 -6.40 -0.39
CA GLN A 74 16.54 -7.22 -0.15
C GLN A 74 17.28 -6.72 1.08
N THR A 75 16.97 -5.50 1.49
CA THR A 75 17.60 -4.88 2.65
C THR A 75 16.96 -5.38 3.95
N GLY A 76 15.91 -6.18 3.81
CA GLY A 76 15.23 -6.71 4.98
C GLY A 76 14.33 -5.68 5.63
N GLY A 77 14.86 -4.96 6.61
CA GLY A 77 14.09 -3.95 7.30
C GLY A 77 13.92 -2.69 6.48
N ASP B 1 -12.40 -18.08 1.11
CA ASP B 1 -11.19 -17.31 1.32
C ASP B 1 -11.46 -16.16 2.29
N THR B 2 -10.41 -15.49 2.72
CA THR B 2 -10.53 -14.38 3.65
C THR B 2 -9.98 -13.08 3.08
N ALA B 3 -10.76 -12.03 3.20
CA ALA B 3 -10.40 -10.73 2.70
C ALA B 3 -10.26 -9.75 3.85
N GLY B 4 -9.18 -8.99 3.85
CA GLY B 4 -8.92 -8.05 4.92
C GLY B 4 -8.91 -6.61 4.44
N CYS B 5 -9.59 -5.75 5.18
CA CYS B 5 -9.68 -4.35 4.81
C CYS B 5 -8.98 -3.47 5.85
N ILE B 6 -8.12 -2.59 5.37
CA ILE B 6 -7.39 -1.70 6.24
C ILE B 6 -7.69 -0.25 5.92
N VAL B 7 -8.04 0.51 6.95
CA VAL B 7 -8.37 1.92 6.78
C VAL B 7 -7.44 2.78 7.63
N ILE B 8 -6.87 3.80 7.01
CA ILE B 8 -5.95 4.70 7.67
C ILE B 8 -6.48 6.13 7.62
N ASP B 10 -5.49 9.94 7.86
CA ASP B 10 -4.44 10.91 7.82
C ASP B 10 -4.92 12.24 7.24
N GLU B 12 -3.94 16.33 5.98
CA GLU B 12 -2.96 17.36 5.68
C GLU B 12 -3.50 18.73 6.12
N TYR A 1 -13.90 7.06 -0.77
CA TYR A 1 -12.94 6.03 -0.38
C TYR A 1 -12.42 5.29 -1.60
N ILE A 2 -11.11 5.17 -1.69
CA ILE A 2 -10.47 4.49 -2.80
C ILE A 2 -9.85 3.18 -2.32
N LYS A 3 -10.40 2.06 -2.75
CA LYS A 3 -9.91 0.77 -2.31
C LYS A 3 -8.90 0.20 -3.29
N LEU A 4 -7.66 0.08 -2.83
CA LEU A 4 -6.58 -0.46 -3.64
C LEU A 4 -6.43 -1.96 -3.35
N LYS A 5 -6.37 -2.76 -4.41
CA LYS A 5 -6.23 -4.20 -4.26
C LYS A 5 -4.76 -4.60 -4.19
N VAL A 6 -4.32 -4.96 -3.01
CA VAL A 6 -2.94 -5.38 -2.82
C VAL A 6 -2.85 -6.89 -2.88
N ILE A 7 -2.67 -7.42 -4.08
CA ILE A 7 -2.59 -8.86 -4.28
C ILE A 7 -1.20 -9.38 -3.91
N GLY A 8 -1.15 -10.18 -2.86
CA GLY A 8 0.10 -10.75 -2.42
C GLY A 8 0.53 -11.93 -3.27
N GLN A 9 1.81 -12.30 -3.19
CA GLN A 9 2.34 -13.42 -3.97
C GLN A 9 1.71 -14.74 -3.53
N ASP A 10 1.15 -14.77 -2.33
CA ASP A 10 0.52 -15.99 -1.81
C ASP A 10 -0.97 -16.01 -2.14
N SER A 11 -1.35 -15.25 -3.16
CA SER A 11 -2.75 -15.17 -3.60
C SER A 11 -3.66 -14.67 -2.48
N SER A 12 -3.39 -13.47 -2.00
CA SER A 12 -4.17 -12.86 -0.95
C SER A 12 -4.75 -11.53 -1.44
N GLU A 13 -6.07 -11.43 -1.42
CA GLU A 13 -6.73 -10.21 -1.86
C GLU A 13 -6.91 -9.24 -0.68
N ILE A 14 -5.92 -8.38 -0.50
CA ILE A 14 -5.96 -7.41 0.57
C ILE A 14 -6.58 -6.11 0.08
N HIS A 15 -7.59 -5.63 0.79
CA HIS A 15 -8.28 -4.40 0.41
C HIS A 15 -7.84 -3.25 1.30
N PHE A 16 -7.17 -2.27 0.72
CA PHE A 16 -6.72 -1.10 1.46
C PHE A 16 -7.46 0.13 0.95
N LYS A 17 -8.34 0.66 1.77
CA LYS A 17 -9.11 1.83 1.38
C LYS A 17 -8.42 3.11 1.86
N VAL A 18 -8.12 3.97 0.90
CA VAL A 18 -7.48 5.24 1.19
C VAL A 18 -8.43 6.39 0.92
N LYS A 19 -7.99 7.61 1.18
CA LYS A 19 -8.81 8.78 0.96
C LYS A 19 -8.00 9.85 0.27
N MET A 20 -8.68 10.73 -0.48
CA MET A 20 -8.02 11.81 -1.19
C MET A 20 -7.60 12.92 -0.22
N THR A 21 -6.66 12.59 0.65
CA THR A 21 -6.16 13.52 1.66
C THR A 21 -5.08 12.84 2.50
N THR A 22 -5.13 11.52 2.55
CA THR A 22 -4.19 10.76 3.33
C THR A 22 -2.82 10.75 2.65
N HIS A 23 -1.77 11.05 3.40
CA HIS A 23 -0.44 11.07 2.85
C HIS A 23 0.04 9.63 2.72
N LEU A 24 0.68 9.30 1.60
CA LEU A 24 1.16 7.95 1.36
C LEU A 24 2.23 7.54 2.39
N LYS A 25 2.81 8.52 3.05
CA LYS A 25 3.82 8.27 4.08
C LYS A 25 3.21 7.43 5.20
N LYS A 26 2.07 7.87 5.69
CA LYS A 26 1.37 7.19 6.76
C LYS A 26 0.83 5.85 6.28
N LEU A 27 0.51 5.78 5.00
CA LEU A 27 -0.02 4.55 4.40
C LEU A 27 1.02 3.43 4.46
N LYS A 28 2.22 3.75 4.01
CA LYS A 28 3.30 2.78 3.97
C LYS A 28 3.65 2.24 5.36
N GLU A 29 3.72 3.13 6.34
CA GLU A 29 4.06 2.71 7.69
C GLU A 29 2.93 1.93 8.37
N SER A 30 1.69 2.32 8.10
CA SER A 30 0.54 1.65 8.69
C SER A 30 0.40 0.23 8.17
N TYR A 31 0.73 0.02 6.89
CA TYR A 31 0.65 -1.32 6.31
C TYR A 31 1.62 -2.25 7.02
N CYS A 32 2.81 -1.74 7.30
CA CYS A 32 3.83 -2.50 8.00
C CYS A 32 3.36 -2.87 9.40
N GLN A 33 2.64 -1.95 10.05
CA GLN A 33 2.12 -2.17 11.38
C GLN A 33 1.04 -3.25 11.38
N ARG A 34 0.24 -3.27 10.33
CA ARG A 34 -0.82 -4.27 10.19
C ARG A 34 -0.23 -5.66 9.98
N GLN A 35 0.82 -5.74 9.19
CA GLN A 35 1.48 -7.01 8.90
C GLN A 35 2.32 -7.47 10.10
N GLY A 36 2.89 -6.52 10.82
CA GLY A 36 3.71 -6.87 11.96
C GLY A 36 5.18 -6.86 11.62
N VAL A 37 5.56 -5.94 10.74
CA VAL A 37 6.94 -5.81 10.31
C VAL A 37 7.36 -4.34 10.37
N PRO A 38 8.67 -4.07 10.48
CA PRO A 38 9.17 -2.69 10.52
C PRO A 38 9.02 -2.00 9.17
N MET A 39 9.07 -0.69 9.15
CA MET A 39 8.95 0.05 7.90
C MET A 39 10.19 -0.16 7.04
N ASN A 40 10.02 0.01 5.73
CA ASN A 40 11.12 -0.17 4.75
C ASN A 40 11.46 -1.66 4.59
N SER A 41 10.50 -2.51 4.92
CA SER A 41 10.68 -3.95 4.78
C SER A 41 9.99 -4.44 3.52
N LEU A 42 8.97 -3.70 3.11
CA LEU A 42 8.20 -4.03 1.93
C LEU A 42 8.21 -2.86 0.97
N ARG A 43 8.31 -3.14 -0.32
CA ARG A 43 8.33 -2.10 -1.33
C ARG A 43 7.05 -2.09 -2.14
N PHE A 44 6.35 -0.96 -2.10
CA PHE A 44 5.11 -0.81 -2.85
C PHE A 44 5.42 -0.41 -4.28
N LEU A 45 4.98 -1.21 -5.22
CA LEU A 45 5.24 -0.96 -6.63
C LEU A 45 3.96 -0.62 -7.39
N PHE A 46 3.98 0.52 -8.06
CA PHE A 46 2.87 0.98 -8.86
C PHE A 46 3.38 1.33 -10.25
N GLU A 47 2.91 0.59 -11.25
CA GLU A 47 3.33 0.78 -12.64
C GLU A 47 4.83 0.46 -12.79
N GLY A 48 5.35 -0.30 -11.83
CA GLY A 48 6.75 -0.67 -11.83
C GLY A 48 7.59 0.27 -10.99
N GLN A 49 7.04 1.43 -10.67
CA GLN A 49 7.73 2.44 -9.87
C GLN A 49 7.42 2.25 -8.39
N ARG A 50 8.43 2.38 -7.54
CA ARG A 50 8.23 2.23 -6.11
C ARG A 50 7.69 3.53 -5.52
N ILE A 51 6.66 3.39 -4.68
CA ILE A 51 6.02 4.54 -4.06
C ILE A 51 6.93 5.20 -3.03
N ALA A 52 7.11 6.51 -3.15
CA ALA A 52 7.95 7.26 -2.24
C ALA A 52 7.18 7.63 -0.99
N ASP A 53 7.89 8.03 0.05
CA ASP A 53 7.26 8.40 1.31
C ASP A 53 6.54 9.74 1.17
N ASN A 54 7.07 10.61 0.32
CA ASN A 54 6.48 11.93 0.11
C ASN A 54 5.50 11.92 -1.06
N HIS A 55 5.19 10.73 -1.56
CA HIS A 55 4.28 10.60 -2.68
C HIS A 55 2.84 10.86 -2.24
N THR A 56 2.03 11.38 -3.14
CA THR A 56 0.63 11.65 -2.84
C THR A 56 -0.28 10.85 -3.76
N PRO A 57 -1.54 10.60 -3.35
CA PRO A 57 -2.51 9.84 -4.17
C PRO A 57 -3.02 10.66 -5.35
N LYS A 58 -2.69 11.95 -5.36
CA LYS A 58 -3.11 12.85 -6.43
C LYS A 58 -2.28 12.63 -7.68
N GLU A 59 -0.96 12.49 -7.50
CA GLU A 59 -0.05 12.30 -8.62
C GLU A 59 -0.06 10.84 -9.05
N LEU A 60 0.74 10.53 -10.08
CA LEU A 60 0.86 9.17 -10.64
C LEU A 60 -0.41 8.76 -11.37
N GLY A 61 -1.49 8.56 -10.63
CA GLY A 61 -2.75 8.17 -11.24
C GLY A 61 -3.42 7.03 -10.50
N MET A 62 -3.89 7.30 -9.30
CA MET A 62 -4.55 6.28 -8.48
C MET A 62 -6.06 6.36 -8.67
N GLU A 63 -6.72 5.21 -8.58
CA GLU A 63 -8.16 5.15 -8.75
C GLU A 63 -8.74 3.93 -8.03
N GLU A 64 -10.07 3.83 -8.03
CA GLU A 64 -10.77 2.72 -7.38
C GLU A 64 -10.51 1.43 -8.16
N GLU A 65 -10.43 0.31 -7.42
CA GLU A 65 -10.19 -1.01 -8.01
C GLU A 65 -8.81 -1.09 -8.63
N ASP A 66 -7.88 -0.27 -8.15
CA ASP A 66 -6.53 -0.28 -8.67
C ASP A 66 -5.74 -1.44 -8.07
N VAL A 67 -4.70 -1.88 -8.77
CA VAL A 67 -3.89 -2.99 -8.31
C VAL A 67 -2.46 -2.53 -8.02
N ILE A 68 -2.02 -2.74 -6.79
CA ILE A 68 -0.67 -2.37 -6.39
C ILE A 68 0.07 -3.61 -5.90
N GLU A 69 1.34 -3.70 -6.25
CA GLU A 69 2.16 -4.84 -5.87
C GLU A 69 3.05 -4.50 -4.68
N VAL A 70 3.32 -5.51 -3.85
CA VAL A 70 4.17 -5.32 -2.69
C VAL A 70 5.08 -6.53 -2.51
N TYR A 71 6.38 -6.28 -2.36
CA TYR A 71 7.35 -7.34 -2.19
C TYR A 71 8.33 -7.00 -1.08
N GLN A 72 9.01 -8.02 -0.56
CA GLN A 72 9.96 -7.82 0.52
C GLN A 72 11.24 -7.15 0.00
N GLU A 73 11.73 -6.18 0.76
CA GLU A 73 12.94 -5.46 0.40
C GLU A 73 14.18 -6.28 0.75
N GLN A 74 15.22 -6.09 -0.03
CA GLN A 74 16.48 -6.80 0.15
C GLN A 74 17.14 -6.34 1.46
N THR A 75 16.82 -5.13 1.87
CA THR A 75 17.36 -4.55 3.10
C THR A 75 16.74 -5.18 4.34
N GLY A 76 15.68 -5.95 4.14
CA GLY A 76 15.01 -6.60 5.25
C GLY A 76 14.06 -5.68 5.98
N GLY A 77 14.60 -4.55 6.46
CA GLY A 77 13.78 -3.58 7.17
C GLY A 77 14.30 -2.17 6.99
N ASP B 1 -11.64 -18.53 1.44
CA ASP B 1 -10.43 -17.72 1.36
C ASP B 1 -10.41 -16.70 2.49
N THR B 2 -9.38 -15.87 2.53
CA THR B 2 -9.27 -14.83 3.53
C THR B 2 -9.16 -13.46 2.87
N ALA B 3 -10.02 -12.55 3.29
CA ALA B 3 -10.00 -11.20 2.76
C ALA B 3 -9.78 -10.23 3.90
N GLY B 4 -8.83 -9.34 3.75
CA GLY B 4 -8.54 -8.39 4.79
C GLY B 4 -8.74 -6.96 4.34
N CYS B 5 -9.48 -6.19 5.11
CA CYS B 5 -9.73 -4.80 4.78
C CYS B 5 -9.20 -3.89 5.87
N ILE B 6 -8.40 -2.92 5.48
CA ILE B 6 -7.81 -1.98 6.41
C ILE B 6 -8.20 -0.55 6.06
N VAL B 7 -8.61 0.22 7.07
CA VAL B 7 -9.02 1.59 6.86
C VAL B 7 -8.05 2.52 7.57
N ILE B 8 -7.58 3.51 6.83
CA ILE B 8 -6.62 4.47 7.32
C ILE B 8 -7.16 5.90 7.22
N ASP B 10 -6.00 9.72 7.30
CA ASP B 10 -4.91 10.68 7.33
C ASP B 10 -5.26 11.99 6.64
N GLU B 12 -3.85 16.14 5.89
CA GLU B 12 -2.85 17.19 6.06
C GLU B 12 -3.36 18.26 7.02
#